data_5WFG
#
_entry.id   5WFG
#
_cell.length_a   64.930
_cell.length_b   104.210
_cell.length_c   90.130
_cell.angle_alpha   90.000
_cell.angle_beta   108.270
_cell.angle_gamma   90.000
#
_symmetry.space_group_name_H-M   'P 1 21 1'
#
loop_
_entity.id
_entity.type
_entity.pdbx_description
1 polymer 'N-acetylglucosaminyldiphosphoundecaprenol N-acetyl-beta-D-mannosaminyltransferase'
2 non-polymer "URIDINE-5'-DIPHOSPHATE"
3 water water
#
_entity_poly.entity_id   1
_entity_poly.type   'polypeptide(L)'
_entity_poly.pdbx_seq_one_letter_code
;(MSE)ERLDIFGVPIDRVT(MSE)IQAVDILNNFLQENRLHIVATPNAEIV(MSE)(MSE)AQKDKEY(MSE)EILNNTD
LNVPDGSGIVFASKVFKKPLPERVAGFDL(MSE)LEFIKGISSKGVKIYLLGAACQVAEQARANLEKLYPGVKIVGTHHG
YFTEEEENKIIEEINNKGAEVLFVALGAPKQEKWIYKNKDKLKVKIA(MSE)GVGGSFDVIAG
;
_entity_poly.pdbx_strand_id   A,B,C,D,E,F
#
loop_
_chem_comp.id
_chem_comp.type
_chem_comp.name
_chem_comp.formula
UDP RNA linking URIDINE-5'-DIPHOSPHATE 'C9 H14 N2 O12 P2'
#
# COMPACT_ATOMS: atom_id res chain seq x y z
N ARG A 3 -30.58 -3.75 -31.98
CA ARG A 3 -30.61 -2.51 -31.21
C ARG A 3 -31.99 -2.14 -30.70
N LEU A 4 -32.12 -1.94 -29.38
CA LEU A 4 -33.35 -1.45 -28.75
C LEU A 4 -33.14 -0.14 -28.04
N ASP A 5 -33.86 0.87 -28.47
CA ASP A 5 -33.72 2.16 -27.84
C ASP A 5 -34.56 2.23 -26.55
N ILE A 6 -33.85 2.15 -25.42
CA ILE A 6 -34.33 2.24 -24.04
C ILE A 6 -34.16 3.73 -23.69
N PHE A 7 -35.28 4.47 -23.60
CA PHE A 7 -35.36 5.90 -23.24
C PHE A 7 -34.36 6.81 -24.02
N GLY A 8 -34.30 6.65 -25.33
CA GLY A 8 -33.41 7.44 -26.18
C GLY A 8 -32.03 6.86 -26.39
N VAL A 9 -31.55 6.02 -25.45
CA VAL A 9 -30.24 5.39 -25.51
C VAL A 9 -30.34 4.07 -26.29
N PRO A 10 -29.57 3.87 -27.39
CA PRO A 10 -29.66 2.59 -28.10
C PRO A 10 -28.83 1.50 -27.42
N ILE A 11 -29.46 0.36 -27.12
CA ILE A 11 -28.78 -0.76 -26.47
C ILE A 11 -28.72 -1.88 -27.47
N ASP A 12 -27.52 -2.44 -27.67
CA ASP A 12 -27.29 -3.53 -28.58
C ASP A 12 -27.75 -4.86 -27.96
N ARG A 13 -28.62 -5.60 -28.67
CA ARG A 13 -29.17 -6.87 -28.22
C ARG A 13 -28.16 -8.01 -28.45
N VAL A 14 -27.08 -8.02 -27.63
CA VAL A 14 -25.95 -8.96 -27.67
C VAL A 14 -25.80 -9.74 -26.35
N THR A 15 -25.17 -10.93 -26.41
CA THR A 15 -24.84 -11.76 -25.25
C THR A 15 -23.40 -11.40 -24.85
N MSE A 16 -22.87 -11.97 -23.75
CA MSE A 16 -21.47 -11.75 -23.31
C MSE A 16 -20.50 -12.17 -24.42
O MSE A 16 -19.68 -11.37 -24.85
CB MSE A 16 -21.22 -12.53 -22.00
CG MSE A 16 -19.77 -12.53 -21.50
SE MSE A 16 -19.06 -10.79 -21.02
CE MSE A 16 -20.27 -10.35 -19.46
N ILE A 17 -20.68 -13.41 -24.94
CA ILE A 17 -19.91 -14.01 -26.04
C ILE A 17 -19.94 -13.09 -27.26
N GLN A 18 -21.15 -12.66 -27.69
CA GLN A 18 -21.35 -11.79 -28.85
C GLN A 18 -20.61 -10.47 -28.73
N ALA A 19 -20.64 -9.84 -27.54
CA ALA A 19 -19.93 -8.58 -27.29
C ALA A 19 -18.43 -8.74 -27.45
N VAL A 20 -17.90 -9.85 -26.88
CA VAL A 20 -16.48 -10.20 -26.93
C VAL A 20 -16.05 -10.38 -28.39
N ASP A 21 -16.85 -11.13 -29.18
CA ASP A 21 -16.57 -11.38 -30.58
C ASP A 21 -16.60 -10.07 -31.38
N ILE A 22 -17.57 -9.16 -31.10
CA ILE A 22 -17.71 -7.84 -31.73
C ILE A 22 -16.40 -7.04 -31.50
N LEU A 23 -15.91 -7.03 -30.23
CA LEU A 23 -14.69 -6.33 -29.84
C LEU A 23 -13.44 -6.86 -30.60
N ASN A 24 -13.31 -8.21 -30.74
CA ASN A 24 -12.20 -8.83 -31.47
C ASN A 24 -12.27 -8.43 -32.96
N ASN A 25 -13.49 -8.43 -33.55
CA ASN A 25 -13.74 -8.03 -34.94
C ASN A 25 -13.35 -6.55 -35.10
N PHE A 26 -13.63 -5.69 -34.08
CA PHE A 26 -13.25 -4.26 -34.10
C PHE A 26 -11.73 -4.09 -34.23
N LEU A 27 -10.96 -5.01 -33.60
CA LEU A 27 -9.49 -5.01 -33.65
C LEU A 27 -8.95 -5.22 -35.09
N GLN A 28 -9.78 -5.76 -36.00
CA GLN A 28 -9.39 -5.98 -37.40
C GLN A 28 -9.59 -4.73 -38.28
N GLU A 29 -10.33 -3.71 -37.78
CA GLU A 29 -10.60 -2.46 -38.50
C GLU A 29 -9.66 -1.37 -38.04
N ASN A 30 -8.97 -0.69 -38.96
CA ASN A 30 -8.06 0.40 -38.58
C ASN A 30 -8.78 1.76 -38.49
N ARG A 31 -9.59 1.91 -37.41
CA ARG A 31 -10.32 3.12 -37.01
C ARG A 31 -10.76 2.98 -35.55
N LEU A 32 -11.03 4.12 -34.87
CA LEU A 32 -11.44 4.07 -33.48
C LEU A 32 -12.90 3.64 -33.36
N HIS A 33 -13.15 2.71 -32.44
CA HIS A 33 -14.47 2.19 -32.12
C HIS A 33 -14.74 2.60 -30.70
N ILE A 34 -15.89 3.22 -30.44
CA ILE A 34 -16.24 3.64 -29.07
C ILE A 34 -17.21 2.62 -28.48
N VAL A 35 -16.80 2.02 -27.35
CA VAL A 35 -17.61 1.05 -26.63
C VAL A 35 -18.08 1.72 -25.33
N ALA A 36 -19.36 1.58 -25.02
CA ALA A 36 -19.96 2.09 -23.80
C ALA A 36 -20.81 1.00 -23.18
N THR A 37 -20.90 0.97 -21.83
CA THR A 37 -21.69 -0.04 -21.11
C THR A 37 -22.87 0.63 -20.37
N PRO A 38 -23.94 1.09 -21.08
CA PRO A 38 -25.02 1.77 -20.37
C PRO A 38 -25.76 0.92 -19.34
N ASN A 39 -26.20 1.58 -18.26
CA ASN A 39 -27.00 1.02 -17.16
C ASN A 39 -28.13 2.03 -16.87
N ALA A 40 -28.98 1.74 -15.87
CA ALA A 40 -30.07 2.64 -15.46
C ALA A 40 -29.53 4.05 -15.22
N GLU A 41 -28.48 4.23 -14.37
CA GLU A 41 -27.86 5.52 -14.07
C GLU A 41 -27.43 6.28 -15.32
N ILE A 42 -26.75 5.58 -16.27
CA ILE A 42 -26.29 6.15 -17.55
C ILE A 42 -27.45 6.63 -18.41
N VAL A 43 -28.50 5.82 -18.56
CA VAL A 43 -29.69 6.18 -19.35
C VAL A 43 -30.40 7.41 -18.73
N MSE A 44 -30.50 7.45 -17.39
CA MSE A 44 -31.11 8.58 -16.69
C MSE A 44 -30.28 9.84 -16.92
O MSE A 44 -30.86 10.88 -17.16
CB MSE A 44 -31.26 8.32 -15.17
CG MSE A 44 -31.73 6.92 -14.82
SE MSE A 44 -33.53 6.72 -14.12
CE MSE A 44 -34.25 5.50 -15.58
N MSE A 45 -28.93 9.73 -16.90
CA MSE A 45 -27.99 10.84 -17.17
C MSE A 45 -28.21 11.39 -18.56
O MSE A 45 -28.11 12.60 -18.75
CB MSE A 45 -26.55 10.36 -17.06
CG MSE A 45 -25.80 10.84 -15.85
SE MSE A 45 -24.28 9.70 -15.61
CE MSE A 45 -24.54 9.18 -13.75
N ALA A 46 -28.49 10.53 -19.56
CA ALA A 46 -28.73 10.89 -20.95
C ALA A 46 -29.99 11.74 -21.11
N GLN A 47 -31.04 11.52 -20.27
CA GLN A 47 -32.29 12.30 -20.31
C GLN A 47 -32.05 13.80 -20.14
N LYS A 48 -31.25 14.18 -19.11
CA LYS A 48 -30.98 15.60 -18.85
C LYS A 48 -29.83 16.14 -19.69
N ASP A 49 -28.85 15.26 -20.00
CA ASP A 49 -27.68 15.65 -20.77
C ASP A 49 -27.78 15.28 -22.25
N LYS A 50 -28.15 16.28 -23.08
CA LYS A 50 -28.30 16.15 -24.52
C LYS A 50 -26.98 15.74 -25.20
N GLU A 51 -25.85 16.33 -24.75
CA GLU A 51 -24.51 16.03 -25.27
C GLU A 51 -24.20 14.53 -25.05
N TYR A 52 -24.45 14.04 -23.82
CA TYR A 52 -24.22 12.65 -23.43
C TYR A 52 -25.08 11.67 -24.24
N MSE A 53 -26.36 12.02 -24.47
CA MSE A 53 -27.26 11.22 -25.30
C MSE A 53 -26.77 11.18 -26.74
O MSE A 53 -26.77 10.09 -27.35
CB MSE A 53 -28.69 11.72 -25.22
CG MSE A 53 -29.69 10.72 -25.78
SE MSE A 53 -31.54 11.19 -25.49
CE MSE A 53 -31.44 13.15 -25.59
N GLU A 54 -26.30 12.33 -27.29
CA GLU A 54 -25.75 12.40 -28.65
C GLU A 54 -24.55 11.45 -28.79
N ILE A 55 -23.66 11.41 -27.75
CA ILE A 55 -22.48 10.56 -27.72
C ILE A 55 -22.89 9.09 -27.74
N LEU A 56 -23.84 8.70 -26.87
CA LEU A 56 -24.33 7.32 -26.78
C LEU A 56 -24.88 6.85 -28.09
N ASN A 57 -25.62 7.72 -28.78
CA ASN A 57 -26.24 7.41 -30.07
C ASN A 57 -25.19 7.31 -31.20
N ASN A 58 -23.94 7.68 -30.92
CA ASN A 58 -22.82 7.63 -31.87
C ASN A 58 -21.77 6.57 -31.52
N THR A 59 -21.95 5.82 -30.42
CA THR A 59 -20.95 4.80 -30.07
C THR A 59 -21.14 3.53 -30.89
N ASP A 60 -20.02 2.83 -31.18
CA ASP A 60 -19.99 1.57 -31.94
C ASP A 60 -20.69 0.41 -31.26
N LEU A 61 -20.59 0.32 -29.92
CA LEU A 61 -21.25 -0.76 -29.16
C LEU A 61 -21.68 -0.28 -27.81
N ASN A 62 -22.98 -0.40 -27.51
CA ASN A 62 -23.58 -0.10 -26.21
C ASN A 62 -24.04 -1.43 -25.64
N VAL A 63 -23.34 -1.90 -24.62
CA VAL A 63 -23.55 -3.19 -23.99
C VAL A 63 -24.45 -3.07 -22.74
N PRO A 64 -25.47 -3.96 -22.58
CA PRO A 64 -26.40 -3.80 -21.45
C PRO A 64 -25.84 -4.16 -20.06
N ASP A 65 -25.01 -3.31 -19.48
CA ASP A 65 -24.51 -3.46 -18.11
C ASP A 65 -25.67 -3.16 -17.17
N GLY A 66 -25.84 -3.93 -16.11
CA GLY A 66 -26.91 -3.64 -15.17
C GLY A 66 -28.27 -4.22 -15.48
N SER A 67 -28.82 -4.93 -14.49
CA SER A 67 -30.09 -5.65 -14.53
C SER A 67 -31.34 -4.78 -14.69
N GLY A 68 -31.22 -3.48 -14.39
CA GLY A 68 -32.30 -2.52 -14.55
C GLY A 68 -32.79 -2.44 -15.99
N ILE A 69 -31.85 -2.13 -16.91
CA ILE A 69 -32.09 -2.06 -18.36
C ILE A 69 -32.68 -3.40 -18.86
N VAL A 70 -32.09 -4.56 -18.48
CA VAL A 70 -32.53 -5.90 -18.87
C VAL A 70 -33.97 -6.15 -18.39
N PHE A 71 -34.30 -5.70 -17.16
CA PHE A 71 -35.65 -5.86 -16.61
C PHE A 71 -36.64 -5.02 -17.43
N ALA A 72 -36.28 -3.74 -17.73
CA ALA A 72 -37.10 -2.83 -18.54
C ALA A 72 -37.36 -3.42 -19.95
N SER A 73 -36.33 -4.01 -20.58
CA SER A 73 -36.37 -4.63 -21.90
C SER A 73 -37.35 -5.78 -21.97
N LYS A 74 -37.68 -6.43 -20.81
CA LYS A 74 -38.67 -7.51 -20.73
C LYS A 74 -40.08 -7.08 -21.27
N VAL A 75 -40.32 -5.77 -21.38
CA VAL A 75 -41.56 -5.20 -21.92
C VAL A 75 -41.61 -5.35 -23.46
N PHE A 76 -40.43 -5.21 -24.14
CA PHE A 76 -40.31 -5.30 -25.60
C PHE A 76 -40.62 -6.69 -26.15
N LYS A 78 -38.95 -8.35 -28.28
CA LYS A 78 -37.62 -8.95 -28.27
C LYS A 78 -36.68 -8.37 -27.14
N PRO A 79 -36.81 -8.85 -25.88
CA PRO A 79 -35.97 -8.33 -24.78
C PRO A 79 -34.49 -8.65 -24.89
N LEU A 80 -33.68 -8.03 -24.04
CA LEU A 80 -32.23 -8.26 -24.02
C LEU A 80 -31.89 -9.68 -23.54
N PRO A 81 -30.98 -10.41 -24.23
CA PRO A 81 -30.72 -11.80 -23.85
C PRO A 81 -30.14 -12.00 -22.45
N GLU A 82 -29.13 -11.20 -22.04
CA GLU A 82 -28.50 -11.33 -20.73
C GLU A 82 -27.87 -10.03 -20.26
N ARG A 83 -27.48 -9.98 -18.99
CA ARG A 83 -26.83 -8.81 -18.42
C ARG A 83 -25.35 -8.91 -18.81
N VAL A 84 -24.88 -8.00 -19.67
CA VAL A 84 -23.47 -8.01 -20.08
C VAL A 84 -22.71 -6.99 -19.18
N ALA A 85 -22.11 -7.41 -18.06
CA ALA A 85 -21.44 -6.46 -17.17
C ALA A 85 -20.14 -5.92 -17.75
N GLY A 86 -19.97 -4.60 -17.66
CA GLY A 86 -18.81 -3.86 -18.15
C GLY A 86 -17.49 -4.35 -17.61
N PHE A 87 -17.42 -4.65 -16.30
CA PHE A 87 -16.22 -5.16 -15.65
C PHE A 87 -15.90 -6.55 -16.19
N ASP A 88 -16.94 -7.41 -16.25
CA ASP A 88 -16.83 -8.78 -16.75
C ASP A 88 -16.42 -8.83 -18.23
N LEU A 89 -16.97 -7.92 -19.06
CA LEU A 89 -16.66 -7.79 -20.48
C LEU A 89 -15.20 -7.41 -20.67
N MSE A 90 -14.73 -6.43 -19.88
CA MSE A 90 -13.36 -5.95 -19.93
C MSE A 90 -12.39 -7.10 -19.66
O MSE A 90 -11.44 -7.31 -20.42
CB MSE A 90 -13.21 -4.78 -18.94
CG MSE A 90 -11.83 -4.16 -18.92
SE MSE A 90 -11.56 -3.14 -17.32
CE MSE A 90 -9.61 -3.11 -17.18
N LEU A 91 -12.66 -7.86 -18.58
CA LEU A 91 -11.83 -8.99 -18.20
C LEU A 91 -11.84 -10.09 -19.25
N GLU A 92 -13.02 -10.44 -19.79
CA GLU A 92 -13.14 -11.47 -20.85
C GLU A 92 -12.43 -11.07 -22.14
N PHE A 93 -12.60 -9.80 -22.55
CA PHE A 93 -11.93 -9.25 -23.73
C PHE A 93 -10.40 -9.26 -23.53
N ILE A 94 -9.92 -8.84 -22.33
CA ILE A 94 -8.49 -8.84 -22.00
C ILE A 94 -7.96 -10.27 -21.98
N LYS A 95 -8.69 -11.23 -21.36
CA LYS A 95 -8.33 -12.66 -21.30
C LYS A 95 -8.03 -13.20 -22.71
N GLY A 96 -8.96 -12.97 -23.64
CA GLY A 96 -8.83 -13.42 -25.02
C GLY A 96 -7.60 -12.87 -25.71
N ILE A 97 -7.47 -11.55 -25.69
CA ILE A 97 -6.42 -10.80 -26.39
C ILE A 97 -4.99 -10.93 -25.76
N SER A 98 -4.80 -11.46 -24.51
CA SER A 98 -3.44 -11.56 -23.95
C SER A 98 -2.57 -12.57 -24.73
N SER A 99 -3.21 -13.67 -25.21
CA SER A 99 -2.61 -14.75 -26.00
C SER A 99 -2.08 -14.24 -27.34
N LYS A 100 -2.68 -13.18 -27.90
CA LYS A 100 -2.28 -12.60 -29.19
C LYS A 100 -1.36 -11.37 -29.02
N GLY A 101 -1.15 -10.90 -27.80
CA GLY A 101 -0.30 -9.75 -27.52
C GLY A 101 -0.75 -8.39 -28.05
N VAL A 102 -2.05 -8.06 -27.91
CA VAL A 102 -2.63 -6.77 -28.31
C VAL A 102 -2.25 -5.69 -27.27
N LYS A 103 -1.65 -4.57 -27.71
CA LYS A 103 -1.18 -3.46 -26.85
C LYS A 103 -2.36 -2.73 -26.20
N ILE A 104 -2.44 -2.79 -24.86
CA ILE A 104 -3.49 -2.18 -24.02
C ILE A 104 -2.90 -0.98 -23.27
N TYR A 105 -3.68 0.10 -23.12
CA TYR A 105 -3.31 1.29 -22.34
C TYR A 105 -4.41 1.51 -21.30
N LEU A 106 -4.00 1.73 -20.04
CA LEU A 106 -4.93 2.00 -18.96
C LEU A 106 -4.90 3.49 -18.56
N LEU A 107 -5.99 4.21 -18.80
CA LEU A 107 -6.10 5.63 -18.42
C LEU A 107 -7.24 5.78 -17.45
N GLY A 108 -6.94 6.29 -16.27
CA GLY A 108 -7.99 6.47 -15.32
C GLY A 108 -7.63 6.23 -13.88
N ALA A 109 -8.61 6.52 -13.00
CA ALA A 109 -8.62 6.38 -11.55
C ALA A 109 -7.54 7.20 -10.80
N ALA A 110 -7.42 7.01 -9.47
CA ALA A 110 -6.43 7.73 -8.65
C ALA A 110 -4.99 7.26 -8.91
N CYS A 111 -3.99 7.99 -8.36
CA CYS A 111 -2.56 7.66 -8.52
C CYS A 111 -2.28 6.25 -7.98
N GLN A 112 -1.51 5.47 -8.75
CA GLN A 112 -1.10 4.07 -8.50
C GLN A 112 -2.20 3.02 -8.84
N VAL A 113 -3.49 3.39 -8.89
CA VAL A 113 -4.61 2.46 -9.20
C VAL A 113 -4.45 1.74 -10.54
N ALA A 114 -4.10 2.50 -11.62
CA ALA A 114 -3.90 1.93 -12.96
C ALA A 114 -2.67 1.02 -13.01
N GLU A 115 -1.53 1.41 -12.37
CA GLU A 115 -0.33 0.57 -12.32
C GLU A 115 -0.55 -0.69 -11.47
N GLN A 116 -1.34 -0.55 -10.40
CA GLN A 116 -1.72 -1.68 -9.53
C GLN A 116 -2.64 -2.65 -10.29
N ALA A 117 -3.59 -2.14 -11.10
CA ALA A 117 -4.50 -2.95 -11.91
C ALA A 117 -3.69 -3.65 -13.00
N ARG A 118 -2.69 -2.95 -13.61
CA ARG A 118 -1.80 -3.49 -14.64
C ARG A 118 -1.07 -4.71 -14.08
N ALA A 119 -0.51 -4.57 -12.85
CA ALA A 119 0.19 -5.64 -12.13
C ALA A 119 -0.73 -6.86 -11.90
N ASN A 120 -1.93 -6.62 -11.38
CA ASN A 120 -2.94 -7.65 -11.15
C ASN A 120 -3.36 -8.34 -12.43
N LEU A 121 -3.54 -7.58 -13.53
CA LEU A 121 -3.90 -8.16 -14.83
C LEU A 121 -2.77 -9.00 -15.42
N GLU A 122 -1.51 -8.63 -15.20
CA GLU A 122 -0.35 -9.42 -15.67
C GLU A 122 -0.29 -10.77 -14.93
N LYS A 123 -0.63 -10.76 -13.63
CA LYS A 123 -0.62 -11.97 -12.82
C LYS A 123 -1.75 -12.91 -13.24
N LEU A 124 -2.91 -12.34 -13.56
CA LEU A 124 -4.10 -13.08 -13.99
C LEU A 124 -3.97 -13.63 -15.40
N TYR A 125 -3.57 -12.77 -16.34
CA TYR A 125 -3.47 -13.08 -17.75
C TYR A 125 -2.03 -12.99 -18.18
N PRO A 126 -1.22 -14.03 -17.92
CA PRO A 126 0.20 -13.95 -18.30
C PRO A 126 0.37 -13.77 -19.80
N GLY A 127 1.19 -12.80 -20.20
CA GLY A 127 1.43 -12.47 -21.61
C GLY A 127 0.65 -11.25 -22.08
N VAL A 128 -0.13 -10.64 -21.16
CA VAL A 128 -0.88 -9.41 -21.43
C VAL A 128 0.09 -8.24 -21.63
N LYS A 129 -0.07 -7.53 -22.73
CA LYS A 129 0.77 -6.40 -23.07
C LYS A 129 0.10 -5.06 -22.75
N ILE A 130 0.32 -4.56 -21.52
CA ILE A 130 -0.15 -3.24 -21.07
C ILE A 130 1.04 -2.25 -21.26
N VAL A 131 1.01 -1.53 -22.39
CA VAL A 131 2.05 -0.63 -22.85
C VAL A 131 2.15 0.70 -22.09
N GLY A 132 1.13 1.08 -21.33
CA GLY A 132 1.17 2.34 -20.58
C GLY A 132 0.01 2.55 -19.65
N THR A 133 0.22 3.36 -18.61
CA THR A 133 -0.83 3.73 -17.65
C THR A 133 -0.72 5.24 -17.28
N HIS A 134 -1.86 5.87 -16.91
CA HIS A 134 -1.92 7.24 -16.40
C HIS A 134 -3.16 7.40 -15.56
N HIS A 135 -3.12 8.27 -14.53
CA HIS A 135 -4.24 8.53 -13.63
C HIS A 135 -5.30 9.36 -14.36
N GLY A 136 -6.51 9.34 -13.84
CA GLY A 136 -7.61 10.07 -14.43
C GLY A 136 -7.80 11.44 -13.85
N TYR A 137 -6.82 11.93 -13.11
CA TYR A 137 -6.96 13.27 -12.54
C TYR A 137 -5.97 14.25 -13.18
N PHE A 138 -5.98 14.29 -14.52
CA PHE A 138 -5.11 15.13 -15.34
C PHE A 138 -5.81 16.44 -15.72
N THR A 139 -5.00 17.43 -16.14
CA THR A 139 -5.47 18.75 -16.59
C THR A 139 -5.51 18.78 -18.12
N GLU A 140 -6.20 19.78 -18.71
CA GLU A 140 -6.31 19.94 -20.17
C GLU A 140 -4.92 20.04 -20.85
N GLU A 141 -3.93 20.65 -20.14
CA GLU A 141 -2.55 20.75 -20.63
C GLU A 141 -1.89 19.35 -20.69
N GLU A 142 -2.09 18.54 -19.61
CA GLU A 142 -1.56 17.18 -19.50
C GLU A 142 -2.23 16.23 -20.50
N GLU A 143 -3.51 16.50 -20.88
CA GLU A 143 -4.35 15.72 -21.79
C GLU A 143 -3.65 15.40 -23.10
N ASN A 144 -3.03 16.39 -23.77
CA ASN A 144 -2.34 16.14 -25.04
C ASN A 144 -1.11 15.23 -24.91
N LYS A 145 -0.35 15.32 -23.79
CA LYS A 145 0.81 14.47 -23.56
C LYS A 145 0.40 12.99 -23.34
N ILE A 146 -0.77 12.73 -22.69
CA ILE A 146 -1.33 11.38 -22.48
C ILE A 146 -1.77 10.81 -23.83
N ILE A 147 -2.41 11.64 -24.69
CA ILE A 147 -2.89 11.24 -26.02
C ILE A 147 -1.71 10.87 -26.90
N GLU A 148 -0.63 11.71 -26.91
CA GLU A 148 0.59 11.43 -27.66
C GLU A 148 1.24 10.16 -27.14
N GLU A 149 1.25 9.91 -25.79
CA GLU A 149 1.82 8.70 -25.18
C GLU A 149 1.15 7.44 -25.68
N ILE A 150 -0.19 7.44 -25.71
CA ILE A 150 -0.99 6.29 -26.17
C ILE A 150 -0.70 5.98 -27.66
N ASN A 151 -0.80 7.04 -28.47
CA ASN A 151 -0.55 6.99 -29.90
C ASN A 151 0.87 6.45 -30.20
N ASN A 152 1.89 7.03 -29.55
CA ASN A 152 3.27 6.63 -29.76
C ASN A 152 3.61 5.26 -29.22
N LYS A 153 2.99 4.84 -28.08
CA LYS A 153 3.23 3.52 -27.49
C LYS A 153 2.63 2.36 -28.36
N GLY A 154 1.84 2.74 -29.38
CA GLY A 154 1.21 1.83 -30.32
C GLY A 154 0.00 1.10 -29.80
N ALA A 155 -0.62 1.63 -28.71
CA ALA A 155 -1.79 1.05 -28.06
C ALA A 155 -2.91 0.87 -29.03
N GLU A 156 -3.57 -0.28 -28.93
CA GLU A 156 -4.72 -0.67 -29.76
C GLU A 156 -6.00 -0.57 -28.92
N VAL A 157 -5.97 -1.03 -27.66
CA VAL A 157 -7.13 -1.01 -26.77
C VAL A 157 -6.89 0.00 -25.68
N LEU A 158 -7.84 0.92 -25.46
CA LEU A 158 -7.73 1.94 -24.42
C LEU A 158 -8.92 1.83 -23.47
N PHE A 159 -8.64 1.58 -22.18
CA PHE A 159 -9.68 1.47 -21.16
C PHE A 159 -9.67 2.75 -20.35
N VAL A 160 -10.79 3.47 -20.38
CA VAL A 160 -10.94 4.76 -19.77
C VAL A 160 -11.76 4.64 -18.52
N ALA A 161 -11.13 4.86 -17.35
CA ALA A 161 -11.76 4.80 -16.04
C ALA A 161 -11.88 6.19 -15.44
N LEU A 162 -12.73 7.05 -16.01
CA LEU A 162 -12.97 8.42 -15.50
C LEU A 162 -14.36 8.52 -14.88
N GLY A 163 -15.21 7.51 -15.10
CA GLY A 163 -16.60 7.44 -14.63
C GLY A 163 -17.55 8.04 -15.66
N ALA A 164 -18.84 7.66 -15.61
CA ALA A 164 -19.82 8.19 -16.55
C ALA A 164 -20.32 9.54 -16.05
N PRO A 165 -20.53 10.58 -16.90
CA PRO A 165 -20.36 10.61 -18.36
C PRO A 165 -18.96 11.02 -18.81
N LYS A 166 -18.07 11.39 -17.84
CA LYS A 166 -16.71 11.89 -18.03
C LYS A 166 -15.91 11.06 -19.03
N GLN A 167 -15.92 9.71 -18.91
CA GLN A 167 -15.18 8.79 -19.80
C GLN A 167 -15.65 8.84 -21.27
N GLU A 168 -16.98 8.74 -21.50
CA GLU A 168 -17.59 8.82 -22.83
C GLU A 168 -17.35 10.17 -23.46
N LYS A 169 -17.47 11.27 -22.67
CA LYS A 169 -17.24 12.64 -23.13
C LYS A 169 -15.77 12.85 -23.51
N TRP A 170 -14.84 12.29 -22.74
CA TRP A 170 -13.41 12.40 -23.01
C TRP A 170 -13.06 11.67 -24.33
N ILE A 171 -13.54 10.43 -24.48
CA ILE A 171 -13.31 9.62 -25.68
C ILE A 171 -13.88 10.35 -26.90
N TYR A 172 -15.16 10.82 -26.81
CA TYR A 172 -15.82 11.52 -27.91
C TYR A 172 -15.10 12.80 -28.32
N LYS A 173 -14.70 13.65 -27.34
CA LYS A 173 -13.98 14.90 -27.60
C LYS A 173 -12.65 14.66 -28.30
N ASN A 174 -11.95 13.55 -27.96
CA ASN A 174 -10.66 13.18 -28.52
C ASN A 174 -10.75 12.07 -29.62
N LYS A 175 -11.97 11.76 -30.11
CA LYS A 175 -12.18 10.69 -31.10
C LYS A 175 -11.27 10.77 -32.34
N ASP A 176 -11.00 12.02 -32.79
CA ASP A 176 -10.16 12.29 -33.97
C ASP A 176 -8.69 12.45 -33.61
N LYS A 177 -8.37 12.51 -32.30
CA LYS A 177 -7.00 12.67 -31.82
C LYS A 177 -6.37 11.32 -31.41
N LEU A 178 -7.21 10.33 -31.04
CA LEU A 178 -6.76 9.01 -30.62
C LEU A 178 -6.58 8.06 -31.77
N LYS A 179 -5.45 7.35 -31.78
CA LYS A 179 -5.11 6.39 -32.83
C LYS A 179 -5.16 4.95 -32.28
N VAL A 180 -6.23 4.65 -31.52
CA VAL A 180 -6.47 3.30 -30.98
C VAL A 180 -7.65 2.65 -31.71
N LYS A 181 -7.71 1.31 -31.73
CA LYS A 181 -8.81 0.61 -32.38
C LYS A 181 -10.07 0.58 -31.53
N ILE A 182 -9.94 0.36 -30.21
CA ILE A 182 -11.07 0.35 -29.25
C ILE A 182 -10.78 1.34 -28.12
N ALA A 183 -11.80 2.13 -27.75
CA ALA A 183 -11.78 3.06 -26.62
C ALA A 183 -13.07 2.81 -25.82
N MSE A 184 -12.97 2.25 -24.58
CA MSE A 184 -14.10 1.82 -23.78
C MSE A 184 -14.12 2.42 -22.38
O MSE A 184 -13.13 2.31 -21.65
CB MSE A 184 -14.14 0.28 -23.72
CG MSE A 184 -15.35 -0.26 -22.98
SE MSE A 184 -15.36 -2.21 -22.80
CE MSE A 184 -16.02 -2.31 -20.95
N GLY A 185 -15.27 2.98 -21.99
CA GLY A 185 -15.52 3.52 -20.66
C GLY A 185 -15.70 2.37 -19.68
N VAL A 186 -14.83 2.29 -18.65
CA VAL A 186 -14.82 1.21 -17.64
C VAL A 186 -15.13 1.67 -16.18
N GLY A 187 -15.26 2.97 -15.91
CA GLY A 187 -15.59 3.49 -14.57
C GLY A 187 -14.70 3.08 -13.41
N GLY A 188 -15.34 2.47 -12.41
CA GLY A 188 -14.64 1.99 -11.22
C GLY A 188 -13.94 0.65 -11.39
N SER A 189 -13.88 0.11 -12.64
CA SER A 189 -13.26 -1.19 -12.97
C SER A 189 -11.82 -1.29 -12.52
N PHE A 190 -11.01 -0.23 -12.73
CA PHE A 190 -9.59 -0.23 -12.29
C PHE A 190 -9.47 -0.31 -10.76
N ASP A 191 -10.41 0.30 -10.00
CA ASP A 191 -10.38 0.27 -8.54
C ASP A 191 -10.63 -1.13 -8.00
N VAL A 192 -11.57 -1.88 -8.59
CA VAL A 192 -11.93 -3.21 -8.11
C VAL A 192 -10.81 -4.21 -8.30
N ILE A 193 -10.15 -4.18 -9.47
CA ILE A 193 -9.03 -5.09 -9.77
C ILE A 193 -7.76 -4.74 -9.03
N ALA A 194 -7.52 -3.44 -8.70
CA ALA A 194 -6.30 -3.02 -7.99
C ALA A 194 -6.43 -3.23 -6.50
N GLY A 195 -7.61 -2.92 -5.97
CA GLY A 195 -7.95 -3.02 -4.55
C GLY A 195 -7.33 -1.93 -3.69
N GLU B 2 -43.55 -15.19 7.82
CA GLU B 2 -42.39 -14.45 8.31
C GLU B 2 -41.37 -14.11 7.19
N ARG B 3 -41.70 -14.49 5.93
CA ARG B 3 -40.90 -14.23 4.73
C ARG B 3 -41.74 -13.58 3.62
N LEU B 4 -41.21 -12.50 3.01
CA LEU B 4 -41.85 -11.67 1.97
C LEU B 4 -41.33 -11.99 0.56
N ASP B 5 -42.20 -12.50 -0.28
CA ASP B 5 -41.82 -12.84 -1.64
C ASP B 5 -41.74 -11.59 -2.55
N ILE B 6 -40.58 -10.89 -2.50
CA ILE B 6 -40.35 -9.70 -3.32
C ILE B 6 -39.86 -10.18 -4.70
N PHE B 7 -40.75 -10.13 -5.72
CA PHE B 7 -40.49 -10.51 -7.11
C PHE B 7 -39.77 -11.89 -7.26
N GLY B 8 -40.28 -12.91 -6.57
CA GLY B 8 -39.74 -14.26 -6.62
C GLY B 8 -38.65 -14.57 -5.62
N VAL B 9 -37.96 -13.52 -5.11
CA VAL B 9 -36.88 -13.67 -4.11
C VAL B 9 -37.48 -13.61 -2.71
N PRO B 10 -37.28 -14.64 -1.85
CA PRO B 10 -37.83 -14.55 -0.48
C PRO B 10 -36.95 -13.68 0.42
N ILE B 11 -37.54 -12.68 1.09
CA ILE B 11 -36.83 -11.79 2.01
C ILE B 11 -37.34 -12.05 3.40
N ASP B 12 -36.42 -12.27 4.33
CA ASP B 12 -36.74 -12.54 5.73
C ASP B 12 -37.11 -11.25 6.46
N ARG B 13 -38.30 -11.23 7.11
CA ARG B 13 -38.82 -10.06 7.84
C ARG B 13 -38.15 -9.93 9.23
N VAL B 14 -36.85 -9.56 9.22
CA VAL B 14 -35.99 -9.42 10.41
C VAL B 14 -35.43 -8.00 10.56
N THR B 15 -35.06 -7.63 11.81
CA THR B 15 -34.40 -6.36 12.15
C THR B 15 -32.91 -6.65 12.16
N MSE B 16 -32.05 -5.62 12.38
CA MSE B 16 -30.59 -5.81 12.45
C MSE B 16 -30.26 -6.80 13.58
O MSE B 16 -29.60 -7.81 13.33
CB MSE B 16 -29.91 -4.44 12.66
CG MSE B 16 -28.39 -4.50 12.90
SE MSE B 16 -27.42 -5.23 11.37
CE MSE B 16 -27.71 -3.82 10.02
N ILE B 17 -30.79 -6.55 14.80
CA ILE B 17 -30.66 -7.38 16.00
C ILE B 17 -31.08 -8.83 15.70
N GLN B 18 -32.29 -9.02 15.12
CA GLN B 18 -32.83 -10.33 14.80
C GLN B 18 -31.92 -11.13 13.87
N ALA B 19 -31.40 -10.49 12.80
CA ALA B 19 -30.49 -11.10 11.82
C ALA B 19 -29.22 -11.60 12.53
N VAL B 20 -28.63 -10.75 13.43
CA VAL B 20 -27.43 -11.06 14.21
C VAL B 20 -27.69 -12.27 15.10
N ASP B 21 -28.85 -12.31 15.80
CA ASP B 21 -29.24 -13.43 16.67
C ASP B 21 -29.42 -14.72 15.87
N ILE B 22 -30.02 -14.62 14.63
CA ILE B 22 -30.20 -15.74 13.70
C ILE B 22 -28.84 -16.34 13.38
N LEU B 23 -27.86 -15.50 12.98
CA LEU B 23 -26.50 -15.90 12.64
C LEU B 23 -25.82 -16.56 13.83
N ASN B 24 -25.97 -16.00 15.04
CA ASN B 24 -25.39 -16.55 16.28
C ASN B 24 -25.97 -17.94 16.56
N ASN B 25 -27.28 -18.14 16.30
CA ASN B 25 -27.94 -19.42 16.49
C ASN B 25 -27.51 -20.42 15.43
N PHE B 26 -27.26 -19.94 14.18
CA PHE B 26 -26.75 -20.78 13.08
C PHE B 26 -25.44 -21.46 13.52
N LEU B 27 -24.61 -20.76 14.30
CA LEU B 27 -23.34 -21.28 14.84
C LEU B 27 -23.54 -22.50 15.78
N GLN B 28 -24.78 -22.71 16.30
CA GLN B 28 -25.10 -23.85 17.17
C GLN B 28 -25.53 -25.09 16.38
N GLU B 29 -25.80 -24.94 15.05
CA GLU B 29 -26.18 -26.04 14.16
C GLU B 29 -24.96 -26.52 13.37
N ASN B 30 -24.66 -27.82 13.43
CA ASN B 30 -23.54 -28.37 12.69
C ASN B 30 -23.92 -28.74 11.24
N ARG B 31 -24.11 -27.68 10.40
CA ARG B 31 -24.37 -27.72 8.96
C ARG B 31 -24.13 -26.33 8.35
N LEU B 32 -23.89 -26.26 7.04
CA LEU B 32 -23.64 -24.99 6.38
C LEU B 32 -24.94 -24.26 6.18
N HIS B 33 -24.93 -22.95 6.52
CA HIS B 33 -26.05 -22.04 6.36
C HIS B 33 -25.59 -20.99 5.37
N ILE B 34 -26.39 -20.78 4.32
CA ILE B 34 -26.08 -19.77 3.30
C ILE B 34 -26.84 -18.49 3.60
N VAL B 35 -26.10 -17.41 3.78
CA VAL B 35 -26.66 -16.09 4.05
C VAL B 35 -26.42 -15.24 2.79
N ALA B 36 -27.46 -14.51 2.37
CA ALA B 36 -27.41 -13.61 1.23
C ALA B 36 -28.08 -12.31 1.65
N THR B 37 -27.62 -11.19 1.09
CA THR B 37 -28.17 -9.87 1.43
C THR B 37 -28.83 -9.26 0.15
N PRO B 38 -30.02 -9.74 -0.31
CA PRO B 38 -30.59 -9.19 -1.54
C PRO B 38 -30.94 -7.71 -1.46
N ASN B 39 -30.81 -7.03 -2.61
CA ASN B 39 -31.13 -5.62 -2.86
C ASN B 39 -31.84 -5.55 -4.20
N ALA B 40 -32.18 -4.33 -4.70
CA ALA B 40 -32.88 -4.18 -6.00
C ALA B 40 -32.08 -4.76 -7.17
N GLU B 41 -30.73 -4.56 -7.20
CA GLU B 41 -29.85 -5.13 -8.23
C GLU B 41 -29.91 -6.66 -8.20
N ILE B 42 -29.78 -7.27 -6.99
CA ILE B 42 -29.85 -8.73 -6.79
C ILE B 42 -31.23 -9.29 -7.22
N VAL B 43 -32.31 -8.65 -6.71
CA VAL B 43 -33.68 -9.02 -7.00
C VAL B 43 -33.93 -9.04 -8.51
N MSE B 44 -33.42 -8.01 -9.23
CA MSE B 44 -33.54 -7.85 -10.68
C MSE B 44 -32.70 -8.87 -11.45
O MSE B 44 -33.18 -9.39 -12.47
CB MSE B 44 -33.23 -6.42 -11.08
CG MSE B 44 -34.50 -5.67 -11.45
SE MSE B 44 -34.45 -3.78 -11.17
CE MSE B 44 -36.26 -3.49 -10.51
N MSE B 45 -31.51 -9.21 -10.95
CA MSE B 45 -30.60 -10.23 -11.51
C MSE B 45 -31.28 -11.59 -11.52
O MSE B 45 -31.08 -12.36 -12.47
CB MSE B 45 -29.34 -10.35 -10.65
CG MSE B 45 -28.08 -9.83 -11.29
SE MSE B 45 -26.80 -9.52 -9.88
CE MSE B 45 -26.26 -7.72 -10.38
N ALA B 46 -32.07 -11.89 -10.46
CA ALA B 46 -32.83 -13.12 -10.27
C ALA B 46 -33.95 -13.31 -11.32
N GLN B 47 -34.50 -12.21 -11.86
CA GLN B 47 -35.56 -12.26 -12.87
C GLN B 47 -35.10 -12.97 -14.14
N LYS B 48 -33.94 -12.58 -14.68
CA LYS B 48 -33.40 -13.17 -15.90
C LYS B 48 -32.58 -14.43 -15.62
N ASP B 49 -31.93 -14.52 -14.43
CA ASP B 49 -31.12 -15.69 -14.06
C ASP B 49 -31.88 -16.69 -13.19
N LYS B 50 -32.42 -17.76 -13.82
CA LYS B 50 -33.17 -18.84 -13.17
C LYS B 50 -32.32 -19.57 -12.13
N GLU B 51 -31.03 -19.82 -12.44
CA GLU B 51 -30.09 -20.50 -11.52
C GLU B 51 -29.93 -19.69 -10.25
N TYR B 52 -29.72 -18.35 -10.39
CA TYR B 52 -29.55 -17.40 -9.29
C TYR B 52 -30.82 -17.29 -8.44
N MSE B 53 -32.01 -17.25 -9.08
CA MSE B 53 -33.27 -17.19 -8.35
C MSE B 53 -33.52 -18.49 -7.59
O MSE B 53 -34.07 -18.42 -6.48
CB MSE B 53 -34.44 -16.86 -9.24
CG MSE B 53 -35.64 -16.31 -8.48
SE MSE B 53 -37.18 -16.25 -9.67
CE MSE B 53 -37.56 -18.19 -9.82
N GLU B 54 -33.09 -19.65 -8.14
CA GLU B 54 -33.21 -20.95 -7.47
C GLU B 54 -32.31 -20.96 -6.20
N ILE B 55 -31.08 -20.41 -6.30
CA ILE B 55 -30.13 -20.32 -5.19
C ILE B 55 -30.73 -19.46 -4.06
N LEU B 56 -31.29 -18.27 -4.38
CA LEU B 56 -31.88 -17.33 -3.43
C LEU B 56 -33.13 -17.88 -2.75
N ASN B 57 -33.78 -18.86 -3.38
CA ASN B 57 -34.94 -19.53 -2.81
C ASN B 57 -34.48 -20.72 -1.92
N ASN B 58 -33.16 -21.02 -1.93
CA ASN B 58 -32.55 -22.10 -1.15
C ASN B 58 -31.60 -21.63 -0.04
N THR B 59 -31.41 -20.30 0.10
CA THR B 59 -30.53 -19.77 1.16
C THR B 59 -31.25 -19.74 2.50
N ASP B 60 -30.48 -19.91 3.58
CA ASP B 60 -30.95 -19.93 4.97
C ASP B 60 -31.48 -18.60 5.45
N LEU B 61 -30.82 -17.49 5.04
CA LEU B 61 -31.24 -16.15 5.45
C LEU B 61 -30.97 -15.15 4.34
N ASN B 62 -32.03 -14.48 3.91
CA ASN B 62 -31.98 -13.41 2.94
C ASN B 62 -32.35 -12.15 3.72
N VAL B 63 -31.36 -11.30 3.97
CA VAL B 63 -31.49 -10.09 4.77
C VAL B 63 -31.83 -8.84 3.89
N PRO B 64 -32.73 -7.96 4.34
CA PRO B 64 -33.12 -6.82 3.48
C PRO B 64 -32.06 -5.71 3.28
N ASP B 65 -30.98 -5.97 2.48
CA ASP B 65 -29.96 -4.93 2.20
C ASP B 65 -30.56 -3.97 1.17
N GLY B 66 -30.32 -2.67 1.32
CA GLY B 66 -30.88 -1.75 0.33
C GLY B 66 -32.32 -1.30 0.55
N SER B 67 -32.50 0.03 0.57
CA SER B 67 -33.73 0.75 0.81
C SER B 67 -34.84 0.51 -0.20
N GLY B 68 -34.48 0.07 -1.40
CA GLY B 68 -35.42 -0.20 -2.48
C GLY B 68 -36.41 -1.28 -2.08
N ILE B 69 -35.90 -2.45 -1.67
CA ILE B 69 -36.71 -3.59 -1.22
C ILE B 69 -37.60 -3.18 -0.04
N VAL B 70 -37.02 -2.51 0.96
CA VAL B 70 -37.72 -2.03 2.16
C VAL B 70 -38.85 -1.04 1.78
N PHE B 71 -38.61 -0.16 0.77
CA PHE B 71 -39.64 0.77 0.27
C PHE B 71 -40.78 0.01 -0.46
N ALA B 72 -40.42 -0.97 -1.32
CA ALA B 72 -41.37 -1.82 -2.05
C ALA B 72 -42.25 -2.60 -1.07
N SER B 73 -41.67 -3.13 0.02
CA SER B 73 -42.37 -3.89 1.07
C SER B 73 -43.46 -3.10 1.77
N LYS B 74 -43.38 -1.75 1.77
CA LYS B 74 -44.39 -0.86 2.35
C LYS B 74 -45.80 -1.11 1.76
N VAL B 75 -45.87 -1.77 0.57
CA VAL B 75 -47.12 -2.11 -0.10
C VAL B 75 -47.81 -3.31 0.58
N PHE B 76 -47.03 -4.30 1.05
CA PHE B 76 -47.51 -5.53 1.73
C PHE B 76 -48.23 -5.24 3.03
N LYS B 77 -49.13 -6.15 3.45
CA LYS B 77 -49.88 -6.06 4.70
C LYS B 77 -48.88 -5.96 5.87
N LYS B 78 -47.81 -6.77 5.81
CA LYS B 78 -46.76 -6.76 6.82
C LYS B 78 -45.38 -6.39 6.20
N PRO B 79 -45.08 -5.06 6.08
CA PRO B 79 -43.79 -4.65 5.48
C PRO B 79 -42.56 -5.01 6.31
N LEU B 80 -41.38 -4.83 5.69
CA LEU B 80 -40.10 -5.10 6.35
C LEU B 80 -39.82 -4.05 7.44
N PRO B 81 -39.37 -4.47 8.63
CA PRO B 81 -39.15 -3.51 9.71
C PRO B 81 -38.07 -2.45 9.47
N GLU B 82 -36.90 -2.83 8.91
CA GLU B 82 -35.80 -1.90 8.63
C GLU B 82 -34.85 -2.42 7.54
N ARG B 83 -33.85 -1.61 7.16
CA ARG B 83 -32.82 -2.07 6.23
C ARG B 83 -31.85 -2.89 7.05
N VAL B 84 -31.39 -4.01 6.53
CA VAL B 84 -30.39 -4.80 7.25
C VAL B 84 -29.19 -4.83 6.29
N ALA B 85 -28.35 -3.75 6.31
CA ALA B 85 -27.23 -3.63 5.38
C ALA B 85 -26.22 -4.74 5.59
N GLY B 86 -25.83 -5.36 4.49
CA GLY B 86 -24.89 -6.48 4.47
C GLY B 86 -23.54 -6.16 5.10
N PHE B 87 -23.00 -4.96 4.83
CA PHE B 87 -21.73 -4.49 5.37
C PHE B 87 -21.88 -4.33 6.89
N ASP B 88 -22.96 -3.67 7.32
CA ASP B 88 -23.26 -3.42 8.72
C ASP B 88 -23.53 -4.71 9.51
N LEU B 89 -24.21 -5.69 8.87
CA LEU B 89 -24.51 -7.01 9.44
C LEU B 89 -23.21 -7.78 9.69
N MSE B 90 -22.32 -7.82 8.66
CA MSE B 90 -21.01 -8.45 8.66
C MSE B 90 -20.18 -7.94 9.84
O MSE B 90 -19.59 -8.75 10.56
CB MSE B 90 -20.30 -8.18 7.34
CG MSE B 90 -19.09 -9.07 7.18
SE MSE B 90 -17.81 -8.57 5.83
CE MSE B 90 -17.23 -6.85 6.49
N LEU B 91 -20.15 -6.60 10.06
CA LEU B 91 -19.39 -5.95 11.17
C LEU B 91 -19.99 -6.26 12.53
N GLU B 92 -21.33 -6.17 12.66
CA GLU B 92 -22.03 -6.46 13.92
C GLU B 92 -21.88 -7.91 14.36
N PHE B 93 -21.96 -8.84 13.38
CA PHE B 93 -21.77 -10.26 13.64
C PHE B 93 -20.33 -10.51 14.15
N ILE B 94 -19.29 -10.01 13.41
CA ILE B 94 -17.87 -10.14 13.78
C ILE B 94 -17.66 -9.55 15.17
N LYS B 95 -18.22 -8.34 15.41
CA LYS B 95 -18.09 -7.68 16.71
C LYS B 95 -18.38 -8.66 17.85
N GLY B 96 -19.52 -9.33 17.77
CA GLY B 96 -19.92 -10.31 18.77
C GLY B 96 -18.99 -11.49 18.88
N ILE B 97 -18.92 -12.29 17.83
CA ILE B 97 -18.12 -13.51 17.78
C ILE B 97 -16.60 -13.28 18.03
N SER B 98 -16.11 -12.00 17.95
CA SER B 98 -14.71 -11.61 18.18
C SER B 98 -14.19 -11.90 19.59
N SER B 99 -15.07 -11.95 20.59
CA SER B 99 -14.67 -12.27 21.98
C SER B 99 -14.63 -13.79 22.21
N LYS B 100 -15.44 -14.56 21.46
CA LYS B 100 -15.58 -16.01 21.58
C LYS B 100 -14.59 -16.74 20.65
N VAL B 102 -14.34 -17.32 17.48
CA VAL B 102 -14.95 -18.05 16.37
C VAL B 102 -14.08 -17.88 15.15
N LYS B 103 -13.59 -19.00 14.58
CA LYS B 103 -12.67 -19.01 13.44
C LYS B 103 -13.34 -18.49 12.15
N ILE B 104 -12.85 -17.35 11.65
CA ILE B 104 -13.35 -16.66 10.45
C ILE B 104 -12.35 -16.82 9.30
N TYR B 105 -12.84 -16.98 8.07
CA TYR B 105 -12.02 -17.04 6.88
C TYR B 105 -12.52 -15.99 5.90
N LEU B 106 -11.60 -15.20 5.34
CA LEU B 106 -11.95 -14.18 4.35
C LEU B 106 -11.53 -14.62 2.92
N LEU B 107 -12.50 -14.86 2.05
CA LEU B 107 -12.23 -15.22 0.66
C LEU B 107 -12.84 -14.20 -0.27
N GLY B 108 -12.04 -13.61 -1.12
CA GLY B 108 -12.57 -12.64 -2.07
C GLY B 108 -11.77 -11.36 -2.18
N ALA B 109 -12.05 -10.60 -3.25
CA ALA B 109 -11.44 -9.34 -3.64
C ALA B 109 -10.04 -9.49 -4.24
N ALA B 110 -9.48 -8.39 -4.74
CA ALA B 110 -8.16 -8.37 -5.36
C ALA B 110 -7.02 -8.70 -4.37
N CYS B 111 -5.81 -8.88 -4.92
CA CYS B 111 -4.60 -9.23 -4.18
C CYS B 111 -4.38 -8.27 -3.01
N GLN B 112 -4.14 -8.86 -1.81
CA GLN B 112 -3.86 -8.26 -0.51
C GLN B 112 -5.10 -7.57 0.15
N VAL B 113 -6.24 -7.49 -0.55
CA VAL B 113 -7.47 -6.84 0.00
C VAL B 113 -8.02 -7.65 1.18
N ALA B 114 -8.22 -8.98 1.04
CA ALA B 114 -8.70 -9.82 2.14
C ALA B 114 -7.74 -9.76 3.34
N GLU B 115 -6.39 -9.78 3.06
CA GLU B 115 -5.32 -9.67 4.07
C GLU B 115 -5.41 -8.34 4.84
N GLN B 116 -5.58 -7.16 4.13
CA GLN B 116 -5.69 -5.81 4.73
C GLN B 116 -6.97 -5.67 5.50
N ALA B 117 -8.08 -6.29 5.00
CA ALA B 117 -9.37 -6.32 5.71
C ALA B 117 -9.22 -7.07 7.07
N ARG B 118 -8.42 -8.17 7.11
CA ARG B 118 -8.11 -8.99 8.29
C ARG B 118 -7.29 -8.19 9.30
N ALA B 119 -6.27 -7.45 8.83
CA ALA B 119 -5.43 -6.61 9.68
C ALA B 119 -6.26 -5.49 10.33
N ASN B 120 -7.25 -4.94 9.60
CA ASN B 120 -8.15 -3.86 10.06
C ASN B 120 -9.20 -4.36 11.01
N LEU B 121 -9.85 -5.51 10.70
CA LEU B 121 -10.81 -6.16 11.60
C LEU B 121 -10.12 -6.61 12.91
N GLU B 122 -8.84 -7.02 12.84
CA GLU B 122 -8.06 -7.38 14.03
C GLU B 122 -7.79 -6.15 14.93
N LYS B 123 -7.62 -4.96 14.32
CA LYS B 123 -7.40 -3.73 15.06
C LYS B 123 -8.72 -3.19 15.61
N LEU B 124 -9.85 -3.34 14.85
CA LEU B 124 -11.19 -2.91 15.28
C LEU B 124 -11.76 -3.77 16.38
N TYR B 125 -11.73 -5.09 16.17
CA TYR B 125 -12.28 -6.09 17.07
C TYR B 125 -11.16 -6.95 17.64
N PRO B 126 -10.44 -6.44 18.66
CA PRO B 126 -9.34 -7.24 19.21
C PRO B 126 -9.86 -8.58 19.75
N GLY B 127 -9.20 -9.66 19.40
CA GLY B 127 -9.60 -10.98 19.84
C GLY B 127 -10.14 -11.79 18.69
N VAL B 128 -10.40 -11.12 17.55
CA VAL B 128 -10.97 -11.74 16.36
C VAL B 128 -10.00 -12.76 15.78
N LYS B 129 -10.51 -13.97 15.56
CA LYS B 129 -9.74 -15.08 15.03
C LYS B 129 -10.02 -15.27 13.52
N ILE B 130 -9.26 -14.56 12.67
CA ILE B 130 -9.33 -14.71 11.23
C ILE B 130 -8.20 -15.70 10.87
N VAL B 131 -8.59 -16.98 10.67
CA VAL B 131 -7.69 -18.12 10.45
C VAL B 131 -7.08 -18.16 9.06
N GLY B 132 -7.63 -17.40 8.11
CA GLY B 132 -7.09 -17.40 6.75
C GLY B 132 -7.75 -16.44 5.79
N THR B 133 -7.01 -16.05 4.76
CA THR B 133 -7.47 -15.15 3.71
C THR B 133 -6.97 -15.67 2.33
N HIS B 134 -7.72 -15.39 1.26
CA HIS B 134 -7.36 -15.66 -0.13
C HIS B 134 -8.10 -14.69 -1.05
N HIS B 135 -7.45 -14.30 -2.17
CA HIS B 135 -8.06 -13.39 -3.14
C HIS B 135 -9.17 -14.10 -3.90
N GLY B 136 -10.04 -13.35 -4.56
CA GLY B 136 -11.15 -13.93 -5.31
C GLY B 136 -10.94 -14.06 -6.80
N TYR B 137 -9.70 -14.02 -7.25
CA TYR B 137 -9.34 -14.17 -8.67
C TYR B 137 -8.56 -15.52 -8.87
N PHE B 138 -9.03 -16.56 -8.16
CA PHE B 138 -8.49 -17.91 -8.20
C PHE B 138 -9.06 -18.72 -9.39
N THR B 139 -8.34 -19.79 -9.74
CA THR B 139 -8.69 -20.72 -10.82
C THR B 139 -9.36 -21.97 -10.21
N GLU B 140 -10.05 -22.79 -11.05
CA GLU B 140 -10.73 -24.01 -10.59
C GLU B 140 -9.76 -24.99 -9.88
N GLU B 141 -8.48 -25.00 -10.30
CA GLU B 141 -7.41 -25.81 -9.70
C GLU B 141 -7.08 -25.27 -8.29
N GLU B 142 -6.97 -23.93 -8.14
CA GLU B 142 -6.69 -23.27 -6.86
C GLU B 142 -7.87 -23.39 -5.88
N GLU B 143 -9.11 -23.50 -6.41
CA GLU B 143 -10.37 -23.61 -5.66
C GLU B 143 -10.34 -24.69 -4.59
N ASN B 144 -9.89 -25.92 -4.94
CA ASN B 144 -9.83 -27.04 -3.99
C ASN B 144 -8.79 -26.84 -2.88
N LYS B 145 -7.66 -26.17 -3.15
CA LYS B 145 -6.64 -25.88 -2.13
C LYS B 145 -7.18 -24.87 -1.12
N ILE B 146 -8.03 -23.90 -1.55
CA ILE B 146 -8.67 -22.89 -0.68
C ILE B 146 -9.67 -23.62 0.22
N ILE B 147 -10.55 -24.45 -0.39
CA ILE B 147 -11.57 -25.24 0.31
C ILE B 147 -10.90 -26.16 1.34
N GLU B 148 -9.76 -26.79 0.99
CA GLU B 148 -9.00 -27.62 1.91
C GLU B 148 -8.45 -26.75 3.05
N GLU B 149 -7.96 -25.51 2.74
CA GLU B 149 -7.40 -24.57 3.71
C GLU B 149 -8.47 -24.17 4.72
N ILE B 150 -9.69 -23.79 4.23
CA ILE B 150 -10.85 -23.39 5.06
C ILE B 150 -11.22 -24.54 6.02
N ASN B 151 -11.39 -25.77 5.45
CA ASN B 151 -11.77 -26.98 6.18
C ASN B 151 -10.72 -27.39 7.21
N ASN B 152 -9.44 -27.46 6.81
CA ASN B 152 -8.35 -27.84 7.69
C ASN B 152 -8.04 -26.81 8.78
N LYS B 153 -8.14 -25.50 8.46
CA LYS B 153 -7.89 -24.45 9.46
C LYS B 153 -9.01 -24.31 10.48
N GLY B 154 -10.09 -25.08 10.28
CA GLY B 154 -11.24 -25.18 11.17
C GLY B 154 -12.18 -24.00 11.14
N ALA B 155 -12.19 -23.23 10.05
CA ALA B 155 -13.07 -22.06 9.89
C ALA B 155 -14.54 -22.42 10.09
N GLU B 156 -15.26 -21.56 10.82
CA GLU B 156 -16.69 -21.70 11.12
C GLU B 156 -17.50 -20.67 10.29
N VAL B 157 -17.00 -19.44 10.17
CA VAL B 157 -17.64 -18.37 9.40
C VAL B 157 -16.80 -18.07 8.16
N LEU B 158 -17.45 -18.06 6.98
CA LEU B 158 -16.78 -17.76 5.71
C LEU B 158 -17.44 -16.58 5.03
N PHE B 159 -16.68 -15.48 4.83
CA PHE B 159 -17.20 -14.29 4.14
C PHE B 159 -16.65 -14.28 2.73
N VAL B 160 -17.55 -14.38 1.74
CA VAL B 160 -17.22 -14.47 0.32
C VAL B 160 -17.45 -13.13 -0.39
N ALA B 161 -16.35 -12.46 -0.78
CA ALA B 161 -16.42 -11.16 -1.47
C ALA B 161 -16.07 -11.37 -2.95
N LEU B 162 -17.03 -11.92 -3.69
CA LEU B 162 -16.87 -12.23 -5.09
C LEU B 162 -17.83 -11.42 -5.94
N GLY B 163 -18.82 -10.81 -5.30
CA GLY B 163 -19.81 -10.01 -5.99
C GLY B 163 -21.00 -10.82 -6.46
N ALA B 164 -22.17 -10.21 -6.47
CA ALA B 164 -23.35 -10.93 -6.88
C ALA B 164 -23.39 -11.03 -8.41
N PRO B 165 -23.81 -12.17 -8.99
CA PRO B 165 -24.28 -13.43 -8.36
C PRO B 165 -23.15 -14.45 -8.09
N LYS B 166 -21.91 -14.14 -8.54
CA LYS B 166 -20.71 -14.97 -8.45
C LYS B 166 -20.53 -15.59 -7.05
N GLN B 167 -20.66 -14.77 -5.95
CA GLN B 167 -20.50 -15.22 -4.56
C GLN B 167 -21.53 -16.29 -4.15
N GLU B 168 -22.83 -16.03 -4.38
CA GLU B 168 -23.91 -16.98 -4.07
C GLU B 168 -23.76 -18.27 -4.89
N LYS B 169 -23.42 -18.14 -6.19
CA LYS B 169 -23.19 -19.29 -7.07
C LYS B 169 -21.98 -20.12 -6.60
N TRP B 170 -20.89 -19.47 -6.11
CA TRP B 170 -19.71 -20.16 -5.61
C TRP B 170 -20.03 -20.96 -4.36
N ILE B 171 -20.70 -20.30 -3.39
CA ILE B 171 -21.12 -20.93 -2.14
C ILE B 171 -22.04 -22.12 -2.44
N TYR B 172 -23.10 -21.90 -3.27
CA TYR B 172 -24.04 -22.96 -3.64
C TYR B 172 -23.36 -24.16 -4.32
N LYS B 173 -22.47 -23.93 -5.31
CA LYS B 173 -21.75 -24.98 -6.02
C LYS B 173 -20.87 -25.81 -5.07
N ASN B 174 -20.32 -25.18 -4.02
CA ASN B 174 -19.44 -25.82 -3.05
C ASN B 174 -20.09 -26.12 -1.69
N LYS B 175 -21.43 -25.97 -1.61
CA LYS B 175 -22.22 -26.17 -0.37
C LYS B 175 -21.94 -27.50 0.35
N ASP B 176 -21.67 -28.56 -0.39
CA ASP B 176 -21.40 -29.88 0.19
C ASP B 176 -19.90 -30.17 0.33
N LYS B 177 -19.05 -29.23 -0.13
CA LYS B 177 -17.58 -29.35 -0.04
C LYS B 177 -17.05 -28.54 1.15
N LEU B 178 -17.78 -27.47 1.55
CA LEU B 178 -17.39 -26.60 2.66
C LEU B 178 -17.89 -27.13 3.99
N LYS B 179 -17.00 -27.12 5.01
CA LYS B 179 -17.29 -27.59 6.36
C LYS B 179 -17.37 -26.41 7.32
N VAL B 180 -18.06 -25.34 6.91
CA VAL B 180 -18.25 -24.14 7.74
C VAL B 180 -19.70 -24.02 8.16
N LYS B 181 -19.98 -23.35 9.27
CA LYS B 181 -21.34 -23.20 9.75
C LYS B 181 -22.10 -22.09 9.02
N ILE B 182 -21.44 -20.96 8.72
CA ILE B 182 -22.01 -19.84 7.95
C ILE B 182 -21.13 -19.50 6.73
N ALA B 183 -21.78 -19.28 5.57
CA ALA B 183 -21.14 -18.85 4.32
C ALA B 183 -21.99 -17.69 3.78
N MSE B 184 -21.43 -16.46 3.78
CA MSE B 184 -22.15 -15.25 3.39
C MSE B 184 -21.48 -14.45 2.27
O MSE B 184 -20.26 -14.17 2.34
CB MSE B 184 -22.37 -14.39 4.64
CG MSE B 184 -23.17 -13.08 4.44
SE MSE B 184 -23.14 -12.00 6.12
CE MSE B 184 -23.55 -10.30 5.49
N GLY B 185 -22.29 -14.05 1.29
CA GLY B 185 -21.88 -13.18 0.18
C GLY B 185 -21.81 -11.76 0.69
N VAL B 186 -20.61 -11.16 0.65
CA VAL B 186 -20.39 -9.81 1.20
C VAL B 186 -20.02 -8.74 0.14
N GLY B 187 -20.18 -9.02 -1.15
CA GLY B 187 -19.85 -8.06 -2.20
C GLY B 187 -18.52 -7.34 -2.06
N GLY B 188 -18.58 -6.01 -2.10
CA GLY B 188 -17.42 -5.16 -1.99
C GLY B 188 -17.09 -4.77 -0.57
N SER B 189 -17.54 -5.57 0.44
CA SER B 189 -17.33 -5.26 1.87
C SER B 189 -15.87 -5.27 2.26
N PHE B 190 -15.09 -6.19 1.68
CA PHE B 190 -13.65 -6.32 1.95
C PHE B 190 -12.89 -5.07 1.51
N ASP B 191 -13.32 -4.45 0.40
CA ASP B 191 -12.63 -3.30 -0.18
C ASP B 191 -12.84 -2.02 0.64
N VAL B 192 -14.02 -1.85 1.26
CA VAL B 192 -14.34 -0.69 2.09
C VAL B 192 -13.57 -0.75 3.41
N ILE B 193 -13.53 -1.95 4.07
CA ILE B 193 -12.80 -2.13 5.34
C ILE B 193 -11.32 -2.15 5.16
N ALA B 194 -10.82 -2.67 4.04
CA ALA B 194 -9.37 -2.70 3.81
C ALA B 194 -8.84 -1.32 3.43
N GLY B 195 -9.48 -0.68 2.44
CA GLY B 195 -9.12 0.64 1.92
C GLY B 195 -7.75 0.69 1.28
N ARG C 3 -37.05 24.88 -3.90
CA ARG C 3 -36.74 23.55 -3.37
C ARG C 3 -37.84 22.58 -3.75
N LEU C 4 -37.46 21.45 -4.36
CA LEU C 4 -38.40 20.41 -4.78
C LEU C 4 -38.55 19.39 -3.65
N ASP C 5 -39.77 18.94 -3.39
CA ASP C 5 -40.04 17.94 -2.36
C ASP C 5 -40.13 16.54 -2.99
N ILE C 6 -38.98 15.88 -3.19
CA ILE C 6 -38.92 14.54 -3.79
C ILE C 6 -39.14 13.54 -2.65
N PHE C 7 -40.35 12.93 -2.60
CA PHE C 7 -40.77 11.92 -1.61
C PHE C 7 -40.42 12.31 -0.13
N GLY C 8 -40.76 13.54 0.26
CA GLY C 8 -40.50 14.04 1.61
C GLY C 8 -39.15 14.69 1.85
N VAL C 9 -38.15 14.37 1.00
CA VAL C 9 -36.80 14.93 1.09
C VAL C 9 -36.73 16.24 0.26
N PRO C 10 -36.35 17.39 0.86
CA PRO C 10 -36.23 18.62 0.05
C PRO C 10 -34.92 18.63 -0.74
N ILE C 11 -35.01 18.85 -2.06
CA ILE C 11 -33.83 18.92 -2.93
C ILE C 11 -33.75 20.35 -3.45
N ASP C 12 -32.55 20.95 -3.31
CA ASP C 12 -32.29 22.31 -3.76
C ASP C 12 -32.11 22.35 -5.27
N ARG C 13 -32.88 23.20 -5.96
CA ARG C 13 -32.86 23.38 -7.42
C ARG C 13 -31.67 24.26 -7.84
N VAL C 14 -30.46 23.70 -7.71
CA VAL C 14 -29.17 24.34 -8.00
C VAL C 14 -28.38 23.58 -9.11
N THR C 15 -27.47 24.31 -9.79
CA THR C 15 -26.55 23.75 -10.78
C THR C 15 -25.25 23.44 -10.04
N MSE C 16 -24.25 22.85 -10.70
CA MSE C 16 -22.95 22.56 -10.10
C MSE C 16 -22.32 23.86 -9.59
O MSE C 16 -21.98 23.97 -8.40
CB MSE C 16 -22.04 21.83 -11.12
CG MSE C 16 -20.58 21.61 -10.63
SE MSE C 16 -20.37 20.50 -9.02
CE MSE C 16 -21.04 18.77 -9.84
N ILE C 17 -22.24 24.88 -10.48
CA ILE C 17 -21.71 26.23 -10.21
C ILE C 17 -22.42 26.85 -8.99
N GLN C 18 -23.77 26.86 -9.00
CA GLN C 18 -24.62 27.41 -7.94
C GLN C 18 -24.31 26.78 -6.58
N ALA C 19 -24.21 25.43 -6.51
CA ALA C 19 -23.90 24.68 -5.30
C ALA C 19 -22.54 25.11 -4.73
N VAL C 20 -21.51 25.22 -5.60
CA VAL C 20 -20.14 25.65 -5.24
C VAL C 20 -20.18 27.07 -4.64
N ASP C 21 -20.91 28.00 -5.29
CA ASP C 21 -21.07 29.37 -4.81
C ASP C 21 -21.77 29.43 -3.47
N ILE C 22 -22.82 28.58 -3.27
CA ILE C 22 -23.57 28.45 -2.01
C ILE C 22 -22.59 28.08 -0.88
N LEU C 23 -21.76 27.04 -1.12
CA LEU C 23 -20.75 26.55 -0.17
C LEU C 23 -19.73 27.64 0.16
N ASN C 24 -19.26 28.39 -0.87
CA ASN C 24 -18.30 29.50 -0.70
C ASN C 24 -18.91 30.59 0.17
N ASN C 25 -20.22 30.88 -0.01
CA ASN C 25 -20.91 31.89 0.79
C ASN C 25 -21.14 31.40 2.20
N PHE C 26 -21.39 30.09 2.39
CA PHE C 26 -21.54 29.47 3.72
C PHE C 26 -20.31 29.78 4.57
N LEU C 27 -19.11 29.80 3.94
CA LEU C 27 -17.83 30.10 4.59
C LEU C 27 -17.79 31.52 5.21
N GLN C 28 -18.69 32.43 4.76
CA GLN C 28 -18.77 33.81 5.27
C GLN C 28 -19.66 33.91 6.53
N GLU C 29 -20.47 32.88 6.83
CA GLU C 29 -21.37 32.82 8.00
C GLU C 29 -20.70 32.06 9.14
N ASN C 30 -20.65 32.66 10.34
CA ASN C 30 -20.02 31.99 11.49
C ASN C 30 -21.01 31.07 12.25
N ARG C 31 -21.36 29.92 11.60
CA ARG C 31 -22.23 28.85 12.12
C ARG C 31 -22.06 27.61 11.27
N LEU C 32 -22.40 26.43 11.82
CA LEU C 32 -22.26 25.17 11.07
C LEU C 32 -23.38 25.05 10.06
N HIS C 33 -23.01 24.67 8.83
CA HIS C 33 -23.92 24.43 7.72
C HIS C 33 -23.79 22.96 7.38
N ILE C 34 -24.92 22.26 7.32
CA ILE C 34 -24.90 20.83 6.99
C ILE C 34 -25.27 20.67 5.53
N VAL C 35 -24.34 20.05 4.78
CA VAL C 35 -24.52 19.77 3.36
C VAL C 35 -24.70 18.24 3.21
N ALA C 36 -25.69 17.85 2.42
CA ALA C 36 -26.00 16.46 2.14
C ALA C 36 -26.23 16.33 0.64
N THR C 37 -25.87 15.18 0.06
CA THR C 37 -26.03 14.94 -1.38
C THR C 37 -27.05 13.79 -1.60
N PRO C 38 -28.39 14.02 -1.41
CA PRO C 38 -29.35 12.92 -1.59
C PRO C 38 -29.39 12.35 -3.00
N ASN C 39 -29.65 11.03 -3.07
CA ASN C 39 -29.82 10.21 -4.27
C ASN C 39 -31.04 9.29 -4.04
N ALA C 40 -31.37 8.40 -4.99
CA ALA C 40 -32.51 7.48 -4.86
C ALA C 40 -32.39 6.57 -3.61
N GLU C 41 -31.16 6.07 -3.31
CA GLU C 41 -30.90 5.22 -2.13
C GLU C 41 -31.17 6.02 -0.85
N ILE C 42 -30.68 7.29 -0.77
CA ILE C 42 -30.89 8.19 0.37
C ILE C 42 -32.38 8.52 0.56
N VAL C 43 -33.07 8.92 -0.53
CA VAL C 43 -34.50 9.26 -0.51
C VAL C 43 -35.36 8.05 -0.06
N MSE C 44 -34.97 6.83 -0.46
CA MSE C 44 -35.65 5.60 -0.08
C MSE C 44 -35.40 5.27 1.40
O MSE C 44 -36.32 4.84 2.09
CB MSE C 44 -35.19 4.46 -1.00
CG MSE C 44 -36.29 3.78 -1.76
SE MSE C 44 -36.56 4.44 -3.55
CE MSE C 44 -36.93 2.74 -4.41
N MSE C 45 -34.16 5.51 1.90
CA MSE C 45 -33.76 5.31 3.30
C MSE C 45 -34.61 6.18 4.21
O MSE C 45 -34.96 5.74 5.31
CB MSE C 45 -32.29 5.73 3.48
CG MSE C 45 -31.35 4.59 3.75
SE MSE C 45 -29.55 5.20 3.34
CE MSE C 45 -29.00 3.71 2.15
N ALA C 46 -34.92 7.42 3.75
CA ALA C 46 -35.71 8.44 4.46
C ALA C 46 -37.18 8.02 4.67
N GLN C 47 -37.72 7.18 3.77
CA GLN C 47 -39.10 6.67 3.85
C GLN C 47 -39.33 5.84 5.12
N LYS C 48 -38.46 4.89 5.40
CA LYS C 48 -38.59 4.05 6.59
C LYS C 48 -37.93 4.69 7.83
N ASP C 49 -36.90 5.52 7.65
CA ASP C 49 -36.21 6.17 8.75
C ASP C 49 -36.67 7.60 8.97
N LYS C 50 -37.57 7.80 9.96
CA LYS C 50 -38.15 9.10 10.31
C LYS C 50 -37.09 10.06 10.82
N GLU C 51 -36.11 9.57 11.60
CA GLU C 51 -34.99 10.35 12.14
C GLU C 51 -34.18 10.94 10.99
N TYR C 52 -33.85 10.08 9.98
CA TYR C 52 -33.07 10.44 8.78
C TYR C 52 -33.81 11.46 7.92
N MSE C 53 -35.12 11.28 7.75
CA MSE C 53 -35.92 12.23 6.96
C MSE C 53 -36.01 13.58 7.67
O MSE C 53 -36.00 14.61 6.99
CB MSE C 53 -37.30 11.68 6.64
CG MSE C 53 -37.96 12.38 5.49
SE MSE C 53 -39.80 11.90 5.42
CE MSE C 53 -40.49 12.88 6.98
N GLU C 54 -36.06 13.58 9.02
CA GLU C 54 -36.09 14.81 9.83
C GLU C 54 -34.76 15.57 9.65
N ILE C 55 -33.62 14.83 9.64
CA ILE C 55 -32.28 15.40 9.44
C ILE C 55 -32.18 16.08 8.08
N LEU C 56 -32.61 15.38 7.00
CA LEU C 56 -32.58 15.87 5.61
C LEU C 56 -33.50 17.10 5.38
N ASN C 57 -34.51 17.27 6.24
CA ASN C 57 -35.38 18.43 6.18
C ASN C 57 -34.77 19.58 6.99
N ASN C 58 -33.65 19.32 7.70
CA ASN C 58 -32.95 20.31 8.53
C ASN C 58 -31.54 20.67 8.02
N THR C 59 -31.11 20.08 6.90
CA THR C 59 -29.79 20.40 6.34
C THR C 59 -29.86 21.71 5.52
N ASP C 60 -28.75 22.46 5.52
CA ASP C 60 -28.58 23.74 4.82
C ASP C 60 -28.63 23.61 3.31
N LEU C 61 -28.03 22.53 2.75
CA LEU C 61 -28.03 22.29 1.31
C LEU C 61 -28.10 20.81 0.99
N ASN C 62 -29.13 20.42 0.22
CA ASN C 62 -29.34 19.09 -0.27
C ASN C 62 -29.15 19.19 -1.75
N VAL C 63 -28.04 18.62 -2.23
CA VAL C 63 -27.66 18.67 -3.63
C VAL C 63 -28.13 17.40 -4.39
N PRO C 64 -28.73 17.54 -5.60
CA PRO C 64 -29.22 16.36 -6.32
C PRO C 64 -28.14 15.45 -6.92
N ASP C 65 -27.47 14.62 -6.07
CA ASP C 65 -26.52 13.62 -6.52
C ASP C 65 -27.35 12.47 -7.11
N GLY C 66 -26.89 11.90 -8.21
CA GLY C 66 -27.62 10.79 -8.81
C GLY C 66 -28.76 11.19 -9.74
N SER C 67 -28.70 10.60 -10.95
CA SER C 67 -29.62 10.83 -12.04
C SER C 67 -31.05 10.39 -11.79
N GLY C 68 -31.27 9.54 -10.78
CA GLY C 68 -32.60 9.06 -10.42
C GLY C 68 -33.52 10.20 -10.01
N ILE C 69 -33.06 11.00 -9.02
CA ILE C 69 -33.78 12.17 -8.51
C ILE C 69 -34.03 13.17 -9.64
N VAL C 70 -32.98 13.47 -10.43
CA VAL C 70 -33.05 14.41 -11.54
C VAL C 70 -34.07 13.92 -12.61
N PHE C 71 -34.15 12.57 -12.86
CA PHE C 71 -35.14 11.97 -13.78
C PHE C 71 -36.55 12.10 -13.22
N ALA C 72 -36.73 11.79 -11.91
CA ALA C 72 -38.03 11.91 -11.21
C ALA C 72 -38.55 13.36 -11.25
N SER C 73 -37.65 14.34 -11.05
CA SER C 73 -37.97 15.77 -11.09
C SER C 73 -38.54 16.23 -12.42
N LYS C 74 -38.27 15.49 -13.53
CA LYS C 74 -38.80 15.80 -14.87
C LYS C 74 -40.36 15.82 -14.89
N VAL C 75 -41.00 15.23 -13.86
CA VAL C 75 -42.46 15.23 -13.68
C VAL C 75 -42.97 16.61 -13.22
N PHE C 76 -42.21 17.31 -12.34
CA PHE C 76 -42.55 18.62 -11.78
C PHE C 76 -42.59 19.73 -12.84
N LYS C 77 -43.37 20.80 -12.59
CA LYS C 77 -43.46 21.95 -13.50
C LYS C 77 -42.07 22.57 -13.69
N LYS C 78 -41.28 22.62 -12.59
CA LYS C 78 -39.92 23.15 -12.60
C LYS C 78 -38.90 22.05 -12.20
N PRO C 79 -38.47 21.18 -13.15
CA PRO C 79 -37.51 20.12 -12.81
C PRO C 79 -36.12 20.63 -12.44
N LEU C 80 -35.30 19.73 -11.89
CA LEU C 80 -33.93 20.05 -11.49
C LEU C 80 -33.05 20.34 -12.71
N PRO C 81 -32.22 21.41 -12.66
CA PRO C 81 -31.41 21.76 -13.85
C PRO C 81 -30.38 20.70 -14.28
N GLU C 82 -29.62 20.11 -13.34
CA GLU C 82 -28.59 19.10 -13.65
C GLU C 82 -28.27 18.17 -12.47
N ARG C 83 -27.47 17.12 -12.73
CA ARG C 83 -26.95 16.20 -11.72
C ARG C 83 -25.74 16.90 -11.12
N VAL C 84 -25.74 17.09 -9.79
CA VAL C 84 -24.67 17.74 -9.04
C VAL C 84 -24.14 16.59 -8.17
N ALA C 85 -23.15 15.86 -8.71
CA ALA C 85 -22.53 14.72 -8.04
C ALA C 85 -21.75 15.17 -6.84
N GLY C 86 -21.98 14.49 -5.71
CA GLY C 86 -21.34 14.76 -4.43
C GLY C 86 -19.82 14.70 -4.46
N PHE C 87 -19.28 13.71 -5.20
CA PHE C 87 -17.83 13.54 -5.36
C PHE C 87 -17.27 14.73 -6.15
N ASP C 88 -17.94 15.07 -7.26
CA ASP C 88 -17.57 16.19 -8.12
C ASP C 88 -17.68 17.55 -7.42
N LEU C 89 -18.71 17.73 -6.58
CA LEU C 89 -18.94 18.94 -5.78
C LEU C 89 -17.82 19.13 -4.76
N MSE C 90 -17.47 18.06 -4.00
CA MSE C 90 -16.42 18.01 -2.99
C MSE C 90 -15.07 18.38 -3.61
O MSE C 90 -14.28 19.09 -2.98
CB MSE C 90 -16.39 16.61 -2.36
CG MSE C 90 -15.40 16.44 -1.22
SE MSE C 90 -14.71 14.61 -1.03
CE MSE C 90 -13.40 14.93 0.37
N LEU C 91 -14.77 17.92 -4.84
CA LEU C 91 -13.52 18.24 -5.52
C LEU C 91 -13.49 19.67 -6.01
N GLU C 92 -14.61 20.14 -6.64
CA GLU C 92 -14.73 21.51 -7.15
C GLU C 92 -14.66 22.55 -6.05
N PHE C 93 -15.26 22.25 -4.89
CA PHE C 93 -15.21 23.13 -3.72
C PHE C 93 -13.76 23.21 -3.18
N ILE C 94 -13.11 22.02 -2.97
CA ILE C 94 -11.70 21.92 -2.52
C ILE C 94 -10.80 22.66 -3.50
N LYS C 95 -11.01 22.49 -4.83
CA LYS C 95 -10.24 23.16 -5.88
C LYS C 95 -10.18 24.68 -5.63
N GLY C 96 -11.34 25.30 -5.41
CA GLY C 96 -11.45 26.73 -5.16
C GLY C 96 -10.80 27.22 -3.89
N ILE C 97 -11.19 26.63 -2.74
CA ILE C 97 -10.72 27.01 -1.42
C ILE C 97 -9.21 26.66 -1.16
N SER C 98 -8.58 25.79 -1.99
CA SER C 98 -7.17 25.43 -1.81
C SER C 98 -6.26 26.67 -1.86
N SER C 99 -6.52 27.57 -2.82
CA SER C 99 -5.76 28.80 -3.02
C SER C 99 -6.02 29.81 -1.90
N GLY C 101 -6.42 29.08 1.30
CA GLY C 101 -5.86 28.39 2.46
C GLY C 101 -6.87 28.11 3.55
N VAL C 102 -8.04 27.59 3.17
CA VAL C 102 -9.15 27.24 4.07
C VAL C 102 -8.82 25.88 4.70
N LYS C 103 -8.83 25.82 6.04
CA LYS C 103 -8.51 24.62 6.82
C LYS C 103 -9.57 23.52 6.68
N ILE C 104 -9.19 22.38 6.07
CA ILE C 104 -10.04 21.22 5.81
C ILE C 104 -9.66 20.06 6.75
N TYR C 105 -10.66 19.30 7.20
CA TYR C 105 -10.44 18.10 8.02
C TYR C 105 -11.15 16.94 7.36
N LEU C 106 -10.47 15.80 7.22
CA LEU C 106 -11.04 14.60 6.63
C LEU C 106 -11.33 13.54 7.72
N LEU C 107 -12.61 13.24 7.95
CA LEU C 107 -13.03 12.24 8.93
C LEU C 107 -13.81 11.15 8.21
N GLY C 108 -13.35 9.93 8.35
CA GLY C 108 -14.04 8.81 7.73
C GLY C 108 -13.13 7.83 7.02
N ALA C 109 -13.75 6.71 6.61
CA ALA C 109 -13.16 5.57 5.90
C ALA C 109 -12.21 4.72 6.74
N ALA C 110 -11.84 3.54 6.23
CA ALA C 110 -10.93 2.62 6.92
C ALA C 110 -9.57 3.25 7.18
N CYS C 111 -8.75 2.57 8.02
CA CYS C 111 -7.43 3.03 8.38
C CYS C 111 -6.58 3.33 7.15
N GLN C 112 -5.95 4.52 7.18
CA GLN C 112 -5.03 5.10 6.19
C GLN C 112 -5.72 5.63 4.91
N VAL C 113 -7.04 5.36 4.70
CA VAL C 113 -7.79 5.87 3.54
C VAL C 113 -7.88 7.36 3.59
N ALA C 114 -8.30 7.92 4.73
CA ALA C 114 -8.43 9.37 4.91
C ALA C 114 -7.05 10.07 4.70
N GLU C 115 -5.94 9.35 5.02
CA GLU C 115 -4.58 9.88 4.90
C GLU C 115 -4.02 9.73 3.48
N GLN C 116 -4.38 8.65 2.73
CA GLN C 116 -3.95 8.49 1.31
C GLN C 116 -4.75 9.49 0.46
N ALA C 117 -6.03 9.76 0.83
CA ALA C 117 -6.91 10.76 0.24
C ALA C 117 -6.27 12.15 0.38
N ARG C 118 -5.86 12.52 1.62
CA ARG C 118 -5.23 13.79 1.97
C ARG C 118 -3.99 14.03 1.12
N ALA C 119 -3.11 13.01 1.05
CA ALA C 119 -1.87 13.09 0.28
C ALA C 119 -2.17 13.27 -1.19
N ASN C 120 -3.19 12.59 -1.70
CA ASN C 120 -3.62 12.73 -3.10
C ASN C 120 -4.12 14.15 -3.40
N LEU C 121 -5.08 14.67 -2.58
CA LEU C 121 -5.62 16.04 -2.68
C LEU C 121 -4.51 17.11 -2.59
N GLU C 122 -3.46 16.84 -1.80
CA GLU C 122 -2.32 17.75 -1.71
C GLU C 122 -1.52 17.76 -3.03
N LYS C 123 -1.50 16.61 -3.76
CA LYS C 123 -0.81 16.50 -5.05
C LYS C 123 -1.67 17.12 -6.16
N LEU C 124 -3.01 16.95 -6.09
CA LEU C 124 -3.96 17.51 -7.07
C LEU C 124 -4.08 19.01 -6.95
N TYR C 125 -4.34 19.48 -5.72
CA TYR C 125 -4.57 20.89 -5.43
C TYR C 125 -3.44 21.41 -4.55
N PRO C 126 -2.29 21.78 -5.14
CA PRO C 126 -1.19 22.29 -4.33
C PRO C 126 -1.61 23.56 -3.58
N GLY C 127 -1.29 23.61 -2.30
CA GLY C 127 -1.64 24.71 -1.41
C GLY C 127 -2.83 24.40 -0.53
N VAL C 128 -3.48 23.22 -0.75
CA VAL C 128 -4.62 22.77 0.05
C VAL C 128 -4.17 22.52 1.50
N LYS C 129 -4.92 23.10 2.43
CA LYS C 129 -4.62 23.00 3.84
C LYS C 129 -5.54 21.97 4.51
N ILE C 130 -5.12 20.69 4.52
CA ILE C 130 -5.81 19.60 5.22
C ILE C 130 -5.13 19.48 6.60
N VAL C 131 -5.75 20.09 7.61
CA VAL C 131 -5.22 20.23 8.97
C VAL C 131 -5.26 18.92 9.78
N GLY C 132 -6.06 17.95 9.37
CA GLY C 132 -6.15 16.69 10.09
C GLY C 132 -6.99 15.63 9.43
N THR C 133 -6.71 14.37 9.78
CA THR C 133 -7.46 13.21 9.29
C THR C 133 -7.69 12.20 10.43
N HIS C 134 -8.78 11.42 10.36
CA HIS C 134 -9.13 10.34 11.28
C HIS C 134 -10.04 9.35 10.58
N HIS C 135 -9.89 8.04 10.90
CA HIS C 135 -10.69 6.98 10.30
C HIS C 135 -12.12 7.06 10.83
N GLY C 136 -13.06 6.49 10.09
CA GLY C 136 -14.47 6.53 10.48
C GLY C 136 -14.95 5.36 11.31
N TYR C 137 -14.02 4.57 11.85
CA TYR C 137 -14.37 3.41 12.67
C TYR C 137 -13.97 3.63 14.15
N PHE C 138 -14.28 4.81 14.67
CA PHE C 138 -14.01 5.26 16.04
C PHE C 138 -15.13 4.90 17.02
N THR C 139 -14.79 4.93 18.33
CA THR C 139 -15.69 4.64 19.44
C THR C 139 -16.23 5.95 20.04
N GLU C 140 -17.31 5.89 20.85
CA GLU C 140 -17.92 7.08 21.48
C GLU C 140 -16.91 7.87 22.31
N GLU C 141 -15.94 7.16 22.94
CA GLU C 141 -14.86 7.75 23.74
C GLU C 141 -13.93 8.54 22.82
N GLU C 142 -13.52 7.94 21.67
CA GLU C 142 -12.64 8.56 20.67
C GLU C 142 -13.30 9.76 19.98
N GLU C 143 -14.64 9.74 19.86
CA GLU C 143 -15.47 10.77 19.21
C GLU C 143 -15.16 12.19 19.70
N ASN C 144 -15.13 12.41 21.03
CA ASN C 144 -14.86 13.73 21.58
C ASN C 144 -13.42 14.22 21.36
N LYS C 145 -12.43 13.32 21.30
CA LYS C 145 -11.04 13.69 21.02
C LYS C 145 -10.88 14.15 19.56
N ILE C 146 -11.66 13.54 18.61
CA ILE C 146 -11.66 13.94 17.20
C ILE C 146 -12.28 15.34 17.09
N ILE C 147 -13.45 15.54 17.74
CA ILE C 147 -14.19 16.80 17.73
C ILE C 147 -13.31 17.90 18.32
N GLU C 148 -12.55 17.60 19.41
CA GLU C 148 -11.60 18.54 20.00
C GLU C 148 -10.48 18.86 19.02
N GLU C 149 -9.98 17.83 18.27
CA GLU C 149 -8.93 17.95 17.26
C GLU C 149 -9.38 18.90 16.12
N ILE C 150 -10.60 18.68 15.53
CA ILE C 150 -11.18 19.54 14.47
C ILE C 150 -11.29 20.99 14.95
N ASN C 151 -11.88 21.19 16.15
CA ASN C 151 -12.11 22.50 16.76
C ASN C 151 -10.80 23.22 17.05
N ASN C 152 -9.85 22.55 17.72
CA ASN C 152 -8.57 23.14 18.08
C ASN C 152 -7.67 23.41 16.89
N LYS C 153 -7.69 22.52 15.86
CA LYS C 153 -6.83 22.68 14.67
C LYS C 153 -7.33 23.81 13.76
N GLY C 154 -8.48 24.37 14.11
CA GLY C 154 -9.08 25.50 13.41
C GLY C 154 -9.76 25.18 12.10
N ALA C 155 -10.15 23.90 11.90
CA ALA C 155 -10.84 23.43 10.71
C ALA C 155 -12.11 24.22 10.46
N GLU C 156 -12.33 24.58 9.19
CA GLU C 156 -13.50 25.32 8.72
C GLU C 156 -14.41 24.36 7.92
N VAL C 157 -13.82 23.52 7.08
CA VAL C 157 -14.57 22.56 6.27
C VAL C 157 -14.31 21.13 6.77
N LEU C 158 -15.37 20.37 7.04
CA LEU C 158 -15.25 18.99 7.51
C LEU C 158 -15.97 18.03 6.56
N PHE C 159 -15.22 17.09 5.95
CA PHE C 159 -15.79 16.10 5.04
C PHE C 159 -15.91 14.79 5.78
N VAL C 160 -17.15 14.31 5.94
CA VAL C 160 -17.49 13.10 6.68
C VAL C 160 -17.80 11.93 5.75
N ALA C 161 -16.88 10.93 5.72
CA ALA C 161 -17.03 9.75 4.86
C ALA C 161 -17.39 8.51 5.69
N LEU C 162 -18.56 8.54 6.37
CA LEU C 162 -19.07 7.44 7.21
C LEU C 162 -20.17 6.59 6.48
N GLY C 163 -20.62 7.09 5.34
CA GLY C 163 -21.68 6.49 4.53
C GLY C 163 -23.05 6.97 4.97
N ALA C 164 -24.06 6.91 4.07
CA ALA C 164 -25.42 7.32 4.42
C ALA C 164 -26.14 6.14 5.12
N PRO C 165 -26.94 6.36 6.20
CA PRO C 165 -27.29 7.62 6.85
C PRO C 165 -26.32 8.03 7.96
N LYS C 166 -25.36 7.16 8.30
CA LYS C 166 -24.37 7.30 9.37
C LYS C 166 -23.71 8.69 9.40
N GLN C 167 -23.26 9.22 8.23
CA GLN C 167 -22.60 10.53 8.12
C GLN C 167 -23.52 11.69 8.52
N GLU C 168 -24.74 11.75 7.95
CA GLU C 168 -25.76 12.79 8.26
C GLU C 168 -26.17 12.72 9.73
N LYS C 169 -26.38 11.50 10.26
CA LYS C 169 -26.73 11.27 11.66
C LYS C 169 -25.60 11.71 12.60
N TRP C 170 -24.32 11.44 12.22
CA TRP C 170 -23.16 11.83 13.02
C TRP C 170 -23.04 13.36 13.09
N ILE C 171 -23.13 14.04 11.91
CA ILE C 171 -23.08 15.49 11.80
C ILE C 171 -24.21 16.10 12.63
N TYR C 172 -25.45 15.63 12.43
CA TYR C 172 -26.63 16.14 13.16
C TYR C 172 -26.49 15.98 14.67
N LYS C 173 -26.10 14.79 15.16
CA LYS C 173 -25.92 14.53 16.60
C LYS C 173 -24.87 15.46 17.22
N ASN C 174 -23.82 15.82 16.46
CA ASN C 174 -22.72 16.68 16.92
C ASN C 174 -22.76 18.11 16.39
N LYS C 175 -23.89 18.52 15.78
CA LYS C 175 -24.10 19.84 15.19
C LYS C 175 -23.75 21.01 16.15
N ASP C 176 -24.02 20.86 17.45
CA ASP C 176 -23.72 21.90 18.42
C ASP C 176 -22.40 21.68 19.15
N LYS C 177 -21.68 20.60 18.81
CA LYS C 177 -20.35 20.31 19.37
C LYS C 177 -19.24 20.70 18.37
N LEU C 178 -19.55 20.72 17.06
CA LEU C 178 -18.58 21.08 16.02
C LEU C 178 -18.51 22.59 15.80
N LYS C 179 -17.28 23.15 15.72
CA LYS C 179 -17.05 24.58 15.46
C LYS C 179 -16.49 24.82 14.04
N VAL C 180 -17.08 24.13 13.06
CA VAL C 180 -16.70 24.26 11.65
C VAL C 180 -17.81 25.00 10.88
N LYS C 181 -17.47 25.66 9.77
CA LYS C 181 -18.46 26.37 8.99
C LYS C 181 -19.30 25.43 8.09
N ILE C 182 -18.66 24.41 7.47
CA ILE C 182 -19.32 23.41 6.63
C ILE C 182 -19.00 22.00 7.13
N ALA C 183 -20.04 21.14 7.19
CA ALA C 183 -19.95 19.72 7.53
C ALA C 183 -20.74 18.95 6.44
N MSE C 184 -20.05 18.17 5.59
CA MSE C 184 -20.68 17.46 4.46
C MSE C 184 -20.44 15.96 4.45
O MSE C 184 -19.32 15.52 4.70
CB MSE C 184 -20.20 18.09 3.13
CG MSE C 184 -20.76 17.43 1.88
SE MSE C 184 -19.86 18.08 0.29
CE MSE C 184 -20.41 16.77 -0.97
N GLY C 185 -21.49 15.20 4.15
CA GLY C 185 -21.44 13.76 4.02
C GLY C 185 -20.93 13.45 2.63
N VAL C 186 -19.77 12.73 2.54
CA VAL C 186 -19.11 12.39 1.27
C VAL C 186 -19.03 10.83 0.97
N GLY C 187 -19.68 10.01 1.79
CA GLY C 187 -19.71 8.55 1.67
C GLY C 187 -18.42 7.82 1.27
N GLY C 188 -18.31 7.51 -0.02
CA GLY C 188 -17.17 6.80 -0.55
C GLY C 188 -16.22 7.65 -1.37
N SER C 189 -16.30 9.01 -1.23
CA SER C 189 -15.43 9.94 -1.94
C SER C 189 -13.99 9.74 -1.51
N PHE C 190 -13.75 9.43 -0.21
CA PHE C 190 -12.41 9.18 0.31
C PHE C 190 -11.73 7.94 -0.34
N ASP C 191 -12.49 6.84 -0.58
CA ASP C 191 -11.91 5.62 -1.15
C ASP C 191 -11.56 5.82 -2.62
N VAL C 192 -12.39 6.56 -3.39
CA VAL C 192 -12.14 6.77 -4.82
C VAL C 192 -10.91 7.66 -5.02
N ILE C 193 -10.73 8.73 -4.19
CA ILE C 193 -9.55 9.60 -4.33
C ILE C 193 -8.31 8.92 -3.79
N ALA C 194 -8.42 8.09 -2.71
CA ALA C 194 -7.27 7.35 -2.16
C ALA C 194 -6.81 6.22 -3.13
N GLY C 195 -7.75 5.35 -3.52
CA GLY C 195 -7.52 4.21 -4.40
C GLY C 195 -6.47 3.24 -3.88
N ARG D 3 35.37 18.65 20.55
CA ARG D 3 35.17 18.03 19.25
C ARG D 3 36.34 17.12 18.89
N LEU D 4 36.03 15.88 18.47
CA LEU D 4 36.98 14.85 18.07
C LEU D 4 37.19 14.81 16.57
N ASP D 5 38.44 14.95 16.15
CA ASP D 5 38.78 14.91 14.74
C ASP D 5 39.01 13.47 14.27
N ILE D 6 37.92 12.74 13.95
CA ILE D 6 37.97 11.36 13.46
C ILE D 6 38.23 11.43 11.94
N PHE D 7 39.47 11.15 11.52
CA PHE D 7 39.96 11.16 10.13
C PHE D 7 39.48 12.39 9.31
N GLY D 8 39.70 13.58 9.87
CA GLY D 8 39.33 14.84 9.21
C GLY D 8 37.92 15.34 9.48
N VAL D 9 37.00 14.45 9.85
CA VAL D 9 35.61 14.79 10.14
C VAL D 9 35.47 15.15 11.63
N PRO D 10 35.00 16.37 11.99
CA PRO D 10 34.82 16.70 13.41
C PRO D 10 33.56 16.07 14.00
N ILE D 11 33.71 15.40 15.14
CA ILE D 11 32.61 14.76 15.84
C ILE D 11 32.40 15.45 17.14
N ASP D 12 31.18 15.83 17.42
CA ASP D 12 30.87 16.51 18.67
C ASP D 12 30.76 15.48 19.80
N ARG D 13 31.51 15.70 20.89
CA ARG D 13 31.53 14.82 22.05
C ARG D 13 30.30 15.07 22.95
N VAL D 14 29.13 14.64 22.46
CA VAL D 14 27.82 14.81 23.10
C VAL D 14 27.14 13.45 23.38
N THR D 15 26.21 13.44 24.37
CA THR D 15 25.38 12.28 24.69
C THR D 15 24.07 12.48 23.92
N MSE D 16 23.13 11.51 23.98
CA MSE D 16 21.81 11.61 23.31
C MSE D 16 21.08 12.86 23.84
O MSE D 16 20.67 13.73 23.05
CB MSE D 16 20.99 10.32 23.55
CG MSE D 16 19.54 10.38 23.10
SE MSE D 16 19.30 10.56 21.21
CE MSE D 16 20.13 8.83 20.60
N ILE D 17 20.99 13.00 25.19
CA ILE D 17 20.38 14.12 25.92
C ILE D 17 20.99 15.45 25.47
N GLN D 18 22.33 15.55 25.50
CA GLN D 18 23.08 16.75 25.11
C GLN D 18 22.76 17.20 23.69
N ALA D 19 22.72 16.27 22.73
CA ALA D 19 22.41 16.51 21.32
C ALA D 19 21.01 17.13 21.21
N VAL D 20 20.01 16.52 21.90
CA VAL D 20 18.61 16.97 21.92
C VAL D 20 18.52 18.42 22.44
N ASP D 21 19.22 18.71 23.55
CA ASP D 21 19.27 20.05 24.13
C ASP D 21 19.90 21.06 23.19
N ILE D 22 21.00 20.65 22.48
CA ILE D 22 21.71 21.47 21.47
C ILE D 22 20.69 21.88 20.36
N LEU D 23 19.96 20.89 19.80
CA LEU D 23 18.94 21.10 18.78
C LEU D 23 17.83 22.04 19.29
N ASN D 24 17.41 21.88 20.57
CA ASN D 24 16.37 22.69 21.20
C ASN D 24 16.85 24.14 21.32
N ASN D 25 18.15 24.33 21.61
CA ASN D 25 18.73 25.67 21.71
C ASN D 25 18.92 26.28 20.32
N PHE D 26 19.23 25.46 19.30
CA PHE D 26 19.34 25.92 17.91
C PHE D 26 18.05 26.64 17.47
N LEU D 27 16.88 26.14 17.95
CA LEU D 27 15.58 26.71 17.69
C LEU D 27 15.45 28.17 18.21
N GLN D 28 16.29 28.58 19.19
CA GLN D 28 16.31 29.95 19.74
C GLN D 28 17.17 30.93 18.89
N GLU D 29 17.92 30.41 17.87
CA GLU D 29 18.81 31.18 16.99
C GLU D 29 18.20 31.30 15.57
N ASN D 30 17.73 32.52 15.15
CA ASN D 30 17.10 32.73 13.84
C ASN D 30 18.12 32.73 12.68
N ARG D 31 18.66 31.53 12.41
CA ARG D 31 19.58 31.20 11.30
C ARG D 31 19.58 29.69 11.06
N LEU D 32 19.97 29.24 9.86
CA LEU D 32 19.99 27.82 9.56
C LEU D 32 21.16 27.13 10.24
N HIS D 33 20.88 26.00 10.89
CA HIS D 33 21.85 25.15 11.56
C HIS D 33 21.83 23.85 10.82
N ILE D 34 23.02 23.36 10.40
CA ILE D 34 23.11 22.10 9.69
C ILE D 34 23.53 21.02 10.67
N VAL D 35 22.68 19.99 10.79
CA VAL D 35 22.95 18.83 11.64
C VAL D 35 23.25 17.63 10.72
N ALA D 36 24.29 16.87 11.05
CA ALA D 36 24.72 15.68 10.33
C ALA D 36 25.01 14.59 11.36
N THR D 37 24.79 13.32 10.99
CA THR D 37 25.02 12.19 11.88
C THR D 37 26.11 11.29 11.25
N PRO D 38 27.42 11.69 11.28
CA PRO D 38 28.45 10.85 10.65
C PRO D 38 28.60 9.48 11.27
N ASN D 39 28.95 8.50 10.42
CA ASN D 39 29.24 7.10 10.74
C ASN D 39 30.52 6.67 9.99
N ALA D 40 30.91 5.38 10.05
CA ALA D 40 32.11 4.89 9.36
C ALA D 40 32.03 5.09 7.85
N GLU D 41 30.82 4.84 7.24
CA GLU D 41 30.56 5.02 5.81
C GLU D 41 30.77 6.48 5.44
N ILE D 42 30.18 7.42 6.23
CA ILE D 42 30.28 8.87 6.02
C ILE D 42 31.74 9.34 6.13
N VAL D 43 32.45 8.96 7.21
CA VAL D 43 33.86 9.33 7.47
C VAL D 43 34.76 8.85 6.31
N MSE D 44 34.48 7.66 5.78
CA MSE D 44 35.21 7.09 4.67
C MSE D 44 34.92 7.81 3.34
O MSE D 44 35.84 8.07 2.59
CB MSE D 44 34.99 5.60 4.62
CG MSE D 44 36.13 4.86 5.30
SE MSE D 44 35.65 3.07 5.81
CE MSE D 44 37.13 2.68 6.88
N MSE D 45 33.65 8.19 3.11
CA MSE D 45 33.20 8.96 1.95
C MSE D 45 33.91 10.33 1.88
O MSE D 45 34.21 10.79 0.79
CB MSE D 45 31.70 9.27 2.07
CG MSE D 45 30.83 8.52 1.09
SE MSE D 45 29.01 8.52 1.79
CE MSE D 45 28.64 6.62 1.62
N ALA D 46 34.15 10.95 3.07
CA ALA D 46 34.82 12.24 3.26
C ALA D 46 36.30 12.21 2.84
N GLN D 47 36.95 11.03 2.93
CA GLN D 47 38.35 10.85 2.55
C GLN D 47 38.58 11.12 1.06
N LYS D 48 37.74 10.54 0.19
CA LYS D 48 37.88 10.73 -1.24
C LYS D 48 37.14 11.99 -1.72
N ASP D 49 36.03 12.38 -1.04
CA ASP D 49 35.25 13.56 -1.43
C ASP D 49 35.61 14.79 -0.61
N LYS D 50 36.45 15.68 -1.19
CA LYS D 50 36.91 16.91 -0.55
C LYS D 50 35.75 17.87 -0.29
N GLU D 51 34.78 17.95 -1.23
CA GLU D 51 33.59 18.80 -1.09
C GLU D 51 32.78 18.37 0.15
N TYR D 52 32.58 17.04 0.31
CA TYR D 52 31.85 16.42 1.42
C TYR D 52 32.56 16.64 2.76
N MSE D 53 33.89 16.50 2.78
CA MSE D 53 34.65 16.73 4.00
C MSE D 53 34.60 18.21 4.40
O MSE D 53 34.55 18.50 5.59
CB MSE D 53 36.08 16.22 3.88
CG MSE D 53 36.76 16.02 5.21
SE MSE D 53 38.67 15.78 4.98
CE MSE D 53 39.18 17.62 4.49
N GLU D 54 34.60 19.14 3.40
CA GLU D 54 34.49 20.58 3.65
C GLU D 54 33.13 20.91 4.29
N ILE D 55 32.05 20.26 3.78
CA ILE D 55 30.68 20.40 4.31
C ILE D 55 30.60 19.96 5.78
N LEU D 56 31.13 18.76 6.10
CA LEU D 56 31.13 18.18 7.44
C LEU D 56 31.96 18.99 8.44
N ASN D 57 32.90 19.79 7.94
CA ASN D 57 33.70 20.67 8.77
C ASN D 57 32.97 22.02 8.97
N ASN D 58 31.85 22.22 8.25
CA ASN D 58 31.05 23.43 8.32
C ASN D 58 29.65 23.24 8.92
N THR D 59 29.30 22.01 9.33
CA THR D 59 28.01 21.75 9.95
C THR D 59 28.02 22.15 11.43
N ASP D 60 26.86 22.58 11.93
CA ASP D 60 26.65 23.03 13.31
C ASP D 60 26.77 21.91 14.34
N LEU D 61 26.30 20.70 14.00
CA LEU D 61 26.39 19.56 14.90
C LEU D 61 26.57 18.27 14.13
N ASN D 62 27.66 17.55 14.46
CA ASN D 62 27.98 16.24 13.91
C ASN D 62 27.85 15.29 15.06
N VAL D 63 26.83 14.45 15.01
CA VAL D 63 26.48 13.52 16.07
C VAL D 63 27.05 12.08 15.78
N PRO D 64 27.55 11.38 16.82
CA PRO D 64 28.16 10.06 16.60
C PRO D 64 27.20 8.90 16.33
N ASP D 65 26.68 8.83 15.09
CA ASP D 65 25.84 7.70 14.67
C ASP D 65 26.79 6.54 14.30
N GLY D 66 26.43 5.30 14.62
CA GLY D 66 27.31 4.18 14.26
C GLY D 66 28.44 3.89 15.24
N SER D 67 28.48 2.64 15.70
CA SER D 67 29.39 2.11 16.69
C SER D 67 30.87 2.11 16.29
N GLY D 68 31.15 2.16 14.99
CA GLY D 68 32.49 2.22 14.44
C GLY D 68 33.27 3.42 14.93
N ILE D 69 32.71 4.64 14.73
CA ILE D 69 33.29 5.91 15.17
C ILE D 69 33.51 5.88 16.69
N VAL D 70 32.45 5.49 17.45
CA VAL D 70 32.49 5.42 18.91
C VAL D 70 33.58 4.45 19.37
N PHE D 71 33.79 3.32 18.66
CA PHE D 71 34.85 2.34 18.99
C PHE D 71 36.25 2.92 18.69
N ALA D 72 36.41 3.59 17.53
CA ALA D 72 37.65 4.26 17.11
C ALA D 72 38.07 5.33 18.12
N SER D 73 37.09 6.12 18.62
CA SER D 73 37.29 7.19 19.60
C SER D 73 37.89 6.68 20.91
N LYS D 74 37.71 5.37 21.23
CA LYS D 74 38.26 4.72 22.43
C LYS D 74 39.81 4.86 22.53
N VAL D 75 40.46 5.19 21.38
CA VAL D 75 41.91 5.41 21.29
C VAL D 75 42.31 6.76 21.93
N PHE D 76 41.47 7.81 21.75
CA PHE D 76 41.70 9.15 22.27
C PHE D 76 41.71 9.23 23.83
N LYS D 78 40.20 11.35 25.62
CA LYS D 78 38.77 11.62 25.90
C LYS D 78 37.82 11.07 24.76
N PRO D 79 37.47 9.76 24.81
CA PRO D 79 36.59 9.17 23.79
C PRO D 79 35.16 9.69 23.82
N LEU D 80 34.37 9.30 22.79
CA LEU D 80 32.95 9.68 22.70
C LEU D 80 32.12 8.97 23.77
N PRO D 81 31.24 9.73 24.49
CA PRO D 81 30.48 9.10 25.60
C PRO D 81 29.54 7.97 25.18
N GLU D 82 28.77 8.13 24.06
CA GLU D 82 27.82 7.11 23.61
C GLU D 82 27.50 7.23 22.12
N ARG D 83 26.78 6.21 21.55
CA ARG D 83 26.31 6.23 20.16
C ARG D 83 25.03 7.01 20.23
N VAL D 84 24.93 8.06 19.42
CA VAL D 84 23.74 8.89 19.32
C VAL D 84 23.24 8.49 17.93
N ALA D 85 22.26 7.55 17.86
CA ALA D 85 21.69 7.09 16.60
C ALA D 85 20.92 8.22 15.95
N GLY D 86 21.18 8.50 14.67
CA GLY D 86 20.48 9.53 13.92
C GLY D 86 18.98 9.36 13.92
N PHE D 87 18.50 8.11 13.78
CA PHE D 87 17.09 7.76 13.79
C PHE D 87 16.48 8.08 15.17
N ASP D 88 17.16 7.63 16.23
CA ASP D 88 16.75 7.85 17.62
C ASP D 88 16.73 9.34 18.00
N LEU D 89 17.72 10.11 17.49
CA LEU D 89 17.86 11.54 17.71
C LEU D 89 16.69 12.29 17.09
N MSE D 90 16.40 11.97 15.83
CA MSE D 90 15.32 12.58 15.05
C MSE D 90 13.99 12.39 15.78
O MSE D 90 13.21 13.35 15.91
CB MSE D 90 15.27 11.99 13.61
CG MSE D 90 14.09 12.50 12.78
SE MSE D 90 13.74 11.47 11.21
CE MSE D 90 12.01 11.94 10.91
N LEU D 91 13.73 11.15 16.28
CA LEU D 91 12.48 10.82 17.00
C LEU D 91 12.39 11.54 18.34
N GLU D 92 13.51 11.57 19.13
CA GLU D 92 13.56 12.24 20.42
C GLU D 92 13.37 13.74 20.30
N PHE D 93 13.97 14.35 19.26
CA PHE D 93 13.81 15.76 18.97
C PHE D 93 12.33 16.07 18.59
N ILE D 94 11.75 15.31 17.63
CA ILE D 94 10.35 15.42 17.21
C ILE D 94 9.43 15.27 18.43
N LYS D 95 9.69 14.27 19.29
CA LYS D 95 8.90 14.01 20.49
C LYS D 95 8.73 15.30 21.32
N GLY D 96 9.84 15.98 21.60
CA GLY D 96 9.88 17.21 22.38
C GLY D 96 9.17 18.39 21.77
N ILE D 97 9.56 18.74 20.54
CA ILE D 97 9.01 19.90 19.82
C ILE D 97 7.52 19.74 19.37
N SER D 98 7.00 18.49 19.27
CA SER D 98 5.61 18.22 18.89
C SER D 98 4.59 18.98 19.77
N SER D 99 4.83 19.02 21.09
CA SER D 99 3.95 19.70 22.05
C SER D 99 3.97 21.22 21.89
N LYS D 100 5.12 21.80 21.49
CA LYS D 100 5.32 23.24 21.31
C LYS D 100 4.85 23.76 19.93
N GLY D 101 4.34 22.84 19.09
CA GLY D 101 3.81 23.14 17.77
C GLY D 101 4.82 23.74 16.81
N VAL D 102 6.04 23.18 16.79
CA VAL D 102 7.12 23.61 15.88
C VAL D 102 6.87 22.98 14.50
N LYS D 103 6.81 23.85 13.44
CA LYS D 103 6.52 23.45 12.05
C LYS D 103 7.66 22.66 11.45
N ILE D 104 7.40 21.36 11.14
CA ILE D 104 8.35 20.38 10.57
C ILE D 104 8.02 20.12 9.10
N TYR D 105 9.05 19.93 8.27
CA TYR D 105 8.90 19.57 6.85
C TYR D 105 9.71 18.32 6.58
N LEU D 106 9.09 17.34 5.90
CA LEU D 106 9.77 16.08 5.55
C LEU D 106 10.10 16.05 4.05
N LEU D 107 11.39 16.07 3.70
CA LEU D 107 11.84 15.99 2.31
C LEU D 107 12.71 14.77 2.14
N GLY D 108 12.35 13.91 1.21
CA GLY D 108 13.13 12.72 0.91
C GLY D 108 12.34 11.47 0.62
N ALA D 109 13.08 10.42 0.27
CA ALA D 109 12.65 9.07 0.03
C ALA D 109 11.80 8.87 -1.24
N ALA D 110 11.29 7.63 -1.44
CA ALA D 110 10.48 7.28 -2.56
C ALA D 110 9.15 8.00 -2.48
N CYS D 111 8.28 7.69 -3.44
CA CYS D 111 6.96 8.24 -3.52
C CYS D 111 6.12 7.66 -2.41
N GLN D 112 5.43 8.55 -1.71
CA GLN D 112 4.50 8.27 -0.60
C GLN D 112 5.18 7.90 0.74
N VAL D 113 6.55 7.70 0.76
CA VAL D 113 7.31 7.37 1.99
C VAL D 113 7.23 8.48 3.01
N ALA D 114 7.54 9.72 2.60
CA ALA D 114 7.46 10.90 3.46
C ALA D 114 6.04 11.14 4.00
N GLU D 115 4.99 10.85 3.20
CA GLU D 115 3.59 10.99 3.62
C GLU D 115 3.18 9.90 4.63
N GLN D 116 3.64 8.64 4.42
CA GLN D 116 3.35 7.53 5.33
C GLN D 116 4.09 7.74 6.65
N ALA D 117 5.29 8.36 6.58
CA ALA D 117 6.10 8.69 7.75
C ALA D 117 5.37 9.80 8.53
N ARG D 118 4.89 10.84 7.82
CA ARG D 118 4.12 11.96 8.38
C ARG D 118 2.91 11.47 9.16
N ALA D 119 2.09 10.58 8.55
CA ALA D 119 0.91 9.98 9.18
C ALA D 119 1.28 9.25 10.48
N ASN D 120 2.35 8.44 10.43
CA ASN D 120 2.86 7.64 11.53
C ASN D 120 3.39 8.50 12.65
N LEU D 121 4.14 9.57 12.32
CA LEU D 121 4.64 10.53 13.33
C LEU D 121 3.45 11.27 13.98
N GLU D 122 2.37 11.46 13.22
CA GLU D 122 1.15 12.09 13.72
C GLU D 122 0.39 11.12 14.62
N LYS D 123 0.56 9.80 14.43
CA LYS D 123 -0.06 8.81 15.31
C LYS D 123 0.80 8.65 16.57
N LEU D 124 2.14 8.69 16.43
CA LEU D 124 3.09 8.54 17.54
C LEU D 124 3.10 9.74 18.46
N TYR D 125 3.26 10.93 17.87
CA TYR D 125 3.37 12.17 18.60
C TYR D 125 2.19 13.06 18.29
N PRO D 126 1.02 12.82 18.93
CA PRO D 126 -0.16 13.64 18.61
C PRO D 126 0.10 15.12 18.92
N GLY D 127 -0.24 15.97 17.96
CA GLY D 127 -0.03 17.40 18.08
C GLY D 127 1.14 17.90 17.25
N VAL D 128 1.87 16.94 16.62
CA VAL D 128 3.02 17.25 15.78
C VAL D 128 2.54 17.99 14.53
N LYS D 129 3.20 19.12 14.24
CA LYS D 129 2.88 19.98 13.12
C LYS D 129 3.85 19.75 11.95
N ILE D 130 3.51 18.79 11.06
CA ILE D 130 4.28 18.49 9.84
C ILE D 130 3.58 19.25 8.71
N VAL D 131 4.11 20.43 8.38
CA VAL D 131 3.52 21.38 7.44
C VAL D 131 3.64 20.98 5.96
N GLY D 132 4.53 20.04 5.64
CA GLY D 132 4.70 19.62 4.26
C GLY D 132 5.63 18.45 4.06
N THR D 133 5.44 17.73 2.94
CA THR D 133 6.25 16.58 2.56
C THR D 133 6.53 16.61 1.06
N HIS D 134 7.66 15.99 0.62
CA HIS D 134 8.04 15.81 -0.79
C HIS D 134 9.04 14.69 -0.90
N HIS D 135 9.10 13.95 -2.05
CA HIS D 135 10.07 12.84 -2.26
C HIS D 135 11.49 13.35 -2.62
N GLY D 136 12.51 12.52 -2.47
CA GLY D 136 13.88 12.92 -2.76
C GLY D 136 14.40 12.56 -4.16
N TYR D 137 13.49 12.21 -5.06
CA TYR D 137 13.84 11.87 -6.43
C TYR D 137 13.37 13.03 -7.32
N PHE D 138 13.52 14.26 -6.79
CA PHE D 138 13.21 15.49 -7.51
C PHE D 138 14.41 15.90 -8.39
N THR D 139 14.13 16.78 -9.35
CA THR D 139 15.09 17.32 -10.32
C THR D 139 15.46 18.75 -9.89
N GLU D 140 16.53 19.33 -10.48
CA GLU D 140 16.97 20.71 -10.22
C GLU D 140 15.86 21.74 -10.46
N GLU D 141 14.98 21.47 -11.44
CA GLU D 141 13.83 22.33 -11.74
C GLU D 141 12.80 22.27 -10.60
N GLU D 142 12.50 21.04 -10.11
CA GLU D 142 11.57 20.82 -9.00
C GLU D 142 12.10 21.38 -7.66
N GLU D 143 13.44 21.42 -7.51
CA GLU D 143 14.16 21.89 -6.32
C GLU D 143 13.69 23.24 -5.81
N ASN D 144 13.57 24.25 -6.70
CA ASN D 144 13.14 25.59 -6.28
C ASN D 144 11.70 25.66 -5.81
N LYS D 145 10.79 24.83 -6.37
CA LYS D 145 9.40 24.79 -5.92
C LYS D 145 9.28 24.20 -4.50
N ILE D 146 10.16 23.22 -4.17
CA ILE D 146 10.22 22.60 -2.84
C ILE D 146 10.74 23.64 -1.82
N ILE D 147 11.85 24.31 -2.16
CA ILE D 147 12.48 25.35 -1.34
C ILE D 147 11.48 26.47 -1.09
N GLU D 148 10.68 26.87 -2.11
CA GLU D 148 9.62 27.89 -1.95
C GLU D 148 8.53 27.36 -1.01
N GLU D 149 8.18 26.04 -1.12
CA GLU D 149 7.15 25.39 -0.29
C GLU D 149 7.58 25.38 1.18
N ILE D 150 8.82 24.92 1.45
CA ILE D 150 9.45 24.88 2.79
C ILE D 150 9.43 26.29 3.44
N ASN D 151 9.92 27.30 2.72
CA ASN D 151 10.01 28.67 3.16
C ASN D 151 8.63 29.26 3.43
N ASN D 152 7.71 29.18 2.45
CA ASN D 152 6.36 29.74 2.55
C ASN D 152 5.47 29.06 3.57
N LYS D 153 5.58 27.72 3.74
CA LYS D 153 4.74 26.99 4.70
C LYS D 153 5.11 27.29 6.17
N GLY D 154 6.16 28.05 6.41
CA GLY D 154 6.56 28.42 7.76
C GLY D 154 7.24 27.31 8.52
N ALA D 155 8.02 26.46 7.81
CA ALA D 155 8.76 25.34 8.41
C ALA D 155 9.99 25.85 9.14
N GLU D 156 10.24 25.32 10.35
CA GLU D 156 11.37 25.63 11.22
C GLU D 156 12.38 24.46 11.20
N VAL D 157 11.87 23.22 11.25
CA VAL D 157 12.73 22.03 11.22
C VAL D 157 12.55 21.30 9.89
N LEU D 158 13.66 20.96 9.21
CA LEU D 158 13.65 20.25 7.93
C LEU D 158 14.46 18.96 8.02
N PHE D 159 13.80 17.82 7.81
CA PHE D 159 14.47 16.51 7.84
C PHE D 159 14.65 16.05 6.42
N VAL D 160 15.90 15.88 6.00
CA VAL D 160 16.29 15.53 4.64
C VAL D 160 16.71 14.06 4.54
N ALA D 161 15.89 13.24 3.89
CA ALA D 161 16.17 11.81 3.68
C ALA D 161 16.59 11.52 2.21
N LEU D 162 17.83 11.88 1.83
CA LEU D 162 18.33 11.65 0.47
C LEU D 162 19.53 10.70 0.53
N GLY D 163 19.94 10.36 1.74
CA GLY D 163 21.10 9.52 1.97
C GLY D 163 22.37 10.35 1.84
N ALA D 164 23.42 9.86 2.46
CA ALA D 164 24.72 10.51 2.44
C ALA D 164 25.46 10.18 1.13
N PRO D 165 26.18 11.13 0.49
CA PRO D 165 26.41 12.53 0.88
C PRO D 165 25.38 13.51 0.34
N LYS D 166 24.43 13.01 -0.51
CA LYS D 166 23.39 13.75 -1.20
C LYS D 166 22.65 14.73 -0.29
N GLN D 167 22.21 14.27 0.92
CA GLN D 167 21.47 15.10 1.89
C GLN D 167 22.29 16.30 2.40
N GLU D 168 23.53 16.07 2.87
CA GLU D 168 24.44 17.13 3.36
C GLU D 168 24.79 18.11 2.24
N LYS D 169 25.07 17.59 1.03
CA LYS D 169 25.39 18.39 -0.15
C LYS D 169 24.19 19.25 -0.57
N TRP D 170 22.95 18.70 -0.50
CA TRP D 170 21.74 19.44 -0.84
C TRP D 170 21.51 20.59 0.16
N ILE D 171 21.59 20.30 1.47
CA ILE D 171 21.44 21.30 2.51
C ILE D 171 22.50 22.40 2.33
N TYR D 172 23.80 22.01 2.19
CA TYR D 172 24.89 22.96 2.01
C TYR D 172 24.73 23.85 0.76
N LYS D 173 24.38 23.26 -0.40
CA LYS D 173 24.15 24.01 -1.66
C LYS D 173 23.04 25.02 -1.51
N ASN D 174 22.00 24.71 -0.70
CA ASN D 174 20.84 25.58 -0.49
C ASN D 174 20.84 26.32 0.85
N LYS D 175 21.97 26.29 1.59
CA LYS D 175 22.12 26.90 2.91
C LYS D 175 21.64 28.36 3.00
N ASP D 176 21.88 29.15 1.93
CA ASP D 176 21.48 30.56 1.88
C ASP D 176 20.12 30.76 1.18
N LYS D 177 19.51 29.69 0.66
CA LYS D 177 18.21 29.73 -0.01
C LYS D 177 17.10 29.21 0.91
N LEU D 178 17.48 28.32 1.87
CA LEU D 178 16.58 27.62 2.80
C LEU D 178 16.43 28.39 4.09
N LYS D 179 15.18 28.82 4.43
CA LYS D 179 14.84 29.62 5.61
C LYS D 179 14.27 28.77 6.80
N VAL D 180 14.97 27.68 7.15
CA VAL D 180 14.64 26.82 8.30
C VAL D 180 15.66 27.04 9.46
N LYS D 181 15.25 26.88 10.74
CA LYS D 181 16.21 26.96 11.84
C LYS D 181 17.15 25.74 11.89
N ILE D 182 16.62 24.52 11.64
CA ILE D 182 17.39 23.27 11.61
C ILE D 182 17.16 22.54 10.30
N ALA D 183 18.24 22.02 9.69
CA ALA D 183 18.24 21.20 8.48
C ALA D 183 19.13 19.97 8.76
N MSE D 184 18.51 18.78 8.86
CA MSE D 184 19.22 17.56 9.25
C MSE D 184 19.11 16.39 8.24
O MSE D 184 18.00 16.05 7.78
CB MSE D 184 18.74 17.12 10.65
CG MSE D 184 19.42 15.89 11.25
SE MSE D 184 18.53 15.32 12.92
CE MSE D 184 19.20 13.53 13.13
N GLY D 185 20.25 15.78 7.95
CA GLY D 185 20.35 14.61 7.10
C GLY D 185 19.92 13.40 7.92
N VAL D 186 18.82 12.75 7.49
CA VAL D 186 18.25 11.61 8.24
C VAL D 186 18.38 10.25 7.52
N GLY D 187 19.17 10.17 6.43
CA GLY D 187 19.34 8.92 5.72
C GLY D 187 18.05 8.17 5.44
N GLY D 188 17.99 6.90 5.86
CA GLY D 188 16.87 5.98 5.66
C GLY D 188 15.88 5.97 6.81
N SER D 189 15.82 7.10 7.59
CA SER D 189 14.90 7.24 8.74
C SER D 189 13.43 7.25 8.33
N PHE D 190 13.12 7.88 7.20
CA PHE D 190 11.75 7.95 6.70
C PHE D 190 11.24 6.55 6.31
N ASP D 191 12.13 5.67 5.81
CA ASP D 191 11.72 4.35 5.37
C ASP D 191 11.38 3.41 6.51
N VAL D 192 12.10 3.52 7.62
CA VAL D 192 11.86 2.65 8.78
C VAL D 192 10.57 3.04 9.49
N ILE D 193 10.29 4.37 9.65
CA ILE D 193 9.06 4.86 10.31
C ILE D 193 7.86 4.71 9.45
N ALA D 194 8.00 4.84 8.10
CA ALA D 194 6.86 4.66 7.18
C ALA D 194 6.47 3.19 7.02
N GLY D 195 7.46 2.32 6.85
CA GLY D 195 7.28 0.89 6.67
C GLY D 195 6.80 0.53 5.29
N GLU E 2 33.61 -24.90 21.93
CA GLU E 2 32.69 -24.72 20.79
C GLU E 2 32.12 -23.28 20.64
N ARG E 3 32.64 -22.32 21.43
CA ARG E 3 32.26 -20.90 21.39
C ARG E 3 33.50 -20.04 21.20
N LEU E 4 33.47 -19.13 20.22
CA LEU E 4 34.59 -18.25 19.93
C LEU E 4 34.31 -16.83 20.47
N ASP E 5 35.22 -16.32 21.29
CA ASP E 5 35.14 -15.02 21.94
C ASP E 5 35.64 -13.89 21.03
N ILE E 6 34.76 -13.38 20.18
CA ILE E 6 35.07 -12.28 19.27
C ILE E 6 34.84 -10.97 20.02
N PHE E 7 35.94 -10.30 20.42
CA PHE E 7 35.94 -9.01 21.14
C PHE E 7 35.00 -8.98 22.36
N GLY E 8 35.01 -10.01 23.19
CA GLY E 8 34.17 -10.10 24.39
C GLY E 8 32.82 -10.76 24.18
N VAL E 9 32.31 -10.77 22.92
CA VAL E 9 31.00 -11.34 22.56
C VAL E 9 31.20 -12.82 22.22
N PRO E 10 30.51 -13.77 22.90
CA PRO E 10 30.66 -15.18 22.52
C PRO E 10 29.84 -15.54 21.27
N ILE E 11 30.50 -16.12 20.28
CA ILE E 11 29.85 -16.54 19.04
C ILE E 11 29.89 -18.05 19.00
N ASP E 12 28.73 -18.66 18.74
CA ASP E 12 28.61 -20.10 18.67
C ASP E 12 29.12 -20.61 17.33
N ARG E 13 30.06 -21.60 17.37
CA ARG E 13 30.68 -22.20 16.18
C ARG E 13 29.73 -23.22 15.55
N VAL E 14 28.68 -22.71 14.90
CA VAL E 14 27.59 -23.47 14.27
C VAL E 14 27.46 -23.18 12.79
N THR E 15 26.92 -24.15 12.03
CA THR E 15 26.57 -24.01 10.61
C THR E 15 25.09 -23.56 10.56
N MSE E 16 24.54 -23.27 9.37
CA MSE E 16 23.13 -22.89 9.22
C MSE E 16 22.25 -24.03 9.78
O MSE E 16 21.42 -23.79 10.66
CB MSE E 16 22.81 -22.59 7.75
CG MSE E 16 21.33 -22.31 7.44
SE MSE E 16 20.60 -20.72 8.34
CE MSE E 16 21.62 -19.29 7.45
N ILE E 17 22.51 -25.28 9.31
CA ILE E 17 21.83 -26.52 9.71
C ILE E 17 21.87 -26.69 11.23
N GLN E 18 23.07 -26.59 11.82
CA GLN E 18 23.29 -26.73 13.26
C GLN E 18 22.46 -25.75 14.09
N ALA E 19 22.43 -24.45 13.68
CA ALA E 19 21.66 -23.39 14.33
C ALA E 19 20.18 -23.74 14.33
N VAL E 20 19.65 -24.18 13.17
CA VAL E 20 18.24 -24.59 12.97
C VAL E 20 17.90 -25.75 13.91
N ASP E 21 18.77 -26.77 13.99
CA ASP E 21 18.58 -27.92 14.86
C ASP E 21 18.57 -27.52 16.31
N ILE E 22 19.48 -26.57 16.71
CA ILE E 22 19.60 -26.02 18.08
C ILE E 22 18.25 -25.41 18.47
N LEU E 23 17.69 -24.55 17.57
CA LEU E 23 16.40 -23.87 17.76
C LEU E 23 15.26 -24.87 17.90
N ASN E 24 15.26 -25.92 17.06
CA ASN E 24 14.23 -26.98 17.10
C ASN E 24 14.30 -27.73 18.43
N ASN E 25 15.53 -27.97 18.96
CA ASN E 25 15.71 -28.65 20.23
C ASN E 25 15.31 -27.75 21.37
N PHE E 26 15.54 -26.41 21.25
CA PHE E 26 15.11 -25.41 22.24
C PHE E 26 13.60 -25.53 22.48
N LEU E 27 12.83 -25.84 21.42
CA LEU E 27 11.37 -26.03 21.48
C LEU E 27 10.96 -27.21 22.38
N GLN E 28 11.90 -28.15 22.68
CA GLN E 28 11.63 -29.30 23.55
C GLN E 28 11.88 -28.97 25.05
N GLU E 29 12.50 -27.80 25.36
CA GLU E 29 12.76 -27.34 26.73
C GLU E 29 11.71 -26.31 27.16
N ASN E 30 11.05 -26.53 28.30
CA ASN E 30 10.04 -25.58 28.77
C ASN E 30 10.66 -24.45 29.62
N ARG E 31 11.37 -23.51 28.93
CA ARG E 31 11.98 -22.29 29.47
C ARG E 31 12.33 -21.35 28.31
N LEU E 32 12.48 -20.04 28.60
CA LEU E 32 12.80 -19.07 27.55
C LEU E 32 14.26 -19.18 27.15
N HIS E 33 14.51 -19.20 25.84
CA HIS E 33 15.84 -19.25 25.24
C HIS E 33 15.98 -17.95 24.48
N ILE E 34 17.09 -17.23 24.74
CA ILE E 34 17.33 -15.97 24.01
C ILE E 34 18.31 -16.25 22.87
N VAL E 35 17.88 -15.95 21.64
CA VAL E 35 18.69 -16.10 20.46
C VAL E 35 19.03 -14.70 19.95
N ALA E 36 20.29 -14.49 19.58
CA ALA E 36 20.79 -13.22 19.05
C ALA E 36 21.67 -13.54 17.85
N THR E 37 21.71 -12.64 16.87
CA THR E 37 22.52 -12.82 15.64
C THR E 37 23.61 -11.75 15.56
N PRO E 38 24.69 -11.81 16.39
CA PRO E 38 25.70 -10.73 16.35
C PRO E 38 26.41 -10.58 15.02
N ASN E 39 26.75 -9.33 14.68
CA ASN E 39 27.52 -8.90 13.51
C ASN E 39 28.58 -7.88 13.99
N ALA E 40 29.36 -7.26 13.08
CA ALA E 40 30.40 -6.29 13.47
C ALA E 40 29.80 -5.06 14.19
N GLU E 41 28.61 -4.56 13.73
CA GLU E 41 27.92 -3.44 14.37
C GLU E 41 27.51 -3.81 15.80
N ILE E 42 26.96 -5.02 16.00
CA ILE E 42 26.55 -5.54 17.32
C ILE E 42 27.75 -5.71 18.25
N VAL E 43 28.82 -6.37 17.77
CA VAL E 43 30.06 -6.61 18.53
C VAL E 43 30.71 -5.27 18.93
N MSE E 44 30.62 -4.27 18.04
CA MSE E 44 31.11 -2.92 18.25
C MSE E 44 30.31 -2.20 19.32
O MSE E 44 30.91 -1.52 20.15
CB MSE E 44 30.97 -2.13 16.96
CG MSE E 44 32.10 -1.20 16.75
SE MSE E 44 33.37 -2.10 15.65
CE MSE E 44 32.31 -1.99 13.96
N MSE E 45 28.97 -2.32 19.27
CA MSE E 45 28.02 -1.74 20.22
C MSE E 45 28.28 -2.25 21.62
O MSE E 45 28.10 -1.51 22.57
CB MSE E 45 26.59 -2.16 19.83
CG MSE E 45 25.74 -1.04 19.30
SE MSE E 45 24.25 -1.81 18.36
CE MSE E 45 24.42 -0.82 16.69
N ALA E 46 28.68 -3.54 21.74
CA ALA E 46 28.97 -4.23 22.98
C ALA E 46 30.21 -3.67 23.69
N GLN E 47 31.17 -3.09 22.92
CA GLN E 47 32.40 -2.50 23.47
C GLN E 47 32.10 -1.32 24.39
N LYS E 48 31.24 -0.39 23.94
CA LYS E 48 30.88 0.79 24.73
C LYS E 48 29.72 0.51 25.67
N ASP E 49 28.81 -0.41 25.30
CA ASP E 49 27.66 -0.76 26.14
C ASP E 49 27.89 -2.03 26.98
N LYS E 50 28.25 -1.85 28.26
CA LYS E 50 28.50 -2.96 29.19
C LYS E 50 27.24 -3.79 29.45
N GLU E 51 26.07 -3.14 29.53
CA GLU E 51 24.78 -3.81 29.73
C GLU E 51 24.52 -4.78 28.55
N TYR E 52 24.75 -4.29 27.31
CA TYR E 52 24.55 -5.04 26.06
C TYR E 52 25.51 -6.22 25.96
N MSE E 53 26.79 -6.01 26.33
CA MSE E 53 27.77 -7.08 26.31
C MSE E 53 27.44 -8.15 27.35
O MSE E 53 27.67 -9.32 27.08
CB MSE E 53 29.18 -6.55 26.50
CG MSE E 53 30.23 -7.52 25.99
SE MSE E 53 31.96 -6.96 26.52
CE MSE E 53 31.85 -7.35 28.51
N GLU E 54 26.89 -7.74 28.53
CA GLU E 54 26.44 -8.66 29.58
C GLU E 54 25.28 -9.53 29.07
N ILE E 55 24.32 -8.92 28.33
CA ILE E 55 23.18 -9.62 27.74
C ILE E 55 23.67 -10.67 26.74
N LEU E 56 24.60 -10.29 25.83
CA LEU E 56 25.14 -11.17 24.78
C LEU E 56 25.96 -12.33 25.34
N ASN E 57 26.47 -12.16 26.57
CA ASN E 57 27.19 -13.22 27.28
C ASN E 57 26.21 -14.13 28.04
N ASN E 58 24.90 -13.75 28.06
CA ASN E 58 23.85 -14.51 28.73
C ASN E 58 22.79 -15.10 27.77
N THR E 59 22.95 -14.89 26.46
CA THR E 59 22.01 -15.47 25.50
C THR E 59 22.32 -16.93 25.23
N ASP E 60 21.28 -17.72 24.94
CA ASP E 60 21.34 -19.16 24.65
C ASP E 60 22.07 -19.49 23.36
N LEU E 61 21.89 -18.67 22.31
CA LEU E 61 22.55 -18.88 21.02
C LEU E 61 22.86 -17.56 20.36
N ASN E 62 24.14 -17.35 20.04
CA ASN E 62 24.65 -16.21 19.31
C ASN E 62 25.15 -16.75 17.99
N VAL E 63 24.44 -16.43 16.94
CA VAL E 63 24.69 -16.94 15.60
C VAL E 63 25.55 -15.93 14.76
N PRO E 64 26.59 -16.39 14.06
CA PRO E 64 27.45 -15.43 13.33
C PRO E 64 26.86 -14.78 12.06
N ASP E 65 25.94 -13.83 12.22
CA ASP E 65 25.37 -13.05 11.11
C ASP E 65 26.46 -12.07 10.65
N GLY E 66 26.59 -11.87 9.35
CA GLY E 66 27.58 -10.92 8.87
C GLY E 66 28.98 -11.47 8.67
N SER E 67 29.53 -11.25 7.48
CA SER E 67 30.84 -11.70 6.99
C SER E 67 32.05 -11.18 7.76
N GLY E 68 31.89 -10.05 8.44
CA GLY E 68 32.94 -9.42 9.23
C GLY E 68 33.45 -10.33 10.32
N ILE E 69 32.53 -10.82 11.18
CA ILE E 69 32.81 -11.75 12.28
C ILE E 69 33.48 -13.01 11.75
N VAL E 70 32.87 -13.60 10.70
CA VAL E 70 33.37 -14.83 10.07
C VAL E 70 34.79 -14.61 9.51
N PHE E 71 35.08 -13.41 8.94
CA PHE E 71 36.42 -13.08 8.44
C PHE E 71 37.41 -12.93 9.61
N ALA E 72 37.01 -12.22 10.70
CA ALA E 72 37.83 -12.03 11.90
C ALA E 72 38.19 -13.36 12.53
N SER E 73 37.23 -14.32 12.58
CA SER E 73 37.43 -15.67 13.14
C SER E 73 38.51 -16.48 12.42
N LYS E 74 38.83 -16.11 11.16
CA LYS E 74 39.90 -16.76 10.37
C LYS E 74 41.27 -16.67 11.07
N VAL E 75 41.40 -15.76 12.07
CA VAL E 75 42.63 -15.60 12.90
C VAL E 75 42.79 -16.74 13.91
N PHE E 76 41.66 -17.22 14.50
CA PHE E 76 41.64 -18.31 15.48
C PHE E 76 42.08 -19.67 14.88
N LYS E 77 42.58 -20.57 15.74
CA LYS E 77 42.98 -21.91 15.31
C LYS E 77 41.75 -22.63 14.72
N LYS E 78 40.58 -22.44 15.35
CA LYS E 78 39.33 -23.03 14.89
C LYS E 78 38.29 -21.93 14.47
N PRO E 79 38.39 -21.41 13.21
CA PRO E 79 37.46 -20.36 12.78
C PRO E 79 36.02 -20.83 12.63
N LEU E 80 35.12 -19.86 12.43
CA LEU E 80 33.70 -20.13 12.24
C LEU E 80 33.45 -20.83 10.89
N PRO E 81 32.61 -21.90 10.88
CA PRO E 81 32.38 -22.64 9.61
C PRO E 81 31.75 -21.84 8.48
N GLU E 82 30.68 -21.04 8.73
CA GLU E 82 30.03 -20.25 7.69
C GLU E 82 29.30 -19.04 8.26
N ARG E 83 28.72 -18.13 7.38
CA ARG E 83 27.91 -16.99 7.90
C ARG E 83 26.51 -17.45 8.13
N VAL E 84 25.93 -17.19 9.31
CA VAL E 84 24.60 -17.69 9.57
C VAL E 84 23.69 -16.48 9.61
N ALA E 85 23.20 -16.04 8.43
CA ALA E 85 22.41 -14.82 8.38
C ALA E 85 21.12 -14.91 9.19
N GLY E 86 20.88 -13.90 10.03
CA GLY E 86 19.71 -13.81 10.90
C GLY E 86 18.38 -13.87 10.17
N PHE E 87 18.30 -13.20 9.00
CA PHE E 87 17.10 -13.21 8.14
C PHE E 87 16.88 -14.63 7.60
N ASP E 88 17.94 -15.25 7.07
CA ASP E 88 17.93 -16.61 6.53
C ASP E 88 17.63 -17.69 7.58
N LEU E 89 18.14 -17.49 8.81
CA LEU E 89 17.91 -18.39 9.95
C LEU E 89 16.44 -18.36 10.37
N MSE E 90 15.87 -17.13 10.53
CA MSE E 90 14.48 -16.88 10.91
C MSE E 90 13.55 -17.60 9.91
O MSE E 90 12.63 -18.27 10.36
CB MSE E 90 14.19 -15.37 10.96
CG MSE E 90 12.73 -15.02 11.26
SE MSE E 90 12.21 -13.15 10.96
CE MSE E 90 11.98 -13.12 9.03
N LEU E 91 13.84 -17.47 8.58
CA LEU E 91 13.03 -18.09 7.53
C LEU E 91 13.14 -19.61 7.54
N GLU E 92 14.37 -20.15 7.68
CA GLU E 92 14.61 -21.60 7.71
C GLU E 92 13.97 -22.25 8.91
N PHE E 93 14.03 -21.59 10.08
CA PHE E 93 13.40 -22.05 11.31
C PHE E 93 11.84 -22.06 11.13
N ILE E 94 11.25 -20.93 10.66
CA ILE E 94 9.81 -20.80 10.38
C ILE E 94 9.38 -21.91 9.38
N LYS E 95 10.18 -22.11 8.30
CA LYS E 95 9.91 -23.14 7.29
C LYS E 95 9.64 -24.51 7.92
N GLY E 96 10.54 -24.93 8.80
CA GLY E 96 10.44 -26.22 9.48
C GLY E 96 9.29 -26.34 10.44
N ILE E 97 9.10 -25.32 11.31
CA ILE E 97 8.05 -25.35 12.31
C ILE E 97 6.65 -25.24 11.70
N SER E 98 6.51 -24.58 10.51
CA SER E 98 5.21 -24.36 9.86
C SER E 98 4.36 -25.62 9.79
N SER E 99 4.99 -26.77 9.56
CA SER E 99 4.30 -28.07 9.45
C SER E 99 3.84 -28.60 10.80
N LYS E 100 4.60 -28.33 11.88
CA LYS E 100 4.29 -28.81 13.23
C LYS E 100 3.29 -27.92 14.00
N GLY E 101 2.82 -26.84 13.36
CA GLY E 101 1.85 -25.89 13.92
C GLY E 101 2.29 -25.18 15.19
N VAL E 102 3.57 -24.73 15.21
CA VAL E 102 4.18 -24.02 16.35
C VAL E 102 3.73 -22.57 16.35
N LYS E 103 3.12 -22.10 17.47
CA LYS E 103 2.57 -20.74 17.63
C LYS E 103 3.67 -19.66 17.64
N ILE E 104 3.68 -18.79 16.61
CA ILE E 104 4.64 -17.69 16.40
C ILE E 104 3.97 -16.34 16.68
N TYR E 105 4.71 -15.40 17.29
CA TYR E 105 4.25 -14.04 17.54
C TYR E 105 5.27 -13.08 16.94
N LEU E 106 4.80 -12.10 16.16
CA LEU E 106 5.66 -11.08 15.56
C LEU E 106 5.52 -9.73 16.29
N LEU E 107 6.59 -9.28 16.96
CA LEU E 107 6.59 -7.99 17.65
C LEU E 107 7.68 -7.10 17.05
N GLY E 108 7.28 -5.94 16.52
CA GLY E 108 8.21 -4.97 15.98
C GLY E 108 7.89 -4.36 14.63
N ALA E 109 8.68 -3.31 14.30
CA ALA E 109 8.66 -2.43 13.12
C ALA E 109 7.42 -1.52 13.10
N ALA E 110 7.40 -0.51 12.20
CA ALA E 110 6.32 0.47 12.10
C ALA E 110 4.95 -0.14 11.89
N CYS E 111 3.90 0.68 12.02
CA CYS E 111 2.50 0.31 11.88
C CYS E 111 2.27 -0.45 10.57
N GLN E 112 1.64 -1.64 10.69
CA GLN E 112 1.22 -2.58 9.66
C GLN E 112 2.37 -3.40 9.01
N VAL E 113 3.67 -3.15 9.36
CA VAL E 113 4.80 -3.94 8.83
C VAL E 113 4.75 -5.39 9.33
N ALA E 114 4.55 -5.62 10.63
CA ALA E 114 4.39 -6.98 11.21
C ALA E 114 3.20 -7.75 10.60
N GLU E 115 2.13 -7.05 10.25
CA GLU E 115 0.95 -7.66 9.68
C GLU E 115 1.18 -8.15 8.23
N GLN E 116 1.89 -7.33 7.39
CA GLN E 116 2.20 -7.70 6.00
C GLN E 116 3.23 -8.83 6.03
N ALA E 117 4.11 -8.85 7.08
CA ALA E 117 5.08 -9.93 7.27
C ALA E 117 4.28 -11.24 7.40
N ARG E 118 3.39 -11.33 8.43
CA ARG E 118 2.49 -12.45 8.68
C ARG E 118 1.75 -12.89 7.39
N ALA E 119 1.25 -11.93 6.57
CA ALA E 119 0.55 -12.21 5.31
C ALA E 119 1.48 -12.90 4.29
N ASN E 120 2.73 -12.45 4.23
CA ASN E 120 3.69 -13.04 3.30
C ASN E 120 4.16 -14.41 3.76
N LEU E 121 4.48 -14.55 5.09
CA LEU E 121 4.91 -15.82 5.71
C LEU E 121 3.79 -16.88 5.61
N GLU E 122 2.48 -16.46 5.73
CA GLU E 122 1.37 -17.41 5.54
C GLU E 122 1.27 -17.89 4.08
N LYS E 123 1.66 -17.03 3.10
CA LYS E 123 1.65 -17.40 1.69
C LYS E 123 2.88 -18.26 1.35
N LEU E 124 4.04 -17.94 1.93
CA LEU E 124 5.29 -18.70 1.71
C LEU E 124 5.27 -20.07 2.35
N TYR E 125 4.90 -20.11 3.64
CA TYR E 125 4.88 -21.33 4.43
C TYR E 125 3.45 -21.65 4.84
N PRO E 126 2.68 -22.30 3.94
CA PRO E 126 1.30 -22.65 4.31
C PRO E 126 1.29 -23.59 5.52
N GLY E 127 0.46 -23.27 6.50
CA GLY E 127 0.34 -24.04 7.72
C GLY E 127 0.93 -23.31 8.90
N VAL E 128 1.61 -22.18 8.62
CA VAL E 128 2.29 -21.40 9.66
C VAL E 128 1.25 -20.75 10.58
N LYS E 129 1.45 -20.94 11.88
CA LYS E 129 0.54 -20.42 12.91
C LYS E 129 1.14 -19.16 13.57
N ILE E 130 0.85 -17.98 12.99
CA ILE E 130 1.25 -16.67 13.55
C ILE E 130 0.03 -16.17 14.37
N VAL E 131 0.08 -16.41 15.69
CA VAL E 131 -1.01 -16.13 16.64
C VAL E 131 -1.21 -14.65 16.98
N GLY E 132 -0.23 -13.80 16.69
CA GLY E 132 -0.36 -12.38 17.00
C GLY E 132 0.76 -11.51 16.49
N THR E 133 0.47 -10.24 16.27
CA THR E 133 1.43 -9.24 15.80
C THR E 133 1.20 -7.92 16.55
N HIS E 134 2.28 -7.11 16.71
CA HIS E 134 2.24 -5.76 17.29
C HIS E 134 3.41 -4.95 16.78
N HIS E 135 3.24 -3.61 16.63
CA HIS E 135 4.29 -2.70 16.16
C HIS E 135 5.32 -2.49 17.27
N GLY E 136 6.52 -2.02 16.89
CA GLY E 136 7.61 -1.78 17.82
C GLY E 136 7.71 -0.40 18.45
N TYR E 137 6.70 0.45 18.25
CA TYR E 137 6.68 1.83 18.75
C TYR E 137 5.64 2.00 19.87
N PHE E 138 5.59 1.01 20.79
CA PHE E 138 4.69 0.95 21.95
C PHE E 138 5.26 1.70 23.14
N THR E 139 4.39 2.07 24.10
CA THR E 139 4.74 2.78 25.34
C THR E 139 4.87 1.78 26.50
N GLU E 140 5.50 2.18 27.63
CA GLU E 140 5.68 1.31 28.81
C GLU E 140 4.35 0.73 29.33
N GLU E 141 3.25 1.51 29.21
CA GLU E 141 1.90 1.10 29.59
C GLU E 141 1.41 -0.02 28.65
N GLU E 142 1.62 0.15 27.32
CA GLU E 142 1.24 -0.81 26.28
C GLU E 142 2.06 -2.11 26.38
N GLU E 143 3.31 -2.01 26.88
CA GLU E 143 4.27 -3.12 27.02
C GLU E 143 3.69 -4.34 27.73
N ASN E 144 3.02 -4.14 28.88
CA ASN E 144 2.45 -5.24 29.65
C ASN E 144 1.25 -5.91 28.95
N LYS E 145 0.46 -5.15 28.17
CA LYS E 145 -0.68 -5.70 27.43
C LYS E 145 -0.19 -6.59 26.29
N ILE E 146 0.98 -6.26 25.66
CA ILE E 146 1.60 -7.07 24.59
C ILE E 146 2.08 -8.38 25.21
N ILE E 147 2.80 -8.28 26.35
CA ILE E 147 3.36 -9.43 27.09
C ILE E 147 2.21 -10.36 27.51
N GLU E 148 1.06 -9.78 27.98
CA GLU E 148 -0.12 -10.56 28.33
C GLU E 148 -0.69 -11.24 27.06
N GLU E 149 -0.69 -10.54 25.91
CA GLU E 149 -1.20 -11.05 24.63
C GLU E 149 -0.39 -12.23 24.18
N ILE E 150 0.96 -12.09 24.20
CA ILE E 150 1.91 -13.13 23.81
C ILE E 150 1.63 -14.38 24.66
N ASN E 151 1.71 -14.22 25.99
CA ASN E 151 1.51 -15.28 26.98
C ASN E 151 0.15 -15.97 26.83
N ASN E 152 -0.95 -15.20 26.78
CA ASN E 152 -2.31 -15.73 26.67
C ASN E 152 -2.61 -16.39 25.33
N LYS E 153 -2.01 -15.89 24.23
CA LYS E 153 -2.23 -16.48 22.90
C LYS E 153 -1.49 -17.81 22.71
N GLY E 154 -0.68 -18.17 23.70
CA GLY E 154 0.07 -19.42 23.75
C GLY E 154 1.29 -19.51 22.84
N ALA E 155 1.84 -18.33 22.43
CA ALA E 155 3.01 -18.22 21.55
C ALA E 155 4.19 -18.95 22.14
N GLU E 156 4.92 -19.68 21.29
CA GLU E 156 6.12 -20.44 21.64
C GLU E 156 7.35 -19.73 21.09
N VAL E 157 7.27 -19.22 19.85
CA VAL E 157 8.37 -18.50 19.21
C VAL E 157 8.02 -17.02 19.09
N LEU E 158 8.91 -16.13 19.58
CA LEU E 158 8.71 -14.68 19.50
C LEU E 158 9.84 -14.02 18.72
N PHE E 159 9.52 -13.36 17.60
CA PHE E 159 10.51 -12.65 16.78
C PHE E 159 10.38 -11.17 17.06
N VAL E 160 11.44 -10.58 17.62
CA VAL E 160 11.48 -9.17 18.05
C VAL E 160 12.26 -8.30 17.05
N ALA E 161 11.55 -7.30 16.44
CA ALA E 161 12.05 -6.40 15.39
C ALA E 161 12.15 -4.95 15.83
N LEU E 162 12.93 -4.68 16.90
CA LEU E 162 13.11 -3.36 17.50
C LEU E 162 14.51 -2.76 17.22
N GLY E 163 15.32 -3.52 16.49
CA GLY E 163 16.70 -3.15 16.19
C GLY E 163 17.64 -3.35 17.37
N ALA E 164 18.92 -3.59 17.05
CA ALA E 164 19.94 -3.80 18.07
C ALA E 164 20.35 -2.44 18.63
N PRO E 165 20.57 -2.27 19.96
CA PRO E 165 20.49 -3.28 21.04
C PRO E 165 19.10 -3.39 21.68
N LYS E 166 18.15 -2.52 21.26
CA LYS E 166 16.78 -2.41 21.78
C LYS E 166 16.07 -3.76 21.89
N GLN E 167 16.17 -4.63 20.85
CA GLN E 167 15.52 -5.96 20.82
C GLN E 167 16.08 -6.90 21.93
N GLU E 168 17.41 -7.06 22.02
CA GLU E 168 18.09 -7.87 23.04
C GLU E 168 17.80 -7.34 24.45
N LYS E 169 17.85 -6.00 24.63
CA LYS E 169 17.56 -5.36 25.92
C LYS E 169 16.09 -5.57 26.31
N TRP E 170 15.14 -5.50 25.35
CA TRP E 170 13.71 -5.72 25.62
C TRP E 170 13.47 -7.17 26.06
N ILE E 171 14.02 -8.15 25.31
CA ILE E 171 13.90 -9.57 25.63
C ILE E 171 14.52 -9.82 27.03
N TYR E 172 15.77 -9.35 27.27
CA TYR E 172 16.44 -9.54 28.55
C TYR E 172 15.66 -8.93 29.75
N LYS E 173 15.17 -7.67 29.60
CA LYS E 173 14.40 -6.99 30.65
C LYS E 173 13.12 -7.75 31.00
N ASN E 174 12.49 -8.39 30.00
CA ASN E 174 11.25 -9.14 30.16
C ASN E 174 11.42 -10.67 30.19
N LYS E 175 12.68 -11.17 30.29
CA LYS E 175 13.02 -12.61 30.32
C LYS E 175 12.20 -13.44 31.33
N ASP E 176 11.87 -12.84 32.48
CA ASP E 176 11.09 -13.47 33.55
C ASP E 176 9.59 -13.22 33.43
N LYS E 177 9.18 -12.35 32.49
CA LYS E 177 7.78 -12.00 32.25
C LYS E 177 7.21 -12.76 31.05
N LEU E 178 8.08 -13.16 30.10
CA LEU E 178 7.66 -13.87 28.88
C LEU E 178 7.60 -15.38 29.09
N LYS E 179 6.50 -15.98 28.60
CA LYS E 179 6.23 -17.43 28.69
C LYS E 179 6.37 -18.11 27.31
N VAL E 180 7.42 -17.75 26.56
CA VAL E 180 7.70 -18.32 25.25
C VAL E 180 8.96 -19.20 25.33
N LYS E 181 9.10 -20.18 24.42
CA LYS E 181 10.28 -21.04 24.41
C LYS E 181 11.48 -20.36 23.75
N ILE E 182 11.27 -19.61 22.65
CA ILE E 182 12.33 -18.88 21.92
C ILE E 182 11.95 -17.40 21.77
N ALA E 183 12.91 -16.51 22.02
CA ALA E 183 12.77 -15.05 21.84
C ALA E 183 14.02 -14.59 21.08
N MSE E 184 13.84 -14.17 19.80
CA MSE E 184 14.94 -13.82 18.89
C MSE E 184 14.86 -12.39 18.28
O MSE E 184 13.84 -11.99 17.72
CB MSE E 184 15.05 -14.88 17.77
CG MSE E 184 16.20 -14.69 16.78
SE MSE E 184 16.03 -15.99 15.32
CE MSE E 184 17.14 -15.16 13.98
N GLY E 185 15.98 -11.68 18.38
CA GLY E 185 16.14 -10.35 17.81
C GLY E 185 16.34 -10.50 16.32
N VAL E 186 15.41 -9.93 15.52
CA VAL E 186 15.43 -10.06 14.05
C VAL E 186 15.66 -8.73 13.30
N GLY E 187 15.87 -7.63 14.01
CA GLY E 187 16.14 -6.31 13.43
C GLY E 187 15.19 -5.87 12.33
N GLY E 188 15.73 -5.60 11.16
CA GLY E 188 14.94 -5.18 10.00
C GLY E 188 14.41 -6.29 9.12
N SER E 189 14.24 -7.53 9.67
CA SER E 189 13.74 -8.72 8.95
C SER E 189 12.27 -8.61 8.57
N PHE E 190 11.45 -7.99 9.44
CA PHE E 190 10.02 -7.76 9.21
C PHE E 190 9.83 -6.79 8.03
N ASP E 191 10.68 -5.74 7.93
CA ASP E 191 10.66 -4.72 6.89
C ASP E 191 10.87 -5.29 5.49
N VAL E 192 11.85 -6.22 5.31
CA VAL E 192 12.16 -6.87 4.03
C VAL E 192 11.11 -7.88 3.61
N ILE E 193 10.63 -8.78 4.52
CA ILE E 193 9.58 -9.74 4.15
C ILE E 193 8.29 -9.02 3.86
N ALA E 194 8.02 -7.87 4.52
CA ALA E 194 6.82 -7.08 4.25
C ALA E 194 6.97 -6.14 3.03
N GLY E 195 8.19 -5.65 2.78
CA GLY E 195 8.50 -4.70 1.70
C GLY E 195 8.29 -3.25 2.10
N ARG F 3 42.29 -3.57 -13.48
CA ARG F 3 41.60 -4.27 -12.40
C ARG F 3 42.48 -4.40 -11.15
N LEU F 4 41.92 -4.09 -9.98
CA LEU F 4 42.58 -4.13 -8.68
C LEU F 4 42.04 -5.30 -7.89
N ASP F 5 42.88 -6.26 -7.54
CA ASP F 5 42.41 -7.42 -6.79
C ASP F 5 42.48 -7.22 -5.26
N ILE F 6 41.36 -6.70 -4.71
CA ILE F 6 41.12 -6.40 -3.29
C ILE F 6 40.72 -7.74 -2.64
N PHE F 7 41.61 -8.32 -1.83
CA PHE F 7 41.42 -9.57 -1.08
C PHE F 7 40.82 -10.73 -1.92
N GLY F 8 41.39 -10.95 -3.11
CA GLY F 8 40.95 -12.02 -4.00
C GLY F 8 39.84 -11.66 -4.97
N VAL F 9 39.05 -10.61 -4.65
CA VAL F 9 37.96 -10.15 -5.47
C VAL F 9 38.51 -9.11 -6.48
N PRO F 10 38.35 -9.30 -7.81
CA PRO F 10 38.81 -8.27 -8.75
C PRO F 10 37.83 -7.09 -8.83
N ILE F 11 38.32 -5.86 -8.65
CA ILE F 11 37.50 -4.66 -8.72
C ILE F 11 37.96 -3.87 -9.93
N ASP F 12 37.00 -3.47 -10.76
CA ASP F 12 37.29 -2.69 -11.96
C ASP F 12 37.52 -1.22 -11.60
N ARG F 13 38.66 -0.66 -12.03
CA ARG F 13 39.05 0.73 -11.74
C ARG F 13 38.32 1.71 -12.67
N VAL F 14 37.01 1.86 -12.45
CA VAL F 14 36.11 2.69 -13.25
C VAL F 14 35.45 3.81 -12.40
N THR F 15 35.02 4.89 -13.08
CA THR F 15 34.27 6.00 -12.50
C THR F 15 32.81 5.67 -12.74
N MSE F 16 31.87 6.50 -12.22
CA MSE F 16 30.44 6.31 -12.42
C MSE F 16 30.12 6.31 -13.94
O MSE F 16 29.56 5.35 -14.46
CB MSE F 16 29.67 7.40 -11.66
CG MSE F 16 28.17 7.36 -11.85
SE MSE F 16 27.29 5.70 -11.25
CE MSE F 16 27.61 5.87 -9.32
N ILE F 17 30.61 7.36 -14.64
CA ILE F 17 30.46 7.54 -16.10
C ILE F 17 30.99 6.33 -16.86
N GLN F 18 32.23 5.91 -16.54
CA GLN F 18 32.89 4.76 -17.18
C GLN F 18 32.07 3.47 -17.07
N ALA F 19 31.55 3.18 -15.86
CA ALA F 19 30.72 2.00 -15.56
C ALA F 19 29.48 2.00 -16.43
N VAL F 20 28.79 3.17 -16.53
CA VAL F 20 27.57 3.38 -17.34
C VAL F 20 27.87 3.10 -18.82
N ASP F 21 28.98 3.65 -19.35
CA ASP F 21 29.42 3.42 -20.73
C ASP F 21 29.72 1.95 -21.00
N ILE F 22 30.38 1.25 -20.04
CA ILE F 22 30.69 -0.19 -20.09
C ILE F 22 29.38 -0.97 -20.28
N LEU F 23 28.37 -0.68 -19.41
CA LEU F 23 27.04 -1.30 -19.43
C LEU F 23 26.33 -1.06 -20.77
N ASN F 24 26.40 0.19 -21.30
CA ASN F 24 25.80 0.56 -22.58
C ASN F 24 26.45 -0.23 -23.73
N ASN F 25 27.78 -0.43 -23.65
CA ASN F 25 28.51 -1.19 -24.66
C ASN F 25 28.20 -2.67 -24.55
N PHE F 26 27.98 -3.19 -23.32
CA PHE F 26 27.58 -4.59 -23.09
C PHE F 26 26.30 -4.90 -23.88
N LEU F 27 25.38 -3.90 -23.99
CA LEU F 27 24.14 -4.01 -24.73
C LEU F 27 24.37 -4.27 -26.24
N GLN F 28 25.59 -4.00 -26.76
CA GLN F 28 25.95 -4.23 -28.17
C GLN F 28 26.47 -5.67 -28.42
N GLU F 29 26.74 -6.45 -27.35
CA GLU F 29 27.21 -7.84 -27.44
C GLU F 29 26.05 -8.79 -27.18
N ASN F 30 25.80 -9.72 -28.10
CA ASN F 30 24.71 -10.68 -27.93
C ASN F 30 25.13 -11.92 -27.09
N ARG F 31 25.34 -11.67 -25.78
CA ARG F 31 25.67 -12.67 -24.74
C ARG F 31 25.42 -12.09 -23.35
N LEU F 32 25.23 -12.95 -22.34
CA LEU F 32 24.96 -12.48 -20.99
C LEU F 32 26.23 -11.95 -20.34
N HIS F 33 26.11 -10.77 -19.71
CA HIS F 33 27.17 -10.10 -18.97
C HIS F 33 26.72 -10.04 -17.55
N ILE F 34 27.56 -10.51 -16.62
CA ILE F 34 27.22 -10.47 -15.20
C ILE F 34 27.88 -9.27 -14.57
N VAL F 35 27.06 -8.40 -13.97
CA VAL F 35 27.51 -7.20 -13.27
C VAL F 35 27.26 -7.42 -11.78
N ALA F 36 28.27 -7.11 -10.97
CA ALA F 36 28.24 -7.22 -9.51
C ALA F 36 28.81 -5.96 -8.92
N THR F 37 28.33 -5.57 -7.75
CA THR F 37 28.78 -4.33 -7.09
C THR F 37 29.44 -4.68 -5.75
N PRO F 38 30.67 -5.27 -5.72
CA PRO F 38 31.27 -5.64 -4.43
C PRO F 38 31.52 -4.47 -3.47
N ASN F 39 31.41 -4.77 -2.17
CA ASN F 39 31.65 -3.87 -1.03
C ASN F 39 32.43 -4.67 0.03
N ALA F 40 32.72 -4.09 1.22
CA ALA F 40 33.44 -4.78 2.29
C ALA F 40 32.73 -6.05 2.76
N GLU F 41 31.37 -6.03 2.87
CA GLU F 41 30.55 -7.20 3.24
C GLU F 41 30.71 -8.29 2.21
N ILE F 42 30.60 -7.95 0.90
CA ILE F 42 30.75 -8.89 -0.21
C ILE F 42 32.17 -9.50 -0.25
N VAL F 43 33.22 -8.65 -0.15
CA VAL F 43 34.63 -9.06 -0.20
C VAL F 43 34.95 -10.01 0.97
N MSE F 44 34.35 -9.74 2.16
CA MSE F 44 34.49 -10.57 3.35
C MSE F 44 33.75 -11.93 3.17
O MSE F 44 34.30 -12.95 3.56
CB MSE F 44 33.97 -9.82 4.56
CG MSE F 44 35.00 -9.62 5.65
SE MSE F 44 35.44 -7.81 6.17
CE MSE F 44 33.66 -7.05 6.48
N MSE F 45 32.54 -11.92 2.54
CA MSE F 45 31.73 -13.11 2.25
C MSE F 45 32.51 -14.06 1.33
O MSE F 45 32.39 -15.28 1.48
CB MSE F 45 30.45 -12.72 1.52
CG MSE F 45 29.19 -12.87 2.33
SE MSE F 45 27.78 -11.76 1.51
CE MSE F 45 27.20 -10.80 3.04
N ALA F 46 33.28 -13.50 0.36
CA ALA F 46 34.10 -14.21 -0.61
C ALA F 46 35.27 -14.97 0.03
N GLN F 47 35.76 -14.51 1.20
CA GLN F 47 36.86 -15.15 1.93
C GLN F 47 36.46 -16.55 2.40
N LYS F 48 35.28 -16.70 3.01
CA LYS F 48 34.81 -17.99 3.50
C LYS F 48 34.08 -18.80 2.42
N ASP F 49 33.45 -18.14 1.45
CA ASP F 49 32.73 -18.81 0.37
C ASP F 49 33.53 -18.88 -0.93
N LYS F 50 34.15 -20.04 -1.18
CA LYS F 50 34.94 -20.33 -2.38
C LYS F 50 34.11 -20.22 -3.67
N GLU F 51 32.86 -20.72 -3.63
CA GLU F 51 31.91 -20.66 -4.76
C GLU F 51 31.65 -19.20 -5.14
N TYR F 52 31.39 -18.34 -4.13
CA TYR F 52 31.10 -16.91 -4.28
C TYR F 52 32.31 -16.15 -4.83
N MSE F 53 33.52 -16.48 -4.32
CA MSE F 53 34.73 -15.83 -4.81
C MSE F 53 35.04 -16.23 -6.24
O MSE F 53 35.52 -15.39 -7.00
CB MSE F 53 35.92 -16.10 -3.89
CG MSE F 53 37.05 -15.08 -4.07
SE MSE F 53 38.65 -15.70 -3.22
CE MSE F 53 39.15 -17.19 -4.44
N GLU F 54 34.73 -17.49 -6.62
CA GLU F 54 34.88 -17.99 -8.00
C GLU F 54 33.92 -17.23 -8.95
N ILE F 55 32.67 -16.99 -8.50
CA ILE F 55 31.66 -16.23 -9.26
C ILE F 55 32.15 -14.80 -9.52
N LEU F 56 32.64 -14.10 -8.47
CA LEU F 56 33.13 -12.72 -8.53
C LEU F 56 34.39 -12.57 -9.41
N ASN F 57 35.13 -13.67 -9.60
CA ASN F 57 36.30 -13.68 -10.47
C ASN F 57 35.87 -14.01 -11.92
N ASN F 58 34.57 -14.34 -12.13
CA ASN F 58 34.00 -14.66 -13.43
C ASN F 58 32.97 -13.64 -13.94
N THR F 59 32.70 -12.59 -13.15
CA THR F 59 31.75 -11.55 -13.58
C THR F 59 32.41 -10.57 -14.54
N ASP F 60 31.59 -10.04 -15.47
CA ASP F 60 32.00 -9.08 -16.51
C ASP F 60 32.42 -7.73 -15.97
N LEU F 61 31.71 -7.24 -14.92
CA LEU F 61 32.03 -5.96 -14.30
C LEU F 61 31.76 -5.99 -12.81
N ASN F 62 32.80 -5.72 -12.02
CA ASN F 62 32.72 -5.60 -10.57
C ASN F 62 32.97 -4.14 -10.28
N VAL F 63 31.95 -3.46 -9.82
CA VAL F 63 31.96 -2.04 -9.59
C VAL F 63 32.22 -1.74 -8.08
N PRO F 64 33.10 -0.75 -7.78
CA PRO F 64 33.42 -0.45 -6.36
C PRO F 64 32.33 0.23 -5.54
N ASP F 65 31.28 -0.54 -5.16
CA ASP F 65 30.21 -0.03 -4.29
C ASP F 65 30.77 0.02 -2.85
N GLY F 66 30.47 1.06 -2.10
CA GLY F 66 30.95 1.11 -0.73
C GLY F 66 32.33 1.71 -0.55
N SER F 67 32.40 2.67 0.39
CA SER F 67 33.55 3.47 0.74
C SER F 67 34.71 2.71 1.32
N GLY F 68 34.43 1.53 1.88
CA GLY F 68 35.44 0.66 2.49
C GLY F 68 36.52 0.26 1.50
N ILE F 69 36.08 -0.36 0.38
CA ILE F 69 36.94 -0.81 -0.72
C ILE F 69 37.75 0.37 -1.26
N VAL F 70 37.07 1.50 -1.53
CA VAL F 70 37.69 2.71 -2.09
C VAL F 70 38.73 3.28 -1.14
N ALA F 72 40.44 1.38 1.23
CA ALA F 72 41.48 0.36 1.17
C ALA F 72 42.38 0.49 -0.06
N SER F 73 41.78 0.78 -1.23
CA SER F 73 42.50 0.94 -2.50
C SER F 73 43.53 2.07 -2.48
N VAL F 75 46.01 2.10 -0.70
CA VAL F 75 47.23 1.33 -0.52
C VAL F 75 47.91 1.02 -1.86
N PHE F 76 47.13 0.74 -2.91
CA PHE F 76 47.65 0.43 -4.23
C PHE F 76 48.33 1.62 -4.91
N LYS F 77 49.27 1.34 -5.85
CA LYS F 77 49.96 2.38 -6.62
C LYS F 77 48.93 3.21 -7.40
N LYS F 78 47.90 2.54 -7.95
CA LYS F 78 46.81 3.19 -8.68
C LYS F 78 45.44 2.95 -7.97
N PRO F 79 45.08 3.76 -6.93
CA PRO F 79 43.80 3.56 -6.22
C PRO F 79 42.57 3.79 -7.08
N LEU F 80 41.40 3.34 -6.56
CA LEU F 80 40.12 3.46 -7.23
C LEU F 80 39.71 4.95 -7.32
N PRO F 81 39.22 5.40 -8.50
CA PRO F 81 38.88 6.82 -8.67
C PRO F 81 37.75 7.35 -7.77
N GLU F 82 36.64 6.59 -7.64
CA GLU F 82 35.51 7.02 -6.84
C GLU F 82 34.65 5.87 -6.34
N ARG F 83 33.67 6.19 -5.41
CA ARG F 83 32.65 5.25 -4.93
C ARG F 83 31.61 5.20 -6.05
N VAL F 84 31.38 4.02 -6.61
CA VAL F 84 30.43 3.80 -7.72
C VAL F 84 29.30 2.91 -7.16
N ALA F 85 28.38 3.54 -6.45
CA ALA F 85 27.29 2.88 -5.77
C ALA F 85 26.38 2.10 -6.71
N GLY F 86 26.07 0.87 -6.33
CA GLY F 86 25.21 -0.04 -7.08
C GLY F 86 23.82 0.50 -7.33
N PHE F 87 23.22 1.18 -6.32
CA PHE F 87 21.91 1.80 -6.41
C PHE F 87 21.98 2.96 -7.44
N ASP F 88 23.00 3.82 -7.28
CA ASP F 88 23.23 4.96 -8.16
C ASP F 88 23.53 4.55 -9.61
N LEU F 89 24.29 3.45 -9.79
CA LEU F 89 24.63 2.89 -11.10
C LEU F 89 23.37 2.38 -11.81
N MSE F 90 22.53 1.59 -11.09
CA MSE F 90 21.29 1.02 -11.60
C MSE F 90 20.38 2.15 -12.11
O MSE F 90 19.82 2.04 -13.18
CB MSE F 90 20.60 0.19 -10.50
CG MSE F 90 19.26 -0.37 -10.93
SE MSE F 90 18.21 -1.07 -9.46
CE MSE F 90 16.50 -1.10 -10.30
N LEU F 91 20.25 3.24 -11.33
CA LEU F 91 19.41 4.41 -11.70
C LEU F 91 19.99 5.16 -12.89
N GLU F 92 21.32 5.42 -12.93
CA GLU F 92 21.98 6.11 -14.03
C GLU F 92 21.91 5.34 -15.32
N PHE F 93 22.08 3.99 -15.24
CA PHE F 93 21.95 3.11 -16.38
C PHE F 93 20.50 3.13 -16.93
N ILE F 94 19.49 2.91 -16.05
CA ILE F 94 18.07 2.96 -16.38
C ILE F 94 17.74 4.32 -16.99
N LYS F 95 18.22 5.44 -16.41
CA LYS F 95 18.02 6.81 -16.91
C LYS F 95 18.33 6.90 -18.41
N GLY F 96 19.52 6.41 -18.79
CA GLY F 96 19.99 6.44 -20.18
C GLY F 96 19.23 5.56 -21.13
N ILE F 97 19.06 4.26 -20.80
CA ILE F 97 18.40 3.26 -21.64
C ILE F 97 16.86 3.46 -21.74
N SER F 98 16.26 4.23 -20.81
CA SER F 98 14.82 4.52 -20.77
C SER F 98 14.31 5.24 -22.03
N SER F 99 15.17 6.02 -22.73
CA SER F 99 14.86 6.73 -24.01
C SER F 99 15.07 5.82 -25.25
N LYS F 100 15.99 4.84 -25.15
CA LYS F 100 16.31 3.88 -26.22
C LYS F 100 15.31 2.70 -26.27
N GLY F 101 14.37 2.64 -25.31
CA GLY F 101 13.36 1.60 -25.22
C GLY F 101 13.90 0.20 -25.01
N VAL F 102 14.92 0.08 -24.15
CA VAL F 102 15.58 -1.19 -23.80
C VAL F 102 14.72 -1.94 -22.77
N LYS F 103 14.30 -3.19 -23.12
CA LYS F 103 13.43 -4.02 -22.31
C LYS F 103 14.10 -4.46 -21.00
N ILE F 104 13.57 -3.98 -19.83
CA ILE F 104 14.07 -4.26 -18.48
C ILE F 104 13.11 -5.23 -17.77
N TYR F 105 13.66 -6.13 -16.94
CA TYR F 105 12.88 -7.06 -16.14
C TYR F 105 13.36 -6.93 -14.69
N LEU F 106 12.41 -6.79 -13.75
CA LEU F 106 12.74 -6.69 -12.33
C LEU F 106 12.40 -8.00 -11.59
N LEU F 107 13.44 -8.71 -11.09
CA LEU F 107 13.25 -9.96 -10.33
C LEU F 107 13.80 -9.81 -8.95
N GLY F 108 12.98 -10.13 -7.97
CA GLY F 108 13.40 -10.03 -6.59
C GLY F 108 12.52 -9.14 -5.74
N ALA F 109 12.79 -9.18 -4.41
CA ALA F 109 12.15 -8.52 -3.31
C ALA F 109 10.86 -9.26 -2.88
N ALA F 110 10.13 -8.75 -1.83
CA ALA F 110 8.88 -9.35 -1.32
C ALA F 110 7.71 -9.03 -2.25
N CYS F 111 6.55 -9.67 -2.03
CA CYS F 111 5.39 -9.48 -2.92
C CYS F 111 5.02 -8.01 -3.07
N GLN F 112 4.85 -7.56 -4.33
CA GLN F 112 4.46 -6.21 -4.76
C GLN F 112 5.62 -5.18 -4.76
N VAL F 113 6.80 -5.54 -4.17
CA VAL F 113 7.96 -4.63 -4.13
C VAL F 113 8.48 -4.38 -5.53
N ALA F 114 8.76 -5.48 -6.28
CA ALA F 114 9.17 -5.40 -7.68
C ALA F 114 8.19 -4.50 -8.54
N GLU F 115 6.85 -4.60 -8.31
CA GLU F 115 5.81 -3.87 -9.07
C GLU F 115 5.74 -2.39 -8.68
N GLN F 116 5.98 -2.08 -7.36
CA GLN F 116 5.98 -0.71 -6.86
C GLN F 116 7.24 0.01 -7.38
N ALA F 117 8.41 -0.70 -7.41
CA ALA F 117 9.68 -0.25 -8.01
C ALA F 117 9.41 0.22 -9.45
N ARG F 118 8.90 -0.75 -10.24
CA ARG F 118 8.49 -0.63 -11.63
C ARG F 118 7.70 0.64 -11.96
N ALA F 119 6.63 0.92 -11.16
CA ALA F 119 5.71 2.08 -11.30
C ALA F 119 6.44 3.38 -10.95
N ASN F 120 7.23 3.35 -9.85
CA ASN F 120 8.08 4.46 -9.38
C ASN F 120 9.16 4.86 -10.44
N LEU F 121 9.81 3.85 -11.10
CA LEU F 121 10.79 4.06 -12.19
C LEU F 121 10.08 4.59 -13.47
N GLU F 122 8.83 4.16 -13.72
CA GLU F 122 8.03 4.65 -14.85
C GLU F 122 7.65 6.14 -14.66
N LYS F 123 7.49 6.58 -13.38
CA LYS F 123 7.19 7.98 -13.07
C LYS F 123 8.48 8.83 -13.12
N LEU F 124 9.62 8.26 -12.68
CA LEU F 124 10.92 8.94 -12.69
C LEU F 124 11.48 9.10 -14.10
N TYR F 125 11.51 7.99 -14.83
CA TYR F 125 12.07 7.93 -16.17
C TYR F 125 10.97 7.61 -17.17
N PRO F 126 10.19 8.63 -17.58
CA PRO F 126 9.12 8.38 -18.53
C PRO F 126 9.63 7.76 -19.83
N GLY F 127 8.97 6.69 -20.27
CA GLY F 127 9.34 5.96 -21.48
C GLY F 127 10.12 4.69 -21.19
N VAL F 128 10.42 4.43 -19.89
CA VAL F 128 11.13 3.23 -19.48
C VAL F 128 10.28 1.98 -19.76
N LYS F 129 10.91 0.99 -20.42
CA LYS F 129 10.25 -0.25 -20.80
C LYS F 129 10.57 -1.38 -19.83
N ILE F 130 9.78 -1.52 -18.74
CA ILE F 130 9.89 -2.61 -17.78
C ILE F 130 8.85 -3.66 -18.20
N VAL F 131 9.32 -4.68 -18.94
CA VAL F 131 8.51 -5.73 -19.56
C VAL F 131 7.95 -6.78 -18.57
N GLY F 132 8.48 -6.83 -17.35
CA GLY F 132 8.01 -7.80 -16.38
C GLY F 132 8.64 -7.70 -15.01
N THR F 133 7.91 -8.20 -14.00
CA THR F 133 8.36 -8.22 -12.61
C THR F 133 7.96 -9.56 -11.95
N HIS F 134 8.76 -10.01 -10.94
CA HIS F 134 8.49 -11.18 -10.10
C HIS F 134 9.19 -11.02 -8.78
N HIS F 135 8.60 -11.55 -7.67
CA HIS F 135 9.19 -11.49 -6.33
C HIS F 135 10.37 -12.48 -6.24
N GLY F 136 11.21 -12.34 -5.22
CA GLY F 136 12.35 -13.23 -5.08
C GLY F 136 12.20 -14.39 -4.12
N TYR F 137 10.95 -14.72 -3.76
CA TYR F 137 10.65 -15.80 -2.85
C TYR F 137 9.94 -16.92 -3.60
N PHE F 138 10.53 -17.28 -4.76
CA PHE F 138 10.10 -18.34 -5.66
C PHE F 138 10.80 -19.68 -5.34
N THR F 139 10.18 -20.78 -5.80
CA THR F 139 10.65 -22.14 -5.64
C THR F 139 11.36 -22.60 -6.92
N GLU F 140 12.13 -23.72 -6.87
CA GLU F 140 12.86 -24.28 -8.03
C GLU F 140 11.92 -24.57 -9.20
N GLU F 141 10.66 -24.97 -8.91
CA GLU F 141 9.61 -25.24 -9.91
C GLU F 141 9.21 -23.92 -10.60
N GLU F 142 8.99 -22.85 -9.81
CA GLU F 142 8.62 -21.52 -10.30
C GLU F 142 9.76 -20.87 -11.10
N GLU F 143 11.02 -21.20 -10.76
CA GLU F 143 12.25 -20.67 -11.35
C GLU F 143 12.26 -20.72 -12.88
N ASN F 144 11.92 -21.89 -13.46
CA ASN F 144 11.92 -22.06 -14.92
C ASN F 144 10.83 -21.24 -15.63
N LYS F 145 9.66 -21.06 -14.99
CA LYS F 145 8.59 -20.26 -15.58
C LYS F 145 8.96 -18.76 -15.61
N ILE F 146 9.75 -18.28 -14.61
CA ILE F 146 10.23 -16.89 -14.56
C ILE F 146 11.27 -16.70 -15.67
N ILE F 147 12.22 -17.65 -15.78
CA ILE F 147 13.28 -17.63 -16.79
C ILE F 147 12.66 -17.64 -18.20
N GLU F 148 11.58 -18.45 -18.40
CA GLU F 148 10.83 -18.47 -19.65
C GLU F 148 10.15 -17.12 -19.90
N GLU F 149 9.61 -16.49 -18.83
CA GLU F 149 8.95 -15.17 -18.90
C GLU F 149 9.94 -14.09 -19.34
N ILE F 150 11.15 -14.07 -18.73
CA ILE F 150 12.24 -13.11 -19.04
C ILE F 150 12.65 -13.23 -20.51
N ASN F 151 12.94 -14.49 -20.94
CA ASN F 151 13.35 -14.86 -22.29
C ASN F 151 12.29 -14.52 -23.32
N ASN F 152 11.03 -14.94 -23.08
CA ASN F 152 9.93 -14.72 -24.01
C ASN F 152 9.52 -13.28 -24.13
N LYS F 153 9.56 -12.50 -23.01
CA LYS F 153 9.19 -11.08 -23.00
C LYS F 153 10.23 -10.20 -23.73
N GLY F 154 11.36 -10.82 -24.08
CA GLY F 154 12.45 -10.18 -24.81
C GLY F 154 13.32 -9.25 -23.99
N ALA F 155 13.34 -9.43 -22.65
CA ALA F 155 14.13 -8.63 -21.74
C ALA F 155 15.61 -8.65 -22.13
N GLU F 156 16.25 -7.49 -22.04
CA GLU F 156 17.67 -7.30 -22.34
C GLU F 156 18.43 -7.07 -21.04
N VAL F 157 17.85 -6.25 -20.12
CA VAL F 157 18.47 -5.95 -18.83
C VAL F 157 17.67 -6.62 -17.72
N LEU F 158 18.34 -7.35 -16.83
CA LEU F 158 17.69 -8.04 -15.71
C LEU F 158 18.31 -7.60 -14.39
N PHE F 159 17.51 -6.99 -13.51
CA PHE F 159 17.98 -6.54 -12.20
C PHE F 159 17.49 -7.52 -11.16
N VAL F 160 18.44 -8.17 -10.47
CA VAL F 160 18.18 -9.22 -9.49
C VAL F 160 18.34 -8.69 -8.06
N ALA F 161 17.21 -8.53 -7.35
CA ALA F 161 17.19 -8.06 -5.96
C ALA F 161 16.99 -9.24 -4.99
N LEU F 162 17.99 -10.11 -4.89
CA LEU F 162 17.94 -11.27 -4.01
C LEU F 162 18.87 -11.14 -2.77
N GLY F 163 19.78 -10.15 -2.79
CA GLY F 163 20.73 -9.92 -1.72
C GLY F 163 21.94 -10.81 -1.90
N ALA F 164 23.14 -10.28 -1.57
CA ALA F 164 24.38 -11.01 -1.76
C ALA F 164 24.50 -12.10 -0.71
N PRO F 165 25.00 -13.31 -1.04
CA PRO F 165 25.51 -13.80 -2.33
C PRO F 165 24.44 -14.42 -3.24
N LYS F 166 23.20 -14.58 -2.72
CA LYS F 166 22.02 -15.19 -3.36
C LYS F 166 21.83 -14.74 -4.81
N GLN F 167 21.86 -13.40 -5.07
CA GLN F 167 21.68 -12.81 -6.41
C GLN F 167 22.77 -13.26 -7.42
N GLU F 168 24.07 -13.13 -7.05
CA GLU F 168 25.21 -13.55 -7.89
C GLU F 168 25.16 -15.05 -8.17
N LYS F 169 24.85 -15.85 -7.13
CA LYS F 169 24.72 -17.31 -7.23
C LYS F 169 23.56 -17.69 -8.16
N TRP F 170 22.41 -16.98 -8.09
CA TRP F 170 21.24 -17.25 -8.95
C TRP F 170 21.57 -16.95 -10.41
N ILE F 171 22.16 -15.76 -10.68
CA ILE F 171 22.56 -15.36 -12.03
C ILE F 171 23.56 -16.37 -12.57
N TYR F 172 24.65 -16.70 -11.80
CA TYR F 172 25.65 -17.66 -12.22
C TYR F 172 25.08 -19.04 -12.54
N LYS F 173 24.22 -19.60 -11.66
CA LYS F 173 23.59 -20.91 -11.87
C LYS F 173 22.74 -20.95 -13.11
N ASN F 174 22.11 -19.82 -13.47
CA ASN F 174 21.24 -19.71 -14.66
C ASN F 174 21.86 -18.97 -15.83
N LYS F 175 23.18 -18.69 -15.78
CA LYS F 175 23.92 -17.96 -16.82
C LYS F 175 23.68 -18.49 -18.25
N ASP F 176 23.53 -19.81 -18.40
CA ASP F 176 23.32 -20.42 -19.70
C ASP F 176 21.84 -20.66 -20.02
N LYS F 177 20.95 -20.32 -19.08
CA LYS F 177 19.50 -20.45 -19.26
C LYS F 177 18.86 -19.09 -19.61
N LEU F 178 19.49 -17.97 -19.18
CA LEU F 178 18.99 -16.61 -19.43
C LEU F 178 19.48 -16.07 -20.77
N LYS F 179 18.56 -15.45 -21.51
CA LYS F 179 18.84 -14.86 -22.81
C LYS F 179 18.81 -13.33 -22.75
N VAL F 180 19.42 -12.76 -21.71
CA VAL F 180 19.46 -11.30 -21.49
C VAL F 180 20.90 -10.82 -21.71
N LYS F 181 21.08 -9.55 -22.07
CA LYS F 181 22.41 -9.02 -22.30
C LYS F 181 23.14 -8.68 -20.99
N ILE F 182 22.42 -8.08 -20.01
CA ILE F 182 22.97 -7.73 -18.69
C ILE F 182 22.13 -8.35 -17.57
N ALA F 183 22.79 -8.93 -16.56
CA ALA F 183 22.19 -9.50 -15.37
C ALA F 183 22.99 -8.95 -14.18
N MSE F 184 22.34 -8.08 -13.35
CA MSE F 184 22.99 -7.39 -12.25
C MSE F 184 22.33 -7.60 -10.88
O MSE F 184 21.12 -7.47 -10.74
CB MSE F 184 23.08 -5.89 -12.61
CG MSE F 184 23.82 -5.00 -11.58
SE MSE F 184 23.65 -3.13 -12.14
CE MSE F 184 24.04 -2.25 -10.47
N GLY F 185 23.17 -7.86 -9.87
CA GLY F 185 22.74 -8.02 -8.50
C GLY F 185 22.58 -6.63 -7.91
N VAL F 186 21.33 -6.30 -7.50
CA VAL F 186 20.99 -4.96 -6.99
C VAL F 186 20.60 -4.92 -5.49
N GLY F 187 20.62 -6.07 -4.81
CA GLY F 187 20.28 -6.20 -3.40
C GLY F 187 18.98 -5.55 -2.99
N GLY F 188 19.06 -4.60 -2.08
CA GLY F 188 17.89 -3.92 -1.57
C GLY F 188 17.49 -2.69 -2.38
N SER F 189 17.98 -2.55 -3.65
CA SER F 189 17.66 -1.39 -4.51
C SER F 189 16.20 -1.26 -4.80
N PHE F 190 15.48 -2.40 -4.97
CA PHE F 190 14.02 -2.41 -5.24
C PHE F 190 13.25 -1.89 -4.03
N ASP F 191 13.78 -2.06 -2.80
CA ASP F 191 13.09 -1.60 -1.60
C ASP F 191 13.13 -0.13 -1.41
N VAL F 192 14.28 0.47 -1.74
CA VAL F 192 14.50 1.91 -1.56
C VAL F 192 13.74 2.68 -2.59
N ILE F 193 13.77 2.24 -3.87
CA ILE F 193 13.03 2.92 -4.95
C ILE F 193 11.52 2.65 -4.85
N ALA F 194 11.06 1.44 -4.43
CA ALA F 194 9.62 1.17 -4.26
C ALA F 194 9.04 1.99 -3.10
N GLY F 195 9.68 1.92 -1.92
CA GLY F 195 9.28 2.60 -0.69
C GLY F 195 7.83 2.38 -0.29
N1 UDP G . -12.08 9.33 -11.69
C2 UDP G . -11.09 9.76 -12.57
N3 UDP G . -11.16 11.07 -12.92
C4 UDP G . -12.06 12.02 -12.47
C5 UDP G . -13.02 11.52 -11.53
C6 UDP G . -13.01 10.22 -11.19
O2 UDP G . -10.20 9.02 -12.97
O4 UDP G . -11.96 13.19 -12.85
C1' UDP G . -12.22 7.88 -11.46
C2' UDP G . -12.30 7.44 -10.01
O2' UDP G . -11.00 7.36 -9.44
C3' UDP G . -12.97 6.07 -10.17
C4' UDP G . -13.95 6.30 -11.32
O4' UDP G . -13.44 7.44 -12.05
O3' UDP G . -12.04 5.05 -10.52
C5' UDP G . -15.36 6.60 -10.91
O5' UDP G . -16.06 5.37 -10.64
PA UDP G . -17.68 5.28 -10.59
O1A UDP G . -18.17 4.10 -9.84
O2A UDP G . -18.22 6.55 -9.89
O3A UDP G . -18.23 5.27 -12.09
PB UDP G . -19.27 4.38 -12.91
O1B UDP G . -19.01 2.90 -12.72
O2B UDP G . -20.67 4.84 -12.44
O3B UDP G . -19.15 4.81 -14.40
HN3 UDP G . -10.50 11.38 -13.63
H5 UDP G . -13.73 12.22 -11.10
H6 UDP G . -13.76 9.82 -10.50
H1' UDP G . -11.44 7.30 -11.95
H2' UDP G . -12.94 8.07 -9.40
HO2' UDP G . -11.12 7.38 -8.46
H3' UDP G . -13.49 5.76 -9.26
H4' UDP G . -13.93 5.49 -12.04
HO3' UDP G . -11.29 5.08 -9.87
H5'1 UDP G . -15.38 7.24 -10.03
H5'2 UDP G . -15.94 7.11 -11.67
N1 UDP H . -14.24 -9.99 -7.23
C2 UDP H . -13.64 -11.20 -6.94
N3 UDP H . -13.68 -12.13 -7.95
C4 UDP H . -14.19 -11.96 -9.21
C5 UDP H . -14.73 -10.67 -9.48
C6 UDP H . -14.75 -9.75 -8.50
O2 UDP H . -13.08 -11.42 -5.88
O4 UDP H . -14.20 -12.92 -10.01
C1' UDP H . -14.46 -9.02 -6.13
C2' UDP H . -13.99 -7.60 -6.39
O2' UDP H . -12.59 -7.46 -6.16
C3' UDP H . -14.83 -6.84 -5.36
C4' UDP H . -16.16 -7.61 -5.39
O4' UDP H . -15.84 -8.93 -5.88
O3' UDP H . -14.27 -6.90 -4.06
C5' UDP H . -17.23 -6.99 -6.26
O5' UDP H . -17.88 -5.93 -5.55
PA UDP H . -19.29 -5.30 -6.01
O1A UDP H . -19.52 -3.95 -5.43
O2A UDP H . -19.29 -5.22 -7.57
O3A UDP H . -20.44 -6.32 -5.59
PB UDP H . -21.87 -6.19 -4.89
O1B UDP H . -21.80 -5.32 -3.63
O2B UDP H . -22.84 -5.64 -5.98
O3B UDP H . -22.34 -7.65 -4.60
HN3 UDP H . -13.31 -13.05 -7.72
H5 UDP H . -15.10 -10.46 -10.48
H6 UDP H . -15.18 -8.76 -8.68
H1' UDP H . -14.02 -9.37 -5.19
H2' UDP H . -14.23 -7.23 -7.39
HO2' UDP H . -12.30 -6.64 -6.64
H3' UDP H . -14.95 -5.79 -5.64
H4' UDP H . -16.55 -7.78 -4.39
HO3' UDP H . -13.32 -6.60 -4.13
H5'1 UDP H . -16.79 -6.60 -7.18
H5'2 UDP H . -18.00 -7.70 -6.55
N1 UDP I . -17.41 3.99 6.87
C2 UDP I . -16.80 4.55 7.98
N3 UDP I . -17.30 4.12 9.20
C4 UDP I . -18.27 3.16 9.41
C5 UDP I . -18.86 2.64 8.20
C6 UDP I . -18.44 3.08 7.01
O2 UDP I . -15.86 5.33 7.92
O4 UDP I . -18.46 2.73 10.55
C1' UDP I . -16.94 4.39 5.54
C2' UDP I . -16.37 3.27 4.65
O2' UDP I . -15.01 2.94 4.88
C3' UDP I . -16.61 3.90 3.28
C4' UDP I . -18.02 4.44 3.46
O4' UDP I . -18.04 4.92 4.83
O3' UDP I . -15.73 4.99 2.99
C5' UDP I . -19.14 3.46 3.25
O5' UDP I . -19.88 3.85 2.08
PA UDP I . -20.23 2.94 0.78
O1A UDP I . -19.05 2.59 -0.06
O2A UDP I . -20.90 1.65 1.27
O3A UDP I . -21.29 3.78 -0.07
PB UDP I . -22.37 4.90 0.27
O1B UDP I . -21.77 6.14 0.82
O2B UDP I . -23.08 5.18 -1.06
O3B UDP I . -23.40 4.29 1.26
HN3 UDP I . -16.94 4.59 10.02
H5 UDP I . -19.64 1.89 8.30
H6 UDP I . -18.89 2.72 6.09
H1' UDP I . -16.21 5.20 5.58
H2' UDP I . -16.96 2.36 4.72
HO2' UDP I . -14.92 1.96 4.73
H3' UDP I . -16.55 3.18 2.47
H4' UDP I . -18.20 5.33 2.85
HO3' UDP I . -14.83 4.60 2.78
H5'1 UDP I . -18.75 2.45 3.13
H5'2 UDP I . -19.86 3.43 4.07
N1 UDP J . 16.83 8.78 -1.63
C2 UDP J . 16.29 10.01 -1.99
N3 UDP J . 16.89 10.62 -3.07
C4 UDP J . 17.91 10.12 -3.84
C5 UDP J . 18.36 8.82 -3.45
C6 UDP J . 17.85 8.21 -2.38
O2 UDP J . 15.31 10.50 -1.44
O4 UDP J . 18.35 10.80 -4.77
C1' UDP J . 16.43 8.20 -0.34
C2' UDP J . 16.02 6.73 -0.36
O2' UDP J . 14.68 6.56 -0.82
C3' UDP J . 16.21 6.37 1.11
C4' UDP J . 17.45 7.17 1.50
O4' UDP J . 17.52 8.27 0.56
O3' UDP J . 15.11 6.77 1.91
C5' UDP J . 18.74 6.41 1.48
O5' UDP J . 18.84 5.69 2.74
PA UDP J . 19.54 4.26 3.01
O1A UDP J . 20.98 4.50 2.56
O2A UDP J . 18.94 3.16 2.20
O3A UDP J . 19.58 3.85 4.55
PB UDP J . 18.96 2.66 5.41
O1B UDP J . 19.80 1.42 5.04
O2B UDP J . 17.45 2.47 5.11
O3B UDP J . 19.26 2.99 6.90
HN3 UDP J . 16.59 11.56 -3.25
H5 UDP J . 19.15 8.34 -4.06
H6 UDP J . 18.25 7.27 -2.02
H1' UDP J . 15.63 8.76 0.15
H2' UDP J . 16.68 6.11 -0.97
HO2' UDP J . 14.58 5.62 -1.11
H3' UDP J . 16.38 5.30 1.25
H4' UDP J . 17.33 7.68 2.46
HO3' UDP J . 14.28 6.40 1.48
H5'1 UDP J . 18.77 5.73 0.63
H5'2 UDP J . 19.62 7.05 1.40
N1 UDP K . 12.19 -0.28 15.35
C2 UDP K . 11.19 -0.68 16.21
N3 UDP K . 11.11 0.03 17.39
C4 UDP K . 11.85 1.14 17.72
C5 UDP K . 12.82 1.53 16.77
C6 UDP K . 12.97 0.83 15.64
O2 UDP K . 10.35 -1.52 15.93
O4 UDP K . 11.59 1.73 18.79
C1' UDP K . 12.47 -1.12 14.15
C2' UDP K . 12.73 -0.36 12.85
O2' UDP K . 11.52 0.13 12.26
C3' UDP K . 13.46 -1.46 12.07
C4' UDP K . 14.38 -2.03 13.15
O4' UDP K . 13.63 -1.90 14.38
O3' UDP K . 12.61 -2.52 11.63
C5' UDP K . 15.72 -1.35 13.28
O5' UDP K . 16.78 -2.30 13.01
PA UDP K . 18.42 -2.19 13.27
O1A UDP K . 18.74 -1.29 14.49
O2A UDP K . 19.06 -1.59 12.07
O3A UDP K . 19.06 -3.62 13.57
PB UDP K . 20.20 -4.54 12.94
O1B UDP K . 21.57 -3.92 13.30
O2B UDP K . 19.99 -4.67 11.44
O3B UDP K . 20.15 -5.92 13.66
HN3 UDP K . 10.46 -0.33 18.08
H5 UDP K . 13.43 2.42 16.97
H6 UDP K . 13.75 1.09 14.93
H1' UDP K . 11.67 -1.83 13.96
H2' UDP K . 13.43 0.46 12.94
HO2' UDP K . 11.57 1.12 12.32
H3' UDP K . 14.02 -1.09 11.22
H4' UDP K . 14.51 -3.11 13.04
HO3' UDP K . 11.81 -2.11 11.21
H5'1 UDP K . 15.79 -0.50 12.60
H5'2 UDP K . 15.90 -0.96 14.28
N1 UDP L . 15.28 -11.31 -1.02
C2 UDP L . 14.83 -12.06 -2.10
N3 UDP L . 14.88 -13.42 -1.92
C4 UDP L . 15.34 -14.09 -0.80
C5 UDP L . 15.76 -13.24 0.27
C6 UDP L . 15.73 -11.91 0.13
O2 UDP L . 14.47 -11.57 -3.16
O4 UDP L . 15.43 -15.33 -0.82
C1' UDP L . 15.37 -9.84 -1.20
C2' UDP L . 14.75 -8.99 -0.10
O2' UDP L . 13.35 -8.86 -0.27
C3' UDP L . 15.50 -7.67 -0.32
C4' UDP L . 16.90 -8.14 -0.72
O4' UDP L . 16.74 -9.49 -1.23
O3' UDP L . 14.91 -6.89 -1.37
C5' UDP L . 17.90 -8.16 0.40
O5' UDP L . 18.46 -6.83 0.59
PA UDP L . 19.85 -6.57 1.35
O1A UDP L . 19.88 -7.50 2.58
O2A UDP L . 19.99 -5.15 1.78
O3A UDP L . 21.05 -6.99 0.38
PB UDP L . 22.45 -6.36 -0.11
O1B UDP L . 23.46 -6.54 1.05
O2B UDP L . 22.27 -4.91 -0.49
O3B UDP L . 22.98 -7.20 -1.27
HN3 UDP L . 14.54 -13.98 -2.69
H5 UDP L . 16.12 -13.71 1.19
H6 UDP L . 16.09 -11.25 0.92
H1' UDP L . 14.96 -9.51 -2.14
H2' UDP L . 14.97 -9.34 0.91
HO2' UDP L . 12.97 -8.58 0.60
H3' UDP L . 15.53 -7.06 0.57
H4' UDP L . 17.29 -7.57 -1.56
HO3' UDP L . 13.95 -6.81 -1.17
H5'1 UDP L . 17.45 -8.51 1.32
H5'2 UDP L . 18.75 -8.82 0.20
#